data_3T5E
# 
_entry.id   3T5E 
# 
_audit_conform.dict_name       mmcif_pdbx.dic 
_audit_conform.dict_version    5.379 
_audit_conform.dict_location   http://mmcif.pdb.org/dictionaries/ascii/mmcif_pdbx.dic 
# 
loop_
_database_2.database_id 
_database_2.database_code 
_database_2.pdbx_database_accession 
_database_2.pdbx_DOI 
PDB   3T5E         pdb_00003t5e 10.2210/pdb3t5e/pdb 
NDB   NA1249       ?            ?                   
RCSB  RCSB067058   ?            ?                   
WWPDB D_1000067058 ?            ?                   
# 
loop_
_pdbx_database_related.db_name 
_pdbx_database_related.db_id 
_pdbx_database_related.details 
_pdbx_database_related.content_type 
PDB 3SC8 'Same G-quadruplex bound by a related naphthalene diimide compound BMSG-SH1' unspecified 
PDB 1KF1 'Equivalent native G-quadruplex'                                             unspecified 
# 
_pdbx_database_status.status_code                     REL 
_pdbx_database_status.entry_id                        3T5E 
_pdbx_database_status.recvd_initial_deposition_date   2011-07-27 
_pdbx_database_status.deposit_site                    RCSB 
_pdbx_database_status.process_site                    RCSB 
_pdbx_database_status.status_code_sf                  REL 
_pdbx_database_status.status_code_mr                  ? 
_pdbx_database_status.SG_entry                        ? 
_pdbx_database_status.status_code_cs                  ? 
_pdbx_database_status.methods_development_category    ? 
_pdbx_database_status.pdb_format_compatible           Y 
_pdbx_database_status.status_code_nmr_data            ? 
# 
loop_
_audit_author.name 
_audit_author.pdbx_ordinal 
'Collie, G.W.'    1 
'Promontorio, R.' 2 
'Parkinson, G.N.' 3 
# 
_citation.id                        primary 
_citation.title                     'Structural basis for telomeric g-quadruplex targeting by naphthalene diimide ligands.' 
_citation.journal_abbrev            J.Am.Chem.Soc. 
_citation.journal_volume            134 
_citation.page_first                2723 
_citation.page_last                 2731 
_citation.year                      2012 
_citation.journal_id_ASTM           JACSAT 
_citation.country                   US 
_citation.journal_id_ISSN           0002-7863 
_citation.journal_id_CSD            0004 
_citation.book_publisher            ? 
_citation.pdbx_database_id_PubMed   22280460 
_citation.pdbx_database_id_DOI      10.1021/ja2102423 
# 
loop_
_citation_author.citation_id 
_citation_author.name 
_citation_author.ordinal 
_citation_author.identifier_ORCID 
primary 'Collie, G.W.'    1 ? 
primary 'Promontorio, R.' 2 ? 
primary 'Hampel, S.M.'    3 ? 
primary 'Micco, M.'       4 ? 
primary 'Neidle, S.'      5 ? 
primary 'Parkinson, G.N.' 6 ? 
# 
_cell.entry_id           3T5E 
_cell.length_a           63.034 
_cell.length_b           63.034 
_cell.length_c           42.389 
_cell.angle_alpha        90.00 
_cell.angle_beta         90.00 
_cell.angle_gamma        120.00 
_cell.Z_PDB              6 
_cell.pdbx_unique_axis   ? 
_cell.length_a_esd       ? 
_cell.length_b_esd       ? 
_cell.length_c_esd       ? 
_cell.angle_alpha_esd    ? 
_cell.angle_beta_esd     ? 
_cell.angle_gamma_esd    ? 
# 
_symmetry.entry_id                         3T5E 
_symmetry.space_group_name_H-M             'P 6' 
_symmetry.pdbx_full_space_group_name_H-M   ? 
_symmetry.cell_setting                     ? 
_symmetry.Int_Tables_number                168 
_symmetry.space_group_name_Hall            ? 
# 
loop_
_entity.id 
_entity.type 
_entity.src_method 
_entity.pdbx_description 
_entity.formula_weight 
_entity.pdbx_number_of_molecules 
_entity.pdbx_ec 
_entity.pdbx_mutation 
_entity.pdbx_fragment 
_entity.details 
1 polymer     syn 'human telomeric DNA sequence' 6983.497 1  ? ? ? ? 
2 non-polymer syn 
;2,7-bis[4-(4-methylpiperazin-1-yl)butyl]-4,9-bis{[4-(4-methylpiperazin-1-yl)butyl]amino}benzo[lmn][3,8]phenanthroline-1 ,3,6,8(2H,7H)-tetrone
;
913.248  1  ? ? ? ? 
3 non-polymer syn 'POTASSIUM ION' 39.098   3  ? ? ? ? 
4 water       nat water 18.015   38 ? ? ? ? 
# 
_entity_poly.entity_id                      1 
_entity_poly.type                           polydeoxyribonucleotide 
_entity_poly.nstd_linkage                   no 
_entity_poly.nstd_monomer                   no 
_entity_poly.pdbx_seq_one_letter_code       
;(DA)(DG)(DG)(DG)(DT)(DT)(DA)(DG)(DG)(DG)(DT)(DT)(DA)(DG)(DG)(DG)(DT)(DT)(DA)(DG)
(DG)(DG)
;
_entity_poly.pdbx_seq_one_letter_code_can   AGGGTTAGGGTTAGGGTTAGGG 
_entity_poly.pdbx_strand_id                 A 
_entity_poly.pdbx_target_identifier         ? 
# 
loop_
_entity_poly_seq.entity_id 
_entity_poly_seq.num 
_entity_poly_seq.mon_id 
_entity_poly_seq.hetero 
1 1  DA n 
1 2  DG n 
1 3  DG n 
1 4  DG n 
1 5  DT n 
1 6  DT n 
1 7  DA n 
1 8  DG n 
1 9  DG n 
1 10 DG n 
1 11 DT n 
1 12 DT n 
1 13 DA n 
1 14 DG n 
1 15 DG n 
1 16 DG n 
1 17 DT n 
1 18 DT n 
1 19 DA n 
1 20 DG n 
1 21 DG n 
1 22 DG n 
# 
_pdbx_entity_src_syn.entity_id              1 
_pdbx_entity_src_syn.pdbx_src_id            1 
_pdbx_entity_src_syn.pdbx_alt_source_flag   sample 
_pdbx_entity_src_syn.pdbx_beg_seq_num       ? 
_pdbx_entity_src_syn.pdbx_end_seq_num       ? 
_pdbx_entity_src_syn.organism_scientific    ? 
_pdbx_entity_src_syn.organism_common_name   ? 
_pdbx_entity_src_syn.ncbi_taxonomy_id       ? 
_pdbx_entity_src_syn.details                'DNA sequence synthesised by standard phosphoramidite chemistry' 
# 
_struct_ref.id                         1 
_struct_ref.db_name                    PDB 
_struct_ref.db_code                    3T5E 
_struct_ref.pdbx_db_accession          3T5E 
_struct_ref.entity_id                  1 
_struct_ref.pdbx_align_begin           1 
_struct_ref.pdbx_seq_one_letter_code   AGGGTTAGGGTTAGGGTTAGGG 
_struct_ref.pdbx_db_isoform            ? 
# 
_struct_ref_seq.align_id                      1 
_struct_ref_seq.ref_id                        1 
_struct_ref_seq.pdbx_PDB_id_code              3T5E 
_struct_ref_seq.pdbx_strand_id                A 
_struct_ref_seq.seq_align_beg                 1 
_struct_ref_seq.pdbx_seq_align_beg_ins_code   ? 
_struct_ref_seq.seq_align_end                 22 
_struct_ref_seq.pdbx_seq_align_end_ins_code   ? 
_struct_ref_seq.pdbx_db_accession             3T5E 
_struct_ref_seq.db_align_beg                  1 
_struct_ref_seq.pdbx_db_align_beg_ins_code    ? 
_struct_ref_seq.db_align_end                  22 
_struct_ref_seq.pdbx_db_align_end_ins_code    ? 
_struct_ref_seq.pdbx_auth_seq_align_beg       1 
_struct_ref_seq.pdbx_auth_seq_align_end       22 
# 
loop_
_chem_comp.id 
_chem_comp.type 
_chem_comp.mon_nstd_flag 
_chem_comp.name 
_chem_comp.pdbx_synonyms 
_chem_comp.formula 
_chem_comp.formula_weight 
DA  'DNA linking' y "2'-DEOXYADENOSINE-5'-MONOPHOSPHATE" ?        'C10 H14 N5 O6 P' 331.222 
DG  'DNA linking' y "2'-DEOXYGUANOSINE-5'-MONOPHOSPHATE" ?        'C10 H14 N5 O7 P' 347.221 
DT  'DNA linking' y "THYMIDINE-5'-MONOPHOSPHATE" ?        'C10 H15 N2 O8 P' 322.208 
HOH non-polymer   . WATER ?        'H2 O'            18.015  
K   non-polymer   . 'POTASSIUM ION' ?        'K 1'             39.098  
T5E non-polymer   . 
;2,7-bis[4-(4-methylpiperazin-1-yl)butyl]-4,9-bis{[4-(4-methylpiperazin-1-yl)butyl]amino}benzo[lmn][3,8]phenanthroline-1 ,3,6,8(2H,7H)-tetrone
;
BMSG-SH2 'C50 H80 N12 O4'  913.248 
# 
_exptl.entry_id          3T5E 
_exptl.method            'X-RAY DIFFRACTION' 
_exptl.crystals_number   1 
# 
_exptl_crystal.id                    1 
_exptl_crystal.density_meas          ? 
_exptl_crystal.density_Matthews      3.48 
_exptl_crystal.density_percent_sol   64.67 
_exptl_crystal.description           ? 
_exptl_crystal.F_000                 ? 
_exptl_crystal.preparation           ? 
# 
_exptl_crystal_grow.crystal_id      1 
_exptl_crystal_grow.method          'VAPOR DIFFUSION, HANGING DROP' 
_exptl_crystal_grow.temp            283 
_exptl_crystal_grow.temp_details    ? 
_exptl_crystal_grow.pH              6.5 
_exptl_crystal_grow.pdbx_details    
'15% PEG400, 300 mM KBr, 50 mM sodium cacodylate, pH 6.5, VAPOR DIFFUSION, HANGING DROP, temperature 283K' 
_exptl_crystal_grow.pdbx_pH_range   ? 
# 
_diffrn.id                     1 
_diffrn.ambient_temp           100 
_diffrn.ambient_temp_details   ? 
_diffrn.crystal_id             1 
# 
_diffrn_detector.diffrn_id              1 
_diffrn_detector.detector               CCD 
_diffrn_detector.type                   'ADSC QUANTUM 315r' 
_diffrn_detector.pdbx_collection_date   2011-07-07 
_diffrn_detector.details                ? 
# 
_diffrn_radiation.diffrn_id                        1 
_diffrn_radiation.wavelength_id                    1 
_diffrn_radiation.pdbx_monochromatic_or_laue_m_l   M 
_diffrn_radiation.monochromator                    'Si III channel' 
_diffrn_radiation.pdbx_diffrn_protocol             'SINGLE WAVELENGTH' 
_diffrn_radiation.pdbx_scattering_type             x-ray 
# 
_diffrn_radiation_wavelength.id           1 
_diffrn_radiation_wavelength.wavelength   0.97949 
_diffrn_radiation_wavelength.wt           1.0 
# 
_diffrn_source.diffrn_id                   1 
_diffrn_source.source                      SYNCHROTRON 
_diffrn_source.type                        'DIAMOND BEAMLINE I02' 
_diffrn_source.pdbx_synchrotron_site       Diamond 
_diffrn_source.pdbx_synchrotron_beamline   I02 
_diffrn_source.pdbx_wavelength             ? 
_diffrn_source.pdbx_wavelength_list        0.97949 
# 
_reflns.entry_id                     3T5E 
_reflns.observed_criterion_sigma_I   2.0 
_reflns.observed_criterion_sigma_F   2.0 
_reflns.d_resolution_low             54.59 
_reflns.d_resolution_high            1.94 
_reflns.number_obs                   7197 
_reflns.number_all                   7197 
_reflns.percent_possible_obs         99.6 
_reflns.pdbx_Rmerge_I_obs            0.06 
_reflns.pdbx_Rsym_value              ? 
_reflns.pdbx_netI_over_sigmaI        15.2 
_reflns.B_iso_Wilson_estimate        42.15 
_reflns.pdbx_redundancy              8.9 
_reflns.R_free_details               ? 
_reflns.limit_h_max                  ? 
_reflns.limit_h_min                  ? 
_reflns.limit_k_max                  ? 
_reflns.limit_k_min                  ? 
_reflns.limit_l_max                  ? 
_reflns.limit_l_min                  ? 
_reflns.observed_criterion_F_max     ? 
_reflns.observed_criterion_F_min     ? 
_reflns.pdbx_chi_squared             ? 
_reflns.pdbx_scaling_rejects         ? 
_reflns.pdbx_ordinal                 1 
_reflns.pdbx_diffrn_id               1 
# 
_reflns_shell.d_res_high             1.94 
_reflns_shell.d_res_low              1.99 
_reflns_shell.percent_possible_all   100 
_reflns_shell.Rmerge_I_obs           0.66 
_reflns_shell.pdbx_Rsym_value        ? 
_reflns_shell.meanI_over_sigI_obs    2.0 
_reflns_shell.pdbx_redundancy        7.0 
_reflns_shell.percent_possible_obs   ? 
_reflns_shell.number_unique_all      531 
_reflns_shell.number_measured_all    ? 
_reflns_shell.number_measured_obs    ? 
_reflns_shell.number_unique_obs      ? 
_reflns_shell.pdbx_chi_squared       ? 
_reflns_shell.pdbx_ordinal           1 
_reflns_shell.pdbx_diffrn_id         1 
# 
_refine.entry_id                                 3T5E 
_refine.ls_number_reflns_obs                     5372 
_refine.ls_number_reflns_all                     5372 
_refine.pdbx_ls_sigma_I                          ? 
_refine.pdbx_ls_sigma_F                          . 
_refine.pdbx_data_cutoff_high_absF               ? 
_refine.pdbx_data_cutoff_low_absF                ? 
_refine.pdbx_data_cutoff_high_rms_absF           ? 
_refine.ls_d_res_low                             10.20 
_refine.ls_d_res_high                            2.10 
_refine.ls_percent_reflns_obs                    100.00 
_refine.ls_R_factor_obs                          0.24474 
_refine.ls_R_factor_all                          0.24474 
_refine.ls_R_factor_R_work                       0.24286 
_refine.ls_R_factor_R_free                       0.28158 
_refine.ls_R_factor_R_free_error                 ? 
_refine.ls_R_factor_R_free_error_details         ? 
_refine.ls_percent_reflns_R_free                 4.7 
_refine.ls_number_reflns_R_free                  262 
_refine.ls_number_parameters                     ? 
_refine.ls_number_restraints                     ? 
_refine.occupancy_min                            ? 
_refine.occupancy_max                            ? 
_refine.correlation_coeff_Fo_to_Fc               0.945 
_refine.correlation_coeff_Fo_to_Fc_free          0.935 
_refine.B_iso_mean                               40.688 
_refine.aniso_B[1][1]                            -0.12 
_refine.aniso_B[2][2]                            -0.12 
_refine.aniso_B[3][3]                            0.19 
_refine.aniso_B[1][2]                            -0.06 
_refine.aniso_B[1][3]                            0.00 
_refine.aniso_B[2][3]                            0.00 
_refine.solvent_model_details                    ? 
_refine.solvent_model_param_ksol                 ? 
_refine.solvent_model_param_bsol                 ? 
_refine.pdbx_solvent_vdw_probe_radii             ? 
_refine.pdbx_solvent_ion_probe_radii             ? 
_refine.pdbx_solvent_shrinkage_radii             ? 
_refine.pdbx_ls_cross_valid_method               THROUGHOUT 
_refine.details                                  'HYDROGENS HAVE BEEN ADED IN THE RIDING POSITIONS' 
_refine.pdbx_starting_model                      'PDB entry 1KF1' 
_refine.pdbx_method_to_determine_struct          'MOLECULAR REPLACEMENT' 
_refine.pdbx_isotropic_thermal_model             'Isotropic plus TLS' 
_refine.pdbx_stereochemistry_target_values       'MAXIMUM LIKELIHOOD' 
_refine.pdbx_stereochem_target_val_spec_case     ? 
_refine.pdbx_R_Free_selection_details            RANDOM 
_refine.pdbx_overall_ESU_R_Free                  0.196 
_refine.overall_SU_ML                            0.134 
_refine.pdbx_overall_phase_error                 ? 
_refine.overall_SU_B                             9.672 
_refine.overall_SU_R_Cruickshank_DPI             ? 
_refine.ls_redundancy_reflns_obs                 ? 
_refine.B_iso_min                                ? 
_refine.B_iso_max                                ? 
_refine.overall_SU_R_free                        ? 
_refine.ls_wR_factor_R_free                      ? 
_refine.ls_wR_factor_R_work                      ? 
_refine.overall_FOM_free_R_set                   ? 
_refine.overall_FOM_work_R_set                   ? 
_refine.pdbx_diffrn_id                           1 
_refine.pdbx_refine_id                           'X-RAY DIFFRACTION' 
_refine.pdbx_overall_ESU_R                       0.223 
_refine.pdbx_TLS_residual_ADP_flag               ? 
_refine.pdbx_overall_SU_R_free_Cruickshank_DPI   ? 
_refine.pdbx_overall_SU_R_Blow_DPI               ? 
_refine.pdbx_overall_SU_R_free_Blow_DPI          ? 
# 
_refine_hist.pdbx_refine_id                   'X-RAY DIFFRACTION' 
_refine_hist.cycle_id                         LAST 
_refine_hist.pdbx_number_atoms_protein        0 
_refine_hist.pdbx_number_atoms_nucleic_acid   465 
_refine_hist.pdbx_number_atoms_ligand         69 
_refine_hist.number_atoms_solvent             38 
_refine_hist.number_atoms_total               572 
_refine_hist.d_res_high                       2.10 
_refine_hist.d_res_low                        10.20 
# 
loop_
_refine_ls_restr.type 
_refine_ls_restr.dev_ideal 
_refine_ls_restr.dev_ideal_target 
_refine_ls_restr.weight 
_refine_ls_restr.number 
_refine_ls_restr.pdbx_restraint_function 
_refine_ls_restr.pdbx_refine_id 
r_bond_refined_d     0.008 0.021 ? 597 ? 'X-RAY DIFFRACTION' 
r_angle_refined_deg  1.622 2.999 ? 914 ? 'X-RAY DIFFRACTION' 
r_chiral_restr       0.055 0.200 ? 87  ? 'X-RAY DIFFRACTION' 
r_gen_planes_refined 0.006 0.020 ? 272 ? 'X-RAY DIFFRACTION' 
r_scbond_it          1.465 3.000 ? 597 ? 'X-RAY DIFFRACTION' 
r_scangle_it         2.359 4.500 ? 914 ? 'X-RAY DIFFRACTION' 
# 
_refine_ls_shell.pdbx_total_number_of_bins_used   20 
_refine_ls_shell.d_res_high                       2.100 
_refine_ls_shell.d_res_low                        2.152 
_refine_ls_shell.number_reflns_R_work             373 
_refine_ls_shell.R_factor_R_work                  0.385 
_refine_ls_shell.percent_reflns_obs               100.00 
_refine_ls_shell.R_factor_R_free                  0.448 
_refine_ls_shell.R_factor_R_free_error            ? 
_refine_ls_shell.percent_reflns_R_free            ? 
_refine_ls_shell.number_reflns_R_free             15 
_refine_ls_shell.number_reflns_all                ? 
_refine_ls_shell.R_factor_all                     ? 
_refine_ls_shell.number_reflns_obs                ? 
_refine_ls_shell.redundancy_reflns_obs            ? 
_refine_ls_shell.pdbx_refine_id                   'X-RAY DIFFRACTION' 
# 
_struct.entry_id                  3T5E 
_struct.title                     
'Crystal structure of an intramolecular human telomeric DNA G-quadruplex bound by the naphthalene diimide BMSG-SH-4' 
_struct.pdbx_model_details        ? 
_struct.pdbx_CASP_flag            ? 
_struct.pdbx_model_type_details   ? 
# 
_struct_keywords.entry_id        3T5E 
_struct_keywords.pdbx_keywords   DNA 
_struct_keywords.text            'G-quadruplex, intramolecular, ligand-complex, telomeric, DNA' 
# 
loop_
_struct_asym.id 
_struct_asym.pdbx_blank_PDB_chainid_flag 
_struct_asym.pdbx_modified 
_struct_asym.entity_id 
_struct_asym.details 
A N N 1 ? 
B N N 2 ? 
C N N 3 ? 
D N N 3 ? 
E N N 3 ? 
F N N 4 ? 
# 
_struct_biol.id        1 
_struct_biol.details   ? 
# 
loop_
_struct_conn.id 
_struct_conn.conn_type_id 
_struct_conn.pdbx_leaving_atom_flag 
_struct_conn.pdbx_PDB_id 
_struct_conn.ptnr1_label_asym_id 
_struct_conn.ptnr1_label_comp_id 
_struct_conn.ptnr1_label_seq_id 
_struct_conn.ptnr1_label_atom_id 
_struct_conn.pdbx_ptnr1_label_alt_id 
_struct_conn.pdbx_ptnr1_PDB_ins_code 
_struct_conn.pdbx_ptnr1_standard_comp_id 
_struct_conn.ptnr1_symmetry 
_struct_conn.ptnr2_label_asym_id 
_struct_conn.ptnr2_label_comp_id 
_struct_conn.ptnr2_label_seq_id 
_struct_conn.ptnr2_label_atom_id 
_struct_conn.pdbx_ptnr2_label_alt_id 
_struct_conn.pdbx_ptnr2_PDB_ins_code 
_struct_conn.ptnr1_auth_asym_id 
_struct_conn.ptnr1_auth_comp_id 
_struct_conn.ptnr1_auth_seq_id 
_struct_conn.ptnr2_auth_asym_id 
_struct_conn.ptnr2_auth_comp_id 
_struct_conn.ptnr2_auth_seq_id 
_struct_conn.ptnr2_symmetry 
_struct_conn.pdbx_ptnr3_label_atom_id 
_struct_conn.pdbx_ptnr3_label_seq_id 
_struct_conn.pdbx_ptnr3_label_comp_id 
_struct_conn.pdbx_ptnr3_label_asym_id 
_struct_conn.pdbx_ptnr3_label_alt_id 
_struct_conn.pdbx_ptnr3_PDB_ins_code 
_struct_conn.details 
_struct_conn.pdbx_dist_value 
_struct_conn.pdbx_value_order 
_struct_conn.pdbx_role 
metalc1  metalc ? ? A DG 2  O6 ? ? ? 1_555 D K  .  K  ? ? A DG 2  A K  25 1_555 ? ? ? ? ? ? ?           2.642 ? ? 
metalc2  metalc ? ? A DG 2  O6 ? ? ? 1_555 E K  .  K  ? ? A DG 2  A K  26 1_555 ? ? ? ? ? ? ?           2.876 ? ? 
metalc3  metalc ? ? A DG 3  O6 ? ? ? 1_555 C K  .  K  ? ? A DG 3  A K  24 1_555 ? ? ? ? ? ? ?           2.971 ? ? 
metalc4  metalc ? ? A DG 3  O6 ? ? ? 1_555 D K  .  K  ? ? A DG 3  A K  25 1_555 ? ? ? ? ? ? ?           2.698 ? ? 
metalc5  metalc ? ? A DG 4  O6 ? ? ? 1_555 C K  .  K  ? ? A DG 4  A K  24 1_555 ? ? ? ? ? ? ?           2.683 ? ? 
metalc6  metalc ? ? A DG 8  O6 ? ? ? 1_555 D K  .  K  ? ? A DG 8  A K  25 1_555 ? ? ? ? ? ? ?           2.772 ? ? 
metalc7  metalc ? ? A DG 8  O6 ? ? ? 1_555 E K  .  K  ? ? A DG 8  A K  26 1_555 ? ? ? ? ? ? ?           2.772 ? ? 
metalc8  metalc ? ? A DG 9  O6 ? ? ? 1_555 C K  .  K  ? ? A DG 9  A K  24 1_555 ? ? ? ? ? ? ?           2.917 ? ? 
metalc9  metalc ? ? A DG 9  O6 ? ? ? 1_555 D K  .  K  ? ? A DG 9  A K  25 1_555 ? ? ? ? ? ? ?           2.574 ? ? 
metalc10 metalc ? ? A DG 10 O6 ? ? ? 1_555 C K  .  K  ? ? A DG 10 A K  24 1_555 ? ? ? ? ? ? ?           2.590 ? ? 
metalc11 metalc ? ? A DG 14 O6 ? ? ? 1_555 D K  .  K  ? ? A DG 14 A K  25 1_555 ? ? ? ? ? ? ?           2.802 ? ? 
metalc12 metalc ? ? A DG 14 O6 ? ? ? 1_555 E K  .  K  ? ? A DG 14 A K  26 1_555 ? ? ? ? ? ? ?           2.755 ? ? 
metalc13 metalc ? ? A DG 15 O6 ? ? ? 1_555 C K  .  K  ? ? A DG 15 A K  24 1_555 ? ? ? ? ? ? ?           3.051 ? ? 
metalc14 metalc ? ? A DG 15 O6 ? ? ? 1_555 D K  .  K  ? ? A DG 15 A K  25 1_555 ? ? ? ? ? ? ?           2.737 ? ? 
metalc15 metalc ? ? A DG 16 O6 ? ? ? 1_555 C K  .  K  ? ? A DG 16 A K  24 1_555 ? ? ? ? ? ? ?           2.626 ? ? 
metalc16 metalc ? ? A DG 20 O6 ? ? ? 1_555 D K  .  K  ? ? A DG 20 A K  25 1_555 ? ? ? ? ? ? ?           2.787 ? ? 
metalc17 metalc ? ? A DG 20 O6 ? ? ? 1_555 E K  .  K  ? ? A DG 20 A K  26 1_555 ? ? ? ? ? ? ?           2.876 ? ? 
metalc18 metalc ? ? A DG 21 O6 ? ? ? 1_555 C K  .  K  ? ? A DG 21 A K  24 1_555 ? ? ? ? ? ? ?           2.964 ? ? 
metalc19 metalc ? ? A DG 21 O6 ? ? ? 1_555 D K  .  K  ? ? A DG 21 A K  25 1_555 ? ? ? ? ? ? ?           2.770 ? ? 
metalc20 metalc ? ? A DG 22 O6 ? ? ? 1_555 C K  .  K  ? ? A DG 22 A K  24 1_555 ? ? ? ? ? ? ?           2.714 ? ? 
hydrog1  hydrog ? ? A DG 2  N1 ? ? ? 1_555 A DG 8  O6 ? ? A DG 2  A DG 8  1_555 ? ? ? ? ? ? TYPE_6_PAIR ?     ? ? 
hydrog2  hydrog ? ? A DG 2  N2 ? ? ? 1_555 A DG 8  N7 ? ? A DG 2  A DG 8  1_555 ? ? ? ? ? ? TYPE_6_PAIR ?     ? ? 
hydrog3  hydrog ? ? A DG 2  N7 ? ? ? 1_555 A DG 20 N2 ? ? A DG 2  A DG 20 1_555 ? ? ? ? ? ? TYPE_6_PAIR ?     ? ? 
hydrog4  hydrog ? ? A DG 2  O6 ? ? ? 1_555 A DG 20 N1 ? ? A DG 2  A DG 20 1_555 ? ? ? ? ? ? TYPE_6_PAIR ?     ? ? 
hydrog5  hydrog ? ? A DG 3  N1 ? ? ? 1_555 A DG 9  O6 ? ? A DG 3  A DG 9  1_555 ? ? ? ? ? ? TYPE_6_PAIR ?     ? ? 
hydrog6  hydrog ? ? A DG 3  N2 ? ? ? 1_555 A DG 9  N7 ? ? A DG 3  A DG 9  1_555 ? ? ? ? ? ? TYPE_6_PAIR ?     ? ? 
hydrog7  hydrog ? ? A DG 3  N7 ? ? ? 1_555 A DG 21 N2 ? ? A DG 3  A DG 21 1_555 ? ? ? ? ? ? TYPE_6_PAIR ?     ? ? 
hydrog8  hydrog ? ? A DG 3  O6 ? ? ? 1_555 A DG 21 N1 ? ? A DG 3  A DG 21 1_555 ? ? ? ? ? ? TYPE_6_PAIR ?     ? ? 
hydrog9  hydrog ? ? A DG 4  N1 ? ? ? 1_555 A DG 10 O6 ? ? A DG 4  A DG 10 1_555 ? ? ? ? ? ? TYPE_6_PAIR ?     ? ? 
hydrog10 hydrog ? ? A DG 4  N2 ? ? ? 1_555 A DG 10 N7 ? ? A DG 4  A DG 10 1_555 ? ? ? ? ? ? TYPE_6_PAIR ?     ? ? 
hydrog11 hydrog ? ? A DG 4  N7 ? ? ? 1_555 A DG 22 N2 ? ? A DG 4  A DG 22 1_555 ? ? ? ? ? ? TYPE_6_PAIR ?     ? ? 
hydrog12 hydrog ? ? A DG 4  O6 ? ? ? 1_555 A DG 22 N1 ? ? A DG 4  A DG 22 1_555 ? ? ? ? ? ? TYPE_6_PAIR ?     ? ? 
hydrog13 hydrog ? ? A DG 8  N1 ? ? ? 1_555 A DG 14 O6 ? ? A DG 8  A DG 14 1_555 ? ? ? ? ? ? TYPE_6_PAIR ?     ? ? 
hydrog14 hydrog ? ? A DG 8  N2 ? ? ? 1_555 A DG 14 N7 ? ? A DG 8  A DG 14 1_555 ? ? ? ? ? ? TYPE_6_PAIR ?     ? ? 
hydrog15 hydrog ? ? A DG 9  N1 ? ? ? 1_555 A DG 15 O6 ? ? A DG 9  A DG 15 1_555 ? ? ? ? ? ? TYPE_6_PAIR ?     ? ? 
hydrog16 hydrog ? ? A DG 9  N2 ? ? ? 1_555 A DG 15 N7 ? ? A DG 9  A DG 15 1_555 ? ? ? ? ? ? TYPE_6_PAIR ?     ? ? 
hydrog17 hydrog ? ? A DG 10 N1 ? ? ? 1_555 A DG 16 O6 ? ? A DG 10 A DG 16 1_555 ? ? ? ? ? ? TYPE_6_PAIR ?     ? ? 
hydrog18 hydrog ? ? A DG 10 N2 ? ? ? 1_555 A DG 16 N7 ? ? A DG 10 A DG 16 1_555 ? ? ? ? ? ? TYPE_6_PAIR ?     ? ? 
hydrog19 hydrog ? ? A DG 14 N1 ? ? ? 1_555 A DG 20 O6 ? ? A DG 14 A DG 20 1_555 ? ? ? ? ? ? TYPE_6_PAIR ?     ? ? 
hydrog20 hydrog ? ? A DG 14 N2 ? ? ? 1_555 A DG 20 N7 ? ? A DG 14 A DG 20 1_555 ? ? ? ? ? ? TYPE_6_PAIR ?     ? ? 
hydrog21 hydrog ? ? A DG 15 N1 ? ? ? 1_555 A DG 21 O6 ? ? A DG 15 A DG 21 1_555 ? ? ? ? ? ? TYPE_6_PAIR ?     ? ? 
hydrog22 hydrog ? ? A DG 15 N2 ? ? ? 1_555 A DG 21 N7 ? ? A DG 15 A DG 21 1_555 ? ? ? ? ? ? TYPE_6_PAIR ?     ? ? 
hydrog23 hydrog ? ? A DG 16 N1 ? ? ? 1_555 A DG 22 O6 ? ? A DG 16 A DG 22 1_555 ? ? ? ? ? ? TYPE_6_PAIR ?     ? ? 
hydrog24 hydrog ? ? A DG 16 N2 ? ? ? 1_555 A DG 22 N7 ? ? A DG 16 A DG 22 1_555 ? ? ? ? ? ? TYPE_6_PAIR ?     ? ? 
# 
loop_
_struct_conn_type.id 
_struct_conn_type.criteria 
_struct_conn_type.reference 
metalc ? ? 
hydrog ? ? 
# 
loop_
_struct_site.id 
_struct_site.pdbx_evidence_code 
_struct_site.pdbx_auth_asym_id 
_struct_site.pdbx_auth_comp_id 
_struct_site.pdbx_auth_seq_id 
_struct_site.pdbx_auth_ins_code 
_struct_site.pdbx_num_residues 
_struct_site.details 
AC1 Software A T5E 23 ? 12 'BINDING SITE FOR RESIDUE T5E A 23' 
AC2 Software A K   24 ? 9  'BINDING SITE FOR RESIDUE K A 24'   
AC3 Software A K   25 ? 11 'BINDING SITE FOR RESIDUE K A 25'   
AC4 Software A K   26 ? 10 'BINDING SITE FOR RESIDUE K A 26'   
# 
loop_
_struct_site_gen.id 
_struct_site_gen.site_id 
_struct_site_gen.pdbx_num_res 
_struct_site_gen.label_comp_id 
_struct_site_gen.label_asym_id 
_struct_site_gen.label_seq_id 
_struct_site_gen.pdbx_auth_ins_code 
_struct_site_gen.auth_comp_id 
_struct_site_gen.auth_asym_id 
_struct_site_gen.auth_seq_id 
_struct_site_gen.label_atom_id 
_struct_site_gen.label_alt_id 
_struct_site_gen.symmetry 
_struct_site_gen.details 
1  AC1 12 DA A 1  ? DA A 1  . ? 2_565 ? 
2  AC1 12 DG A 4  ? DG A 4  . ? 1_555 ? 
3  AC1 12 DG A 8  ? DG A 8  . ? 1_555 ? 
4  AC1 12 DG A 9  ? DG A 9  . ? 1_555 ? 
5  AC1 12 DG A 10 ? DG A 10 . ? 1_555 ? 
6  AC1 12 DT A 11 ? DT A 11 . ? 1_555 ? 
7  AC1 12 DT A 12 ? DT A 12 . ? 5_555 ? 
8  AC1 12 DA A 13 ? DA A 13 . ? 1_555 ? 
9  AC1 12 DG A 16 ? DG A 16 . ? 1_555 ? 
10 AC1 12 DT A 17 ? DT A 17 . ? 1_555 ? 
11 AC1 12 DG A 21 ? DG A 21 . ? 1_555 ? 
12 AC1 12 DG A 22 ? DG A 22 . ? 1_555 ? 
13 AC2 9  DG A 3  ? DG A 3  . ? 1_555 ? 
14 AC2 9  DG A 4  ? DG A 4  . ? 1_555 ? 
15 AC2 9  DG A 9  ? DG A 9  . ? 1_555 ? 
16 AC2 9  DG A 10 ? DG A 10 . ? 1_555 ? 
17 AC2 9  DG A 15 ? DG A 15 . ? 1_555 ? 
18 AC2 9  DG A 16 ? DG A 16 . ? 1_555 ? 
19 AC2 9  DG A 21 ? DG A 21 . ? 1_555 ? 
20 AC2 9  DG A 22 ? DG A 22 . ? 1_555 ? 
21 AC2 9  K  D .  ? K  A 25 . ? 1_555 ? 
22 AC3 11 DG A 2  ? DG A 2  . ? 1_555 ? 
23 AC3 11 DG A 3  ? DG A 3  . ? 1_555 ? 
24 AC3 11 DG A 8  ? DG A 8  . ? 1_555 ? 
25 AC3 11 DG A 9  ? DG A 9  . ? 1_555 ? 
26 AC3 11 DG A 14 ? DG A 14 . ? 1_555 ? 
27 AC3 11 DG A 15 ? DG A 15 . ? 1_555 ? 
28 AC3 11 DG A 20 ? DG A 20 . ? 1_555 ? 
29 AC3 11 DG A 21 ? DG A 21 . ? 1_555 ? 
30 AC3 11 K  C .  ? K  A 24 . ? 1_555 ? 
31 AC3 11 K  E .  ? K  A 26 . ? 4_455 ? 
32 AC3 11 K  E .  ? K  A 26 . ? 1_555 ? 
33 AC4 10 DG A 2  ? DG A 2  . ? 4_455 ? 
34 AC4 10 DG A 2  ? DG A 2  . ? 1_555 ? 
35 AC4 10 DG A 8  ? DG A 8  . ? 4_455 ? 
36 AC4 10 DG A 8  ? DG A 8  . ? 1_555 ? 
37 AC4 10 DG A 14 ? DG A 14 . ? 4_455 ? 
38 AC4 10 DG A 14 ? DG A 14 . ? 1_555 ? 
39 AC4 10 DG A 20 ? DG A 20 . ? 1_555 ? 
40 AC4 10 DG A 20 ? DG A 20 . ? 4_455 ? 
41 AC4 10 K  D .  ? K  A 25 . ? 1_555 ? 
42 AC4 10 K  D .  ? K  A 25 . ? 4_455 ? 
# 
_atom_sites.entry_id                    3T5E 
_atom_sites.fract_transf_matrix[1][1]   0.00915279 
_atom_sites.fract_transf_matrix[1][2]   0.01503356 
_atom_sites.fract_transf_matrix[1][3]   -0.00507665 
_atom_sites.fract_transf_matrix[2][1]   0.01526809 
_atom_sites.fract_transf_matrix[2][2]   -0.00151482 
_atom_sites.fract_transf_matrix[2][3]   -0.01000882 
_atom_sites.fract_transf_matrix[3][1]   -0.01283879 
_atom_sites.fract_transf_matrix[3][2]   0.00114441 
_atom_sites.fract_transf_matrix[3][3]   -0.01975832 
_atom_sites.fract_transf_vector[1]      -0.389597 
_atom_sites.fract_transf_vector[2]      0.055694 
_atom_sites.fract_transf_vector[3]      -0.233829 
# 
loop_
_atom_type.symbol 
C 
K 
N 
O 
P 
# 
loop_
_atom_site.group_PDB 
_atom_site.id 
_atom_site.type_symbol 
_atom_site.label_atom_id 
_atom_site.label_alt_id 
_atom_site.label_comp_id 
_atom_site.label_asym_id 
_atom_site.label_entity_id 
_atom_site.label_seq_id 
_atom_site.pdbx_PDB_ins_code 
_atom_site.Cartn_x 
_atom_site.Cartn_y 
_atom_site.Cartn_z 
_atom_site.occupancy 
_atom_site.B_iso_or_equiv 
_atom_site.pdbx_formal_charge 
_atom_site.auth_seq_id 
_atom_site.auth_comp_id 
_atom_site.auth_asym_id 
_atom_site.auth_atom_id 
_atom_site.pdbx_PDB_model_num 
ATOM   1   O "O5'" . DA  A 1 1  ? 5.975   -9.904  -8.292  1.00 59.58 ? 1  DA  A "O5'" 1 
ATOM   2   C "C5'" . DA  A 1 1  ? 6.297   -11.250 -7.905  1.00 59.68 ? 1  DA  A "C5'" 1 
ATOM   3   C "C4'" . DA  A 1 1  ? 5.217   -12.234 -8.332  1.00 58.53 ? 1  DA  A "C4'" 1 
ATOM   4   O "O4'" . DA  A 1 1  ? 5.795   -13.522 -8.682  1.00 59.05 ? 1  DA  A "O4'" 1 
ATOM   5   C "C3'" . DA  A 1 1  ? 4.211   -12.570 -7.250  1.00 56.06 ? 1  DA  A "C3'" 1 
ATOM   6   O "O3'" . DA  A 1 1  ? 3.228   -11.581 -7.250  1.00 56.20 ? 1  DA  A "O3'" 1 
ATOM   7   C "C2'" . DA  A 1 1  ? 3.696   -13.923 -7.742  1.00 55.88 ? 1  DA  A "C2'" 1 
ATOM   8   C "C1'" . DA  A 1 1  ? 5.011   -14.582 -8.161  1.00 55.08 ? 1  DA  A "C1'" 1 
ATOM   9   N N9    . DA  A 1 1  ? 5.721   -15.216 -7.041  1.00 50.02 ? 1  DA  A N9    1 
ATOM   10  C C8    . DA  A 1 1  ? 6.456   -14.569 -6.079  1.00 46.75 ? 1  DA  A C8    1 
ATOM   11  N N7    . DA  A 1 1  ? 6.967   -15.364 -5.175  1.00 45.30 ? 1  DA  A N7    1 
ATOM   12  C C5    . DA  A 1 1  ? 6.536   -16.616 -5.564  1.00 45.50 ? 1  DA  A C5    1 
ATOM   13  C C6    . DA  A 1 1  ? 6.760   -17.879 -5.003  1.00 45.35 ? 1  DA  A C6    1 
ATOM   14  N N6    . DA  A 1 1  ? 7.497   -18.025 -3.897  1.00 46.21 ? 1  DA  A N6    1 
ATOM   15  N N1    . DA  A 1 1  ? 6.212   -18.957 -5.615  1.00 46.12 ? 1  DA  A N1    1 
ATOM   16  C C2    . DA  A 1 1  ? 5.470   -18.756 -6.723  1.00 46.54 ? 1  DA  A C2    1 
ATOM   17  N N3    . DA  A 1 1  ? 5.196   -17.601 -7.347  1.00 46.31 ? 1  DA  A N3    1 
ATOM   18  C C4    . DA  A 1 1  ? 5.768   -16.558 -6.713  1.00 47.26 ? 1  DA  A C4    1 
ATOM   19  P P     . DG  A 1 2  ? 2.614   -11.111 -5.845  1.00 55.41 ? 2  DG  A P     1 
ATOM   20  O OP1   . DG  A 1 2  ? 3.519   -10.132 -5.199  1.00 54.80 ? 2  DG  A OP1   1 
ATOM   21  O OP2   . DG  A 1 2  ? 2.201   -12.331 -5.099  1.00 54.54 ? 2  DG  A OP2   1 
ATOM   22  O "O5'" . DG  A 1 2  ? 1.321   -10.315 -6.354  1.00 51.76 ? 2  DG  A "O5'" 1 
ATOM   23  C "C5'" . DG  A 1 2  ? 0.296   -10.961 -7.101  1.00 47.80 ? 2  DG  A "C5'" 1 
ATOM   24  C "C4'" . DG  A 1 2  ? -0.786  -9.931  -7.344  1.00 43.68 ? 2  DG  A "C4'" 1 
ATOM   25  O "O4'" . DG  A 1 2  ? -1.383  -9.565  -6.079  1.00 37.95 ? 2  DG  A "O4'" 1 
ATOM   26  C "C3'" . DG  A 1 2  ? -0.247  -8.650  -7.958  1.00 42.99 ? 2  DG  A "C3'" 1 
ATOM   27  O "O3'" . DG  A 1 2  ? -0.799  -8.500  -9.250  1.00 47.35 ? 2  DG  A "O3'" 1 
ATOM   28  C "C2'" . DG  A 1 2  ? -0.714  -7.519  -7.060  1.00 38.16 ? 2  DG  A "C2'" 1 
ATOM   29  C "C1'" . DG  A 1 2  ? -1.603  -8.172  -6.021  1.00 33.41 ? 2  DG  A "C1'" 1 
ATOM   30  N N9    . DG  A 1 2  ? -1.274  -7.673  -4.692  1.00 26.74 ? 2  DG  A N9    1 
ATOM   31  C C8    . DG  A 1 2  ? -0.261  -8.062  -3.835  1.00 25.24 ? 2  DG  A C8    1 
ATOM   32  N N7    . DG  A 1 2  ? -0.246  -7.357  -2.721  1.00 24.48 ? 2  DG  A N7    1 
ATOM   33  C C5    . DG  A 1 2  ? -1.314  -6.472  -2.849  1.00 21.85 ? 2  DG  A C5    1 
ATOM   34  C C6    . DG  A 1 2  ? -1.836  -5.493  -1.970  1.00 21.55 ? 2  DG  A C6    1 
ATOM   35  O O6    . DG  A 1 2  ? -1.467  -5.108  -0.825  1.00 23.47 ? 2  DG  A O6    1 
ATOM   36  N N1    . DG  A 1 2  ? -2.913  -4.831  -2.521  1.00 18.55 ? 2  DG  A N1    1 
ATOM   37  C C2    . DG  A 1 2  ? -3.478  -5.086  -3.748  1.00 21.77 ? 2  DG  A C2    1 
ATOM   38  N N2    . DG  A 1 2  ? -4.536  -4.331  -4.082  1.00 18.27 ? 2  DG  A N2    1 
ATOM   39  N N3    . DG  A 1 2  ? -3.027  -6.011  -4.580  1.00 23.75 ? 2  DG  A N3    1 
ATOM   40  C C4    . DG  A 1 2  ? -1.945  -6.657  -4.062  1.00 24.19 ? 2  DG  A C4    1 
ATOM   41  P P     . DG  A 1 3  ? -0.250  -7.364  -10.231 1.00 50.94 ? 3  DG  A P     1 
ATOM   42  O OP1   . DG  A 1 3  ? -0.763  -7.741  -11.569 1.00 53.07 ? 3  DG  A OP1   1 
ATOM   43  O OP2   . DG  A 1 3  ? 1.186   -7.116  -9.976  1.00 50.50 ? 3  DG  A OP2   1 
ATOM   44  O "O5'" . DG  A 1 3  ? -1.011  -6.048  -9.747  1.00 46.41 ? 3  DG  A "O5'" 1 
ATOM   45  C "C5'" . DG  A 1 3  ? -2.336  -5.848  -10.187 1.00 44.23 ? 3  DG  A "C5'" 1 
ATOM   46  C "C4'" . DG  A 1 3  ? -2.703  -4.418  -9.898  1.00 40.69 ? 3  DG  A "C4'" 1 
ATOM   47  O "O4'" . DG  A 1 3  ? -2.737  -4.293  -8.460  1.00 37.28 ? 3  DG  A "O4'" 1 
ATOM   48  C "C3'" . DG  A 1 3  ? -1.682  -3.410  -10.427 1.00 41.91 ? 3  DG  A "C3'" 1 
ATOM   49  O "O3'" . DG  A 1 3  ? -2.340  -2.474  -11.236 1.00 42.14 ? 3  DG  A "O3'" 1 
ATOM   50  C "C2'" . DG  A 1 3  ? -1.121  -2.750  -9.173  1.00 39.43 ? 3  DG  A "C2'" 1 
ATOM   51  C "C1'" . DG  A 1 3  ? -2.178  -3.052  -8.113  1.00 35.29 ? 3  DG  A "C1'" 1 
ATOM   52  N N9    . DG  A 1 3  ? -1.555  -3.133  -6.794  1.00 31.20 ? 3  DG  A N9    1 
ATOM   53  C C8    . DG  A 1 3  ? -0.521  -3.956  -6.419  1.00 31.37 ? 3  DG  A C8    1 
ATOM   54  N N7    . DG  A 1 3  ? -0.161  -3.777  -5.177  1.00 30.48 ? 3  DG  A N7    1 
ATOM   55  C C5    . DG  A 1 3  ? -1.019  -2.792  -4.710  1.00 26.57 ? 3  DG  A C5    1 
ATOM   56  C C6    . DG  A 1 3  ? -1.104  -2.196  -3.436  1.00 26.32 ? 3  DG  A C6    1 
ATOM   57  O O6    . DG  A 1 3  ? -0.389  -2.459  -2.440  1.00 27.43 ? 3  DG  A O6    1 
ATOM   58  N N1    . DG  A 1 3  ? -2.108  -1.218  -3.361  1.00 22.87 ? 3  DG  A N1    1 
ATOM   59  C C2    . DG  A 1 3  ? -2.928  -0.877  -4.412  1.00 22.12 ? 3  DG  A C2    1 
ATOM   60  N N2    . DG  A 1 3  ? -3.850  0.080   -4.218  1.00 19.23 ? 3  DG  A N2    1 
ATOM   61  N N3    . DG  A 1 3  ? -2.850  -1.438  -5.604  1.00 25.34 ? 3  DG  A N3    1 
ATOM   62  C C4    . DG  A 1 3  ? -1.874  -2.379  -5.687  1.00 27.56 ? 3  DG  A C4    1 
ATOM   63  P P     . DG  A 1 4  ? -1.658  -1.160  -11.841 1.00 43.86 ? 4  DG  A P     1 
ATOM   64  O OP1   . DG  A 1 4  ? -2.339  -0.903  -13.121 1.00 45.44 ? 4  DG  A OP1   1 
ATOM   65  O OP2   . DG  A 1 4  ? -0.186  -1.261  -11.805 1.00 46.72 ? 4  DG  A OP2   1 
ATOM   66  O "O5'" . DG  A 1 4  ? -2.119  -0.043  -10.815 1.00 40.81 ? 4  DG  A "O5'" 1 
ATOM   67  C "C5'" . DG  A 1 4  ? -3.476  0.302   -10.758 1.00 37.62 ? 4  DG  A "C5'" 1 
ATOM   68  C "C4'" . DG  A 1 4  ? -3.632  1.642   -10.090 1.00 33.93 ? 4  DG  A "C4'" 1 
ATOM   69  O "O4'" . DG  A 1 4  ? -3.279  1.488   -8.695  1.00 33.11 ? 4  DG  A "O4'" 1 
ATOM   70  C "C3'" . DG  A 1 4  ? -2.722  2.723   -10.647 1.00 36.67 ? 4  DG  A "C3'" 1 
ATOM   71  O "O3'" . DG  A 1 4  ? -3.445  3.935   -10.549 1.00 37.14 ? 4  DG  A "O3'" 1 
ATOM   72  C "C2'" . DG  A 1 4  ? -1.522  2.729   -9.700  1.00 35.43 ? 4  DG  A "C2'" 1 
ATOM   73  C "C1'" . DG  A 1 4  ? -2.194  2.335   -8.375  1.00 32.81 ? 4  DG  A "C1'" 1 
ATOM   74  N N9    . DG  A 1 4  ? -1.314  1.651   -7.436  1.00 30.68 ? 4  DG  A N9    1 
ATOM   75  C C8    . DG  A 1 4  ? -0.479  0.588   -7.688  1.00 31.95 ? 4  DG  A C8    1 
ATOM   76  N N7    . DG  A 1 4  ? 0.176   0.196   -6.629  1.00 30.63 ? 4  DG  A N7    1 
ATOM   77  C C5    . DG  A 1 4  ? -0.258  1.054   -5.630  1.00 28.98 ? 4  DG  A C5    1 
ATOM   78  C C6    . DG  A 1 4  ? 0.108   1.123   -4.272  1.00 27.97 ? 4  DG  A C6    1 
ATOM   79  O O6    . DG  A 1 4  ? 0.919   0.396   -3.693  1.00 28.89 ? 4  DG  A O6    1 
ATOM   80  N N1    . DG  A 1 4  ? -0.549  2.138   -3.569  1.00 25.55 ? 4  DG  A N1    1 
ATOM   81  C C2    . DG  A 1 4  ? -1.471  2.992   -4.150  1.00 28.32 ? 4  DG  A C2    1 
ATOM   82  N N2    . DG  A 1 4  ? -2.039  3.926   -3.370  1.00 28.10 ? 4  DG  A N2    1 
ATOM   83  N N3    . DG  A 1 4  ? -1.830  2.932   -5.427  1.00 28.11 ? 4  DG  A N3    1 
ATOM   84  C C4    . DG  A 1 4  ? -1.179  1.949   -6.105  1.00 28.65 ? 4  DG  A C4    1 
ATOM   85  P P     . DT  A 1 5  ? -3.358  5.043   -11.700 1.00 46.94 ? 5  DT  A P     1 
ATOM   86  O OP1   . DT  A 1 5  ? -1.938  5.241   -12.060 1.00 47.47 ? 5  DT  A OP1   1 
ATOM   87  O OP2   . DT  A 1 5  ? -4.239  6.153   -11.255 1.00 45.38 ? 5  DT  A OP2   1 
ATOM   88  O "O5'" . DT  A 1 5  ? -4.062  4.355   -12.950 1.00 47.49 ? 5  DT  A "O5'" 1 
ATOM   89  C "C5'" . DT  A 1 5  ? -5.436  3.981   -12.870 1.00 46.98 ? 5  DT  A "C5'" 1 
ATOM   90  C "C4'" . DT  A 1 5  ? -5.780  3.195   -14.117 1.00 46.73 ? 5  DT  A "C4'" 1 
ATOM   91  O "O4'" . DT  A 1 5  ? -5.245  1.851   -14.039 1.00 46.24 ? 5  DT  A "O4'" 1 
ATOM   92  C "C3'" . DT  A 1 5  ? -7.258  3.067   -14.424 1.00 46.96 ? 5  DT  A "C3'" 1 
ATOM   93  O "O3'" . DT  A 1 5  ? -7.390  3.399   -15.801 1.00 48.70 ? 5  DT  A "O3'" 1 
ATOM   94  C "C2'" . DT  A 1 5  ? -7.581  1.599   -14.150 1.00 45.21 ? 5  DT  A "C2'" 1 
ATOM   95  C "C1'" . DT  A 1 5  ? -6.241  0.917   -14.416 1.00 45.68 ? 5  DT  A "C1'" 1 
ATOM   96  N N1    . DT  A 1 5  ? -6.036  -0.361  -13.656 1.00 44.68 ? 5  DT  A N1    1 
ATOM   97  C C2    . DT  A 1 5  ? -5.481  -1.441  -14.305 1.00 46.51 ? 5  DT  A C2    1 
ATOM   98  O O2    . DT  A 1 5  ? -5.143  -1.420  -15.473 1.00 48.37 ? 5  DT  A O2    1 
ATOM   99  N N3    . DT  A 1 5  ? -5.330  -2.569  -13.534 1.00 46.09 ? 5  DT  A N3    1 
ATOM   100 C C4    . DT  A 1 5  ? -5.679  -2.716  -12.203 1.00 44.84 ? 5  DT  A C4    1 
ATOM   101 O O4    . DT  A 1 5  ? -5.510  -3.776  -11.605 1.00 46.26 ? 5  DT  A O4    1 
ATOM   102 C C5    . DT  A 1 5  ? -6.250  -1.548  -11.578 1.00 43.61 ? 5  DT  A C5    1 
ATOM   103 C C7    . DT  A 1 5  ? -6.663  -1.586  -10.132 1.00 42.26 ? 5  DT  A C7    1 
ATOM   104 C C6    . DT  A 1 5  ? -6.397  -0.441  -12.321 1.00 43.74 ? 5  DT  A C6    1 
ATOM   105 P P     . DT  A 1 6  ? -8.402  4.538   -16.263 1.00 50.01 ? 6  DT  A P     1 
ATOM   106 O OP1   . DT  A 1 6  ? -8.273  4.620   -17.738 1.00 51.36 ? 6  DT  A OP1   1 
ATOM   107 O OP2   . DT  A 1 6  ? -8.273  5.735   -15.402 1.00 49.83 ? 6  DT  A OP2   1 
ATOM   108 O "O5'" . DT  A 1 6  ? -9.796  3.846   -15.928 1.00 48.29 ? 6  DT  A "O5'" 1 
ATOM   109 C "C5'" . DT  A 1 6  ? -10.941 4.608   -15.584 1.00 48.49 ? 6  DT  A "C5'" 1 
ATOM   110 C "C4'" . DT  A 1 6  ? -12.059 3.634   -15.260 1.00 46.39 ? 6  DT  A "C4'" 1 
ATOM   111 O "O4'" . DT  A 1 6  ? -12.144 2.690   -16.349 1.00 45.01 ? 6  DT  A "O4'" 1 
ATOM   112 C "C3'" . DT  A 1 6  ? -11.782 2.744   -14.066 1.00 44.23 ? 6  DT  A "C3'" 1 
ATOM   113 O "O3'" . DT  A 1 6  ? -12.139 3.420   -12.878 1.00 46.50 ? 6  DT  A "O3'" 1 
ATOM   114 C "C2'" . DT  A 1 6  ? -12.692 1.560   -14.337 1.00 44.08 ? 6  DT  A "C2'" 1 
ATOM   115 C "C1'" . DT  A 1 6  ? -12.530 1.423   -15.851 1.00 43.10 ? 6  DT  A "C1'" 1 
ATOM   116 N N1    . DT  A 1 6  ? -11.530 0.397   -16.299 1.00 40.54 ? 6  DT  A N1    1 
ATOM   117 C C2    . DT  A 1 6  ? -11.853 -0.923  -16.120 1.00 39.91 ? 6  DT  A C2    1 
ATOM   118 O O2    . DT  A 1 6  ? -12.888 -1.285  -15.621 1.00 40.79 ? 6  DT  A O2    1 
ATOM   119 N N3    . DT  A 1 6  ? -10.928 -1.828  -16.552 1.00 40.38 ? 6  DT  A N3    1 
ATOM   120 C C4    . DT  A 1 6  ? -9.714  -1.548  -17.142 1.00 40.81 ? 6  DT  A C4    1 
ATOM   121 O O4    . DT  A 1 6  ? -8.945  -2.443  -17.494 1.00 43.01 ? 6  DT  A O4    1 
ATOM   122 C C5    . DT  A 1 6  ? -9.416  -0.153  -17.304 1.00 40.23 ? 6  DT  A C5    1 
ATOM   123 C C7    . DT  A 1 6  ? -8.117  0.230   -17.940 1.00 41.83 ? 6  DT  A C7    1 
ATOM   124 C C6    . DT  A 1 6  ? -10.325 0.751   -16.892 1.00 40.80 ? 6  DT  A C6    1 
ATOM   125 P P     . DA  A 1 7  ? -11.200 3.253   -11.573 1.00 44.84 ? 7  DA  A P     1 
ATOM   126 O OP1   . DA  A 1 7  ? -11.802 4.105   -10.521 1.00 44.61 ? 7  DA  A OP1   1 
ATOM   127 O OP2   . DA  A 1 7  ? -9.783  3.393   -11.992 1.00 43.62 ? 7  DA  A OP2   1 
ATOM   128 O "O5'" . DA  A 1 7  ? -11.406 1.713   -11.232 1.00 42.70 ? 7  DA  A "O5'" 1 
ATOM   129 C "C5'" . DA  A 1 7  ? -12.564 1.301   -10.545 1.00 42.90 ? 7  DA  A "C5'" 1 
ATOM   130 C "C4'" . DA  A 1 7  ? -12.244 0.006   -9.836  1.00 42.01 ? 7  DA  A "C4'" 1 
ATOM   131 O "O4'" . DA  A 1 7  ? -11.802 -0.979  -10.784 1.00 41.11 ? 7  DA  A "O4'" 1 
ATOM   132 C "C3'" . DA  A 1 7  ? -11.133 0.088   -8.804  1.00 40.98 ? 7  DA  A "C3'" 1 
ATOM   133 O "O3'" . DA  A 1 7  ? -11.573 -0.696  -7.738  1.00 42.20 ? 7  DA  A "O3'" 1 
ATOM   134 C "C2'" . DA  A 1 7  ? -9.908  -0.524  -9.480  1.00 38.45 ? 7  DA  A "C2'" 1 
ATOM   135 C "C1'" . DA  A 1 7  ? -10.560 -1.535  -10.407 1.00 39.62 ? 7  DA  A "C1'" 1 
ATOM   136 N N9    . DA  A 1 7  ? -9.912  -1.820  -11.678 1.00 38.75 ? 7  DA  A N9    1 
ATOM   137 C C8    . DA  A 1 7  ? -9.817  -0.975  -12.748 1.00 38.92 ? 7  DA  A C8    1 
ATOM   138 N N7    . DA  A 1 7  ? -9.214  -1.521  -13.779 1.00 41.16 ? 7  DA  A N7    1 
ATOM   139 C C5    . DA  A 1 7  ? -8.908  -2.806  -13.369 1.00 40.44 ? 7  DA  A C5    1 
ATOM   140 C C6    . DA  A 1 7  ? -8.270  -3.890  -14.001 1.00 42.28 ? 7  DA  A C6    1 
ATOM   141 N N6    . DA  A 1 7  ? -7.790  -3.860  -15.247 1.00 42.89 ? 7  DA  A N6    1 
ATOM   142 N N1    . DA  A 1 7  ? -8.132  -5.029  -13.298 1.00 42.70 ? 7  DA  A N1    1 
ATOM   143 C C2    . DA  A 1 7  ? -8.602  -5.073  -12.049 1.00 40.79 ? 7  DA  A C2    1 
ATOM   144 N N3    . DA  A 1 7  ? -9.221  -4.126  -11.354 1.00 40.36 ? 7  DA  A N3    1 
ATOM   145 C C4    . DA  A 1 7  ? -9.342  -3.006  -12.074 1.00 39.53 ? 7  DA  A C4    1 
ATOM   146 P P     . DG  A 1 8  ? -12.417 -0.003  -6.571  1.00 44.03 ? 8  DG  A P     1 
ATOM   147 O OP1   . DG  A 1 8  ? -13.101 -1.111  -5.846  1.00 43.83 ? 8  DG  A OP1   1 
ATOM   148 O OP2   . DG  A 1 8  ? -13.178 1.147   -7.102  1.00 45.41 ? 8  DG  A OP2   1 
ATOM   149 O "O5'" . DG  A 1 8  ? -11.266 0.642   -5.696  1.00 41.91 ? 8  DG  A "O5'" 1 
ATOM   150 C "C5'" . DG  A 1 8  ? -10.323 -0.162  -5.031  1.00 38.46 ? 8  DG  A "C5'" 1 
ATOM   151 C "C4'" . DG  A 1 8  ? -10.010 0.561   -3.745  1.00 37.35 ? 8  DG  A "C4'" 1 
ATOM   152 O "O4'" . DG  A 1 8  ? -9.299  -0.344  -2.878  1.00 34.85 ? 8  DG  A "O4'" 1 
ATOM   153 C "C3'" . DG  A 1 8  ? -9.157  1.821   -3.903  1.00 38.14 ? 8  DG  A "C3'" 1 
ATOM   154 O "O3'" . DG  A 1 8  ? -9.822  2.859   -3.178  1.00 42.05 ? 8  DG  A "O3'" 1 
ATOM   155 C "C2'" . DG  A 1 8  ? -7.822  1.457   -3.264  1.00 34.54 ? 8  DG  A "C2'" 1 
ATOM   156 C "C1'" . DG  A 1 8  ? -8.210  0.339   -2.298  1.00 32.10 ? 8  DG  A "C1'" 1 
ATOM   157 N N9    . DG  A 1 8  ? -7.144  -0.637  -2.173  1.00 27.55 ? 8  DG  A N9    1 
ATOM   158 C C8    . DG  A 1 8  ? -6.718  -1.565  -3.100  1.00 25.99 ? 8  DG  A C8    1 
ATOM   159 N N7    . DG  A 1 8  ? -5.727  -2.301  -2.673  1.00 25.26 ? 8  DG  A N7    1 
ATOM   160 C C5    . DG  A 1 8  ? -5.499  -1.800  -1.398  1.00 22.52 ? 8  DG  A C5    1 
ATOM   161 C C6    . DG  A 1 8  ? -4.547  -2.175  -0.438  1.00 21.99 ? 8  DG  A C6    1 
ATOM   162 O O6    . DG  A 1 8  ? -3.684  -3.070  -0.504  1.00 23.10 ? 8  DG  A O6    1 
ATOM   163 N N1    . DG  A 1 8  ? -4.625  -1.441  0.728   1.00 21.04 ? 8  DG  A N1    1 
ATOM   164 C C2    . DG  A 1 8  ? -5.553  -0.452  0.958   1.00 21.65 ? 8  DG  A C2    1 
ATOM   165 N N2    . DG  A 1 8  ? -5.473  0.167   2.134   1.00 20.96 ? 8  DG  A N2    1 
ATOM   166 N N3    . DG  A 1 8  ? -6.454  -0.064  0.067   1.00 24.16 ? 8  DG  A N3    1 
ATOM   167 C C4    . DG  A 1 8  ? -6.354  -0.783  -1.080  1.00 24.44 ? 8  DG  A C4    1 
ATOM   168 P P     . DG  A 1 9  ? -9.407  4.410   -3.214  1.00 46.37 ? 9  DG  A P     1 
ATOM   169 O OP1   . DG  A 1 9  ? -10.610 5.141   -2.743  1.00 47.56 ? 9  DG  A OP1   1 
ATOM   170 O OP2   . DG  A 1 9  ? -8.713  4.755   -4.475  1.00 44.98 ? 9  DG  A OP2   1 
ATOM   171 O "O5'" . DG  A 1 9  ? -8.313  4.542   -2.066  1.00 42.63 ? 9  DG  A "O5'" 1 
ATOM   172 C "C5'" . DG  A 1 9  ? -8.738  4.740   -0.733  1.00 41.18 ? 9  DG  A "C5'" 1 
ATOM   173 C "C4'" . DG  A 1 9  ? -7.531  5.157   0.075   1.00 37.74 ? 9  DG  A "C4'" 1 
ATOM   174 O "O4'" . DG  A 1 9  ? -6.721  3.968   0.226   1.00 33.71 ? 9  DG  A "O4'" 1 
ATOM   175 C "C3'" . DG  A 1 9  ? -6.667  6.233   -0.583  1.00 37.96 ? 9  DG  A "C3'" 1 
ATOM   176 O "O3'" . DG  A 1 9  ? -6.372  7.224   0.394   1.00 40.33 ? 9  DG  A "O3'" 1 
ATOM   177 C "C2'" . DG  A 1 9  ? -5.422  5.468   -1.029  1.00 35.05 ? 9  DG  A "C2'" 1 
ATOM   178 C "C1'" . DG  A 1 9  ? -5.390  4.319   -0.025  1.00 31.35 ? 9  DG  A "C1'" 1 
ATOM   179 N N9    . DG  A 1 9  ? -4.648  3.151   -0.486  1.00 26.41 ? 9  DG  A N9    1 
ATOM   180 C C8    . DG  A 1 9  ? -4.742  2.491   -1.691  1.00 25.87 ? 9  DG  A C8    1 
ATOM   181 N N7    . DG  A 1 9  ? -3.908  1.487   -1.790  1.00 26.24 ? 9  DG  A N7    1 
ATOM   182 C C5    . DG  A 1 9  ? -3.231  1.484   -0.557  1.00 23.18 ? 9  DG  A C5    1 
ATOM   183 C C6    . DG  A 1 9  ? -2.211  0.659   -0.066  1.00 22.44 ? 9  DG  A C6    1 
ATOM   184 O O6    . DG  A 1 9  ? -1.648  -0.334  -0.618  1.00 22.26 ? 9  DG  A O6    1 
ATOM   185 N N1    . DG  A 1 9  ? -1.827  1.018   1.230   1.00 23.15 ? 9  DG  A N1    1 
ATOM   186 C C2    . DG  A 1 9  ? -2.338  2.054   1.961   1.00 23.53 ? 9  DG  A C2    1 
ATOM   187 N N2    . DG  A 1 9  ? -1.817  2.269   3.182   1.00 24.44 ? 9  DG  A N2    1 
ATOM   188 N N3    . DG  A 1 9  ? -3.277  2.856   1.495   1.00 23.63 ? 9  DG  A N3    1 
ATOM   189 C C4    . DG  A 1 9  ? -3.675  2.511   0.243   1.00 24.07 ? 9  DG  A C4    1 
ATOM   190 P P     . DG  A 1 10 ? -5.569  8.579   0.107   1.00 43.03 ? 10 DG  A P     1 
ATOM   191 O OP1   . DG  A 1 10 ? -6.352  9.708   0.658   1.00 46.16 ? 10 DG  A OP1   1 
ATOM   192 O OP2   . DG  A 1 10 ? -5.088  8.630   -1.285  1.00 44.54 ? 10 DG  A OP2   1 
ATOM   193 O "O5'" . DG  A 1 10 ? -4.292  8.354   1.008   1.00 41.65 ? 10 DG  A "O5'" 1 
ATOM   194 C "C5'" . DG  A 1 10 ? -4.421  7.903   2.346   1.00 41.10 ? 10 DG  A "C5'" 1 
ATOM   195 C "C4'" . DG  A 1 10 ? -3.087  7.994   3.047   1.00 39.94 ? 10 DG  A "C4'" 1 
ATOM   196 O "O4'" . DG  A 1 10 ? -2.370  6.772   2.775   1.00 39.59 ? 10 DG  A "O4'" 1 
ATOM   197 C "C3'" . DG  A 1 10 ? -2.182  9.123   2.564   1.00 41.59 ? 10 DG  A "C3'" 1 
ATOM   198 O "O3'" . DG  A 1 10 ? -1.505  9.635   3.674   1.00 44.19 ? 10 DG  A "O3'" 1 
ATOM   199 C "C2'" . DG  A 1 10 ? -1.208  8.460   1.585   1.00 39.50 ? 10 DG  A "C2'" 1 
ATOM   200 C "C1'" . DG  A 1 10 ? -1.130  7.040   2.143   1.00 37.68 ? 10 DG  A "C1'" 1 
ATOM   201 N N9    . DG  A 1 10 ? -0.934  5.966   1.175   1.00 34.15 ? 10 DG  A N9    1 
ATOM   202 C C8    . DG  A 1 10 ? -1.624  5.762   0.003   1.00 32.70 ? 10 DG  A C8    1 
ATOM   203 N N7    . DG  A 1 10 ? -1.233  4.680   -0.623  1.00 30.63 ? 10 DG  A N7    1 
ATOM   204 C C5    . DG  A 1 10 ? -0.230  4.136   0.181   1.00 29.58 ? 10 DG  A C5    1 
ATOM   205 C C6    . DG  A 1 10 ? 0.599   2.982   0.019   1.00 27.48 ? 10 DG  A C6    1 
ATOM   206 O O6    . DG  A 1 10 ? 0.575   2.163   -0.916  1.00 26.60 ? 10 DG  A O6    1 
ATOM   207 N N1    . DG  A 1 10 ? 1.500   2.793   1.080   1.00 23.21 ? 10 DG  A N1    1 
ATOM   208 C C2    . DG  A 1 10 ? 1.596   3.658   2.156   1.00 26.34 ? 10 DG  A C2    1 
ATOM   209 N N2    . DG  A 1 10 ? 2.502   3.404   3.130   1.00 27.17 ? 10 DG  A N2    1 
ATOM   210 N N3    . DG  A 1 10 ? 0.836   4.733   2.297   1.00 29.31 ? 10 DG  A N3    1 
ATOM   211 C C4    . DG  A 1 10 ? -0.045  4.921   1.291   1.00 30.56 ? 10 DG  A C4    1 
ATOM   212 P P     . DT  A 1 11 ? -1.097  11.179  3.770   1.00 47.77 ? 11 DT  A P     1 
ATOM   213 O OP1   . DT  A 1 11 ? -0.667  11.629  2.434   1.00 46.83 ? 11 DT  A OP1   1 
ATOM   214 O OP2   . DT  A 1 11 ? -0.227  11.277  4.954   1.00 48.13 ? 11 DT  A OP2   1 
ATOM   215 O "O5'" . DT  A 1 11 ? -2.465  11.951  4.072   1.00 50.13 ? 11 DT  A "O5'" 1 
ATOM   216 C "C5'" . DT  A 1 11 ? -3.149  11.799  5.290   1.00 52.09 ? 11 DT  A "C5'" 1 
ATOM   217 C "C4'" . DT  A 1 11 ? -4.532  12.376  5.083   1.00 54.53 ? 11 DT  A "C4'" 1 
ATOM   218 O "O4'" . DT  A 1 11 ? -5.264  11.514  4.181   1.00 52.69 ? 11 DT  A "O4'" 1 
ATOM   219 C "C3'" . DT  A 1 11 ? -5.364  12.512  6.357   1.00 56.76 ? 11 DT  A "C3'" 1 
ATOM   220 O "O3'" . DT  A 1 11 ? -5.794  13.866  6.507   1.00 60.67 ? 11 DT  A "O3'" 1 
ATOM   221 C "C2'" . DT  A 1 11 ? -6.541  11.560  6.162   1.00 55.27 ? 11 DT  A "C2'" 1 
ATOM   222 C "C1'" . DT  A 1 11 ? -6.592  11.401  4.643   1.00 53.18 ? 11 DT  A "C1'" 1 
ATOM   223 N N1    . DT  A 1 11 ? -7.154  10.102  4.175   1.00 51.33 ? 11 DT  A N1    1 
ATOM   224 C C2    . DT  A 1 11 ? -8.108  10.108  3.163   1.00 52.33 ? 11 DT  A C2    1 
ATOM   225 O O2    . DT  A 1 11 ? -8.530  11.124  2.620   1.00 54.02 ? 11 DT  A O2    1 
ATOM   226 N N3    . DT  A 1 11 ? -8.562  8.860   2.797   1.00 49.85 ? 11 DT  A N3    1 
ATOM   227 C C4    . DT  A 1 11 ? -8.164  7.654   3.338   1.00 48.10 ? 11 DT  A C4    1 
ATOM   228 O O4    . DT  A 1 11 ? -8.631  6.591   2.953   1.00 48.70 ? 11 DT  A O4    1 
ATOM   229 C C5    . DT  A 1 11 ? -7.176  7.715   4.386   1.00 47.45 ? 11 DT  A C5    1 
ATOM   230 C C7    . DT  A 1 11 ? -6.693  6.446   5.022   1.00 46.31 ? 11 DT  A C7    1 
ATOM   231 C C6    . DT  A 1 11 ? -6.718  8.918   4.753   1.00 49.11 ? 11 DT  A C6    1 
ATOM   232 P P     . DT  A 1 12 ? -5.349  14.715  7.793   1.00 63.05 ? 12 DT  A P     1 
ATOM   233 O OP1   . DT  A 1 12 ? -5.910  16.070  7.623   1.00 66.07 ? 12 DT  A OP1   1 
ATOM   234 O OP2   . DT  A 1 12 ? -3.893  14.534  8.020   1.00 64.63 ? 12 DT  A OP2   1 
ATOM   235 O "O5'" . DT  A 1 12 ? -6.125  13.971  8.981   1.00 61.72 ? 12 DT  A "O5'" 1 
ATOM   236 C "C5'" . DT  A 1 12 ? -5.573  13.896  10.287  1.00 61.06 ? 12 DT  A "C5'" 1 
ATOM   237 C "C4'" . DT  A 1 12 ? -6.445  13.008  11.152  1.00 59.44 ? 12 DT  A "C4'" 1 
ATOM   238 O "O4'" . DT  A 1 12 ? -7.826  13.449  11.087  1.00 57.80 ? 12 DT  A "O4'" 1 
ATOM   239 C "C3'" . DT  A 1 12 ? -6.519  11.561  10.696  1.00 56.42 ? 12 DT  A "C3'" 1 
ATOM   240 O "O3'" . DT  A 1 12 ? -5.384  10.863  11.142  1.00 57.24 ? 12 DT  A "O3'" 1 
ATOM   241 C "C2'" . DT  A 1 12 ? -7.784  11.105  11.410  1.00 55.80 ? 12 DT  A "C2'" 1 
ATOM   242 C "C1'" . DT  A 1 12 ? -8.679  12.316  11.145  1.00 55.03 ? 12 DT  A "C1'" 1 
ATOM   243 N N1    . DT  A 1 12 ? -9.500  12.234  9.878   1.00 51.49 ? 12 DT  A N1    1 
ATOM   244 C C2    . DT  A 1 12 ? -10.429 11.210  9.729   1.00 49.42 ? 12 DT  A C2    1 
ATOM   245 O O2    . DT  A 1 12 ? -10.633 10.335  10.554  1.00 49.14 ? 12 DT  A O2    1 
ATOM   246 N N3    . DT  A 1 12 ? -11.131 11.236  8.554   1.00 47.35 ? 12 DT  A N3    1 
ATOM   247 C C4    . DT  A 1 12 ? -10.997 12.151  7.529   1.00 47.60 ? 12 DT  A C4    1 
ATOM   248 O O4    . DT  A 1 12 ? -11.676 12.066  6.508   1.00 48.82 ? 12 DT  A O4    1 
ATOM   249 C C5    . DT  A 1 12 ? -10.018 13.192  7.736   1.00 48.62 ? 12 DT  A C5    1 
ATOM   250 C C7    . DT  A 1 12 ? -9.800  14.238  6.683   1.00 49.60 ? 12 DT  A C7    1 
ATOM   251 C C6    . DT  A 1 12 ? -9.326  13.188  8.885   1.00 50.06 ? 12 DT  A C6    1 
ATOM   252 P P     . DA  A 1 13 ? -4.705  9.740   10.219  1.00 56.30 ? 13 DA  A P     1 
ATOM   253 O OP1   . DA  A 1 13 ? -3.535  9.249   10.989  1.00 56.61 ? 13 DA  A OP1   1 
ATOM   254 O OP2   . DA  A 1 13 ? -4.526  10.251  8.832   1.00 54.14 ? 13 DA  A OP2   1 
ATOM   255 O "O5'" . DA  A 1 13 ? -5.845  8.620   10.165  1.00 52.82 ? 13 DA  A "O5'" 1 
ATOM   256 C "C5'" . DA  A 1 13 ? -6.079  7.808   11.312  1.00 53.13 ? 13 DA  A "C5'" 1 
ATOM   257 C "C4'" . DA  A 1 13 ? -6.960  6.640   10.922  1.00 49.73 ? 13 DA  A "C4'" 1 
ATOM   258 O "O4'" . DA  A 1 13 ? -8.054  7.172   10.152  1.00 47.52 ? 13 DA  A "O4'" 1 
ATOM   259 C "C3'" . DA  A 1 13 ? -6.312  5.584   10.038  1.00 48.26 ? 13 DA  A "C3'" 1 
ATOM   260 O "O3'" . DA  A 1 13 ? -6.784  4.300   10.453  1.00 50.09 ? 13 DA  A "O3'" 1 
ATOM   261 C "C2'" . DA  A 1 13 ? -6.820  5.930   8.640   1.00 45.58 ? 13 DA  A "C2'" 1 
ATOM   262 C "C1'" . DA  A 1 13 ? -8.216  6.462   8.954   1.00 44.38 ? 13 DA  A "C1'" 1 
ATOM   263 N N9    . DA  A 1 13 ? -8.748  7.442   8.019   1.00 42.09 ? 13 DA  A N9    1 
ATOM   264 C C8    . DA  A 1 13 ? -8.494  8.788   8.038   1.00 42.70 ? 13 DA  A C8    1 
ATOM   265 N N7    . DA  A 1 13 ? -9.088  9.462   7.085   1.00 42.78 ? 13 DA  A N7    1 
ATOM   266 C C5    . DA  A 1 13 ? -9.785  8.485   6.402   1.00 41.34 ? 13 DA  A C5    1 
ATOM   267 C C6    . DA  A 1 13 ? -10.623 8.562   5.282   1.00 42.49 ? 13 DA  A C6    1 
ATOM   268 N N6    . DA  A 1 13 ? -10.872 9.729   4.668   1.00 44.88 ? 13 DA  A N6    1 
ATOM   269 N N1    . DA  A 1 13 ? -11.170 7.409   4.819   1.00 41.13 ? 13 DA  A N1    1 
ATOM   270 C C2    . DA  A 1 13 ? -10.889 6.259   5.451   1.00 40.97 ? 13 DA  A C2    1 
ATOM   271 N N3    . DA  A 1 13 ? -10.116 6.069   6.529   1.00 41.60 ? 13 DA  A N3    1 
ATOM   272 C C4    . DA  A 1 13 ? -9.586  7.233   6.954   1.00 40.73 ? 13 DA  A C4    1 
ATOM   273 P P     . DG  A 1 14 ? -6.039  3.450   11.596  1.00 54.35 ? 14 DG  A P     1 
ATOM   274 O OP1   . DG  A 1 14 ? -6.970  2.372   12.007  1.00 56.04 ? 14 DG  A OP1   1 
ATOM   275 O OP2   . DG  A 1 14 ? -5.415  4.363   12.584  1.00 55.83 ? 14 DG  A OP2   1 
ATOM   276 O "O5'" . DG  A 1 14 ? -4.809  2.793   10.830  1.00 49.11 ? 14 DG  A "O5'" 1 
ATOM   277 C "C5'" . DG  A 1 14 ? -4.975  2.033   9.668   1.00 42.50 ? 14 DG  A "C5'" 1 
ATOM   278 C "C4'" . DG  A 1 14 ? -3.603  1.475   9.408   1.00 37.74 ? 14 DG  A "C4'" 1 
ATOM   279 O "O4'" . DG  A 1 14 ? -3.694  0.584   8.309   1.00 34.50 ? 14 DG  A "O4'" 1 
ATOM   280 C "C3'" . DG  A 1 14 ? -2.558  2.505   9.014   1.00 37.61 ? 14 DG  A "C3'" 1 
ATOM   281 O "O3'" . DG  A 1 14 ? -1.532  2.386   9.988   1.00 40.20 ? 14 DG  A "O3'" 1 
ATOM   282 C "C2'" . DG  A 1 14 ? -2.084  2.072   7.627   1.00 34.37 ? 14 DG  A "C2'" 1 
ATOM   283 C "C1'" . DG  A 1 14 ? -2.479  0.605   7.627   1.00 30.66 ? 14 DG  A "C1'" 1 
ATOM   284 N N9    . DG  A 1 14 ? -2.768  0.086   6.299   1.00 26.31 ? 14 DG  A N9    1 
ATOM   285 C C8    . DG  A 1 14 ? -3.723  0.541   5.402   1.00 25.52 ? 14 DG  A C8    1 
ATOM   286 N N7    . DG  A 1 14 ? -3.725  -0.137  4.278   1.00 23.32 ? 14 DG  A N7    1 
ATOM   287 C C5    . DG  A 1 14 ? -2.724  -1.084  4.456   1.00 22.37 ? 14 DG  A C5    1 
ATOM   288 C C6    . DG  A 1 14 ? -2.242  -2.071  3.577   1.00 22.39 ? 14 DG  A C6    1 
ATOM   289 O O6    . DG  A 1 14 ? -2.661  -2.369  2.418   1.00 22.86 ? 14 DG  A O6    1 
ATOM   290 N N1    . DG  A 1 14 ? -1.198  -2.813  4.131   1.00 21.33 ? 14 DG  A N1    1 
ATOM   291 C C2    . DG  A 1 14 ? -0.673  -2.607  5.388   1.00 22.69 ? 14 DG  A C2    1 
ATOM   292 N N2    . DG  A 1 14 ? 0.333   -3.393  5.768   1.00 20.95 ? 14 DG  A N2    1 
ATOM   293 N N3    . DG  A 1 14 ? -1.103  -1.670  6.215   1.00 24.89 ? 14 DG  A N3    1 
ATOM   294 C C4    . DG  A 1 14 ? -2.124  -0.952  5.688   1.00 23.04 ? 14 DG  A C4    1 
ATOM   295 P P     . DG  A 1 15 ? -0.249  3.334   9.989   1.00 41.97 ? 15 DG  A P     1 
ATOM   296 O OP1   . DG  A 1 15 ? 0.162   3.494   11.409  1.00 45.20 ? 15 DG  A OP1   1 
ATOM   297 O OP2   . DG  A 1 15 ? -0.516  4.538   9.172   1.00 42.36 ? 15 DG  A OP2   1 
ATOM   298 O "O5'" . DG  A 1 15 ? 0.797   2.399   9.249   1.00 38.85 ? 15 DG  A "O5'" 1 
ATOM   299 C "C5'" . DG  A 1 15 ? 1.497   1.471   10.021  1.00 38.42 ? 15 DG  A "C5'" 1 
ATOM   300 C "C4'" . DG  A 1 15 ? 2.643   0.946   9.198   1.00 36.77 ? 15 DG  A "C4'" 1 
ATOM   301 O "O4'" . DG  A 1 15 ? 2.055   0.271   8.062   1.00 34.93 ? 15 DG  A "O4'" 1 
ATOM   302 C "C3'" . DG  A 1 15 ? 3.579   2.024   8.648   1.00 37.18 ? 15 DG  A "C3'" 1 
ATOM   303 O "O3'" . DG  A 1 15 ? 4.904   1.641   8.917   1.00 37.40 ? 15 DG  A "O3'" 1 
ATOM   304 C "C2'" . DG  A 1 15 ? 3.325   1.982   7.142   1.00 35.14 ? 15 DG  A "C2'" 1 
ATOM   305 C "C1'" . DG  A 1 15 ? 2.860   0.542   6.933   1.00 32.93 ? 15 DG  A "C1'" 1 
ATOM   306 N N9    . DG  A 1 15 ? 2.052   0.406   5.725   1.00 27.75 ? 15 DG  A N9    1 
ATOM   307 C C8    . DG  A 1 15 ? 0.955   1.169   5.404   1.00 27.92 ? 15 DG  A C8    1 
ATOM   308 N N7    . DG  A 1 15 ? 0.425   0.849   4.259   1.00 27.83 ? 15 DG  A N7    1 
ATOM   309 C C5    . DG  A 1 15 ? 1.214   -0.199  3.812   1.00 25.10 ? 15 DG  A C5    1 
ATOM   310 C C6    . DG  A 1 15 ? 1.125   -0.954  2.633   1.00 23.50 ? 15 DG  A C6    1 
ATOM   311 O O6    . DG  A 1 15 ? 0.280   -0.861  1.724   1.00 25.45 ? 15 DG  A O6    1 
ATOM   312 N N1    . DG  A 1 15 ? 2.116   -1.925  2.558   1.00 23.48 ? 15 DG  A N1    1 
ATOM   313 C C2    . DG  A 1 15 ? 3.090   -2.145  3.514   1.00 23.30 ? 15 DG  A C2    1 
ATOM   314 N N2    . DG  A 1 15 ? 3.991   -3.128  3.284   1.00 21.51 ? 15 DG  A N2    1 
ATOM   315 N N3    . DG  A 1 15 ? 3.185   -1.438  4.619   1.00 23.60 ? 15 DG  A N3    1 
ATOM   316 C C4    . DG  A 1 15 ? 2.225   -0.483  4.703   1.00 25.80 ? 15 DG  A C4    1 
ATOM   317 P P     . DG  A 1 16 ? 6.164   2.529   8.493   1.00 38.77 ? 16 DG  A P     1 
ATOM   318 O OP1   . DG  A 1 16 ? 7.087   2.543   9.649   1.00 41.91 ? 16 DG  A OP1   1 
ATOM   319 O OP2   . DG  A 1 16 ? 5.718   3.815   7.949   1.00 40.27 ? 16 DG  A OP2   1 
ATOM   320 O "O5'" . DG  A 1 16 ? 6.847   1.674   7.346   1.00 36.38 ? 16 DG  A "O5'" 1 
ATOM   321 C "C5'" . DG  A 1 16 ? 7.090   0.285   7.585   1.00 34.47 ? 16 DG  A "C5'" 1 
ATOM   322 C "C4'" . DG  A 1 16 ? 8.069   -0.284  6.585   1.00 32.82 ? 16 DG  A "C4'" 1 
ATOM   323 O "O4'" . DG  A 1 16 ? 7.339   -0.700  5.397   1.00 32.65 ? 16 DG  A "O4'" 1 
ATOM   324 C "C3'" . DG  A 1 16 ? 9.136   0.688   6.093   1.00 34.98 ? 16 DG  A "C3'" 1 
ATOM   325 O "O3'" . DG  A 1 16 ? 10.310  -0.078  5.815   1.00 37.49 ? 16 DG  A "O3'" 1 
ATOM   326 C "C2'" . DG  A 1 16 ? 8.507   1.282   4.831   1.00 33.73 ? 16 DG  A "C2'" 1 
ATOM   327 C "C1'" . DG  A 1 16 ? 7.668   0.118   4.296   1.00 32.27 ? 16 DG  A "C1'" 1 
ATOM   328 N N9    . DG  A 1 16 ? 6.429   0.510   3.617   1.00 30.09 ? 16 DG  A N9    1 
ATOM   329 C C8    . DG  A 1 16 ? 5.482   1.451   3.974   1.00 28.79 ? 16 DG  A C8    1 
ATOM   330 N N7    . DG  A 1 16 ? 4.499   1.537   3.113   1.00 26.32 ? 16 DG  A N7    1 
ATOM   331 C C5    . DG  A 1 16 ? 4.804   0.592   2.142   1.00 24.59 ? 16 DG  A C5    1 
ATOM   332 C C6    . DG  A 1 16 ? 4.148   0.209   0.943   1.00 24.46 ? 16 DG  A C6    1 
ATOM   333 O O6    . DG  A 1 16 ? 3.075   0.616   0.471   1.00 23.01 ? 16 DG  A O6    1 
ATOM   334 N N1    . DG  A 1 16 ? 4.830   -0.790  0.233   1.00 23.58 ? 16 DG  A N1    1 
ATOM   335 C C2    . DG  A 1 16 ? 6.015   -1.348  0.640   1.00 25.97 ? 16 DG  A C2    1 
ATOM   336 N N2    . DG  A 1 16 ? 6.549   -2.302  -0.144  1.00 27.63 ? 16 DG  A N2    1 
ATOM   337 N N3    . DG  A 1 16 ? 6.633   -1.012  1.758   1.00 26.88 ? 16 DG  A N3    1 
ATOM   338 C C4    . DG  A 1 16 ? 5.983   -0.044  2.449   1.00 27.14 ? 16 DG  A C4    1 
ATOM   339 P P     . DT  A 1 17 ? 11.793  0.527   5.940   1.00 39.11 ? 17 DT  A P     1 
ATOM   340 O OP1   . DT  A 1 17 ? 11.738  1.955   5.590   1.00 38.45 ? 17 DT  A OP1   1 
ATOM   341 O OP2   . DT  A 1 17 ? 12.652  -0.430  5.222   1.00 39.53 ? 17 DT  A OP2   1 
ATOM   342 O "O5'" . DT  A 1 17 ? 12.194  0.428   7.485   1.00 41.44 ? 17 DT  A "O5'" 1 
ATOM   343 C "C5'" . DT  A 1 17 ? 11.896  -0.703  8.298   1.00 42.81 ? 17 DT  A "C5'" 1 
ATOM   344 C "C4'" . DT  A 1 17 ? 11.819  -0.251  9.758   1.00 44.99 ? 17 DT  A "C4'" 1 
ATOM   345 O "O4'" . DT  A 1 17 ? 10.504  0.274   10.103  1.00 44.18 ? 17 DT  A "O4'" 1 
ATOM   346 C "C3'" . DT  A 1 17 ? 12.155  -1.324  10.795  1.00 46.59 ? 17 DT  A "C3'" 1 
ATOM   347 O "O3'" . DT  A 1 17 ? 13.125  -0.781  11.697  1.00 49.84 ? 17 DT  A "O3'" 1 
ATOM   348 C "C2'" . DT  A 1 17 ? 10.828  -1.610  11.498  1.00 44.76 ? 17 DT  A "C2'" 1 
ATOM   349 C "C1'" . DT  A 1 17 ? 10.096  -0.279  11.346  1.00 44.43 ? 17 DT  A "C1'" 1 
ATOM   350 N N1    . DT  A 1 17 ? 8.600   -0.365  11.362  1.00 43.59 ? 17 DT  A N1    1 
ATOM   351 C C2    . DT  A 1 17 ? 7.897   0.558   12.111  1.00 44.69 ? 17 DT  A C2    1 
ATOM   352 O O2    . DT  A 1 17 ? 8.420   1.437   12.774  1.00 46.58 ? 17 DT  A O2    1 
ATOM   353 N N3    . DT  A 1 17 ? 6.534   0.422   12.072  1.00 43.91 ? 17 DT  A N3    1 
ATOM   354 C C4    . DT  A 1 17 ? 5.815   -0.518  11.366  1.00 42.69 ? 17 DT  A C4    1 
ATOM   355 O O4    . DT  A 1 17 ? 4.587   -0.543  11.413  1.00 43.82 ? 17 DT  A O4    1 
ATOM   356 C C5    . DT  A 1 17 ? 6.602   -1.453  10.593  1.00 41.79 ? 17 DT  A C5    1 
ATOM   357 C C7    . DT  A 1 17 ? 5.922   -2.518  9.780   1.00 40.75 ? 17 DT  A C7    1 
ATOM   358 C C6    . DT  A 1 17 ? 7.941   -1.335  10.624  1.00 41.81 ? 17 DT  A C6    1 
ATOM   359 P P     . DT  A 1 18 ? 14.520  -1.518  11.962  1.00 52.18 ? 18 DT  A P     1 
ATOM   360 O OP1   . DT  A 1 18 ? 15.324  -0.606  12.803  1.00 52.89 ? 18 DT  A OP1   1 
ATOM   361 O OP2   . DT  A 1 18 ? 15.032  -2.031  10.669  1.00 51.69 ? 18 DT  A OP2   1 
ATOM   362 O "O5'" . DT  A 1 18 ? 14.096  -2.762  12.872  1.00 51.02 ? 18 DT  A "O5'" 1 
ATOM   363 C "C5'" . DT  A 1 18 ? 14.822  -3.991  12.901  1.00 50.21 ? 18 DT  A "C5'" 1 
ATOM   364 C "C4'" . DT  A 1 18 ? 13.955  -5.022  13.597  1.00 48.25 ? 18 DT  A "C4'" 1 
ATOM   365 O "O4'" . DT  A 1 18 ? 13.599  -4.488  14.892  1.00 47.59 ? 18 DT  A "O4'" 1 
ATOM   366 C "C3'" . DT  A 1 18 ? 12.604  -5.249  12.929  1.00 46.67 ? 18 DT  A "C3'" 1 
ATOM   367 O "O3'" . DT  A 1 18 ? 12.690  -6.182  11.844  1.00 46.61 ? 18 DT  A "O3'" 1 
ATOM   368 C "C2'" . DT  A 1 18 ? 11.762  -5.764  14.095  1.00 46.10 ? 18 DT  A "C2'" 1 
ATOM   369 C "C1'" . DT  A 1 18 ? 12.282  -4.892  15.236  1.00 46.04 ? 18 DT  A "C1'" 1 
ATOM   370 N N1    . DT  A 1 18 ? 11.467  -3.677  15.571  1.00 44.51 ? 18 DT  A N1    1 
ATOM   371 C C2    . DT  A 1 18 ? 10.304  -3.816  16.300  1.00 44.17 ? 18 DT  A C2    1 
ATOM   372 O O2    . DT  A 1 18 ? 9.879   -4.885  16.680  1.00 45.32 ? 18 DT  A O2    1 
ATOM   373 N N3    . DT  A 1 18 ? 9.630   -2.654  16.574  1.00 44.25 ? 18 DT  A N3    1 
ATOM   374 C C4    . DT  A 1 18 ? 9.999   -1.372  16.204  1.00 45.30 ? 18 DT  A C4    1 
ATOM   375 O O4    . DT  A 1 18 ? 9.322   -0.387  16.506  1.00 46.09 ? 18 DT  A O4    1 
ATOM   376 C C5    . DT  A 1 18 ? 11.223  -1.283  15.447  1.00 44.99 ? 18 DT  A C5    1 
ATOM   377 C C7    . DT  A 1 18 ? 11.732  0.049   14.985  1.00 46.71 ? 18 DT  A C7    1 
ATOM   378 C C6    . DT  A 1 18 ? 11.892  -2.418  15.176  1.00 45.46 ? 18 DT  A C6    1 
ATOM   379 P P     . DA  A 1 19 ? 11.679  -6.074  10.589  1.00 45.51 ? 19 DA  A P     1 
ATOM   380 O OP1   . DA  A 1 19 ? 12.009  -7.226  9.730   1.00 44.85 ? 19 DA  A OP1   1 
ATOM   381 O OP2   . DA  A 1 19 ? 11.697  -4.684  10.068  1.00 43.46 ? 19 DA  A OP2   1 
ATOM   382 O "O5'" . DA  A 1 19 ? 10.246  -6.274  11.272  1.00 43.07 ? 19 DA  A "O5'" 1 
ATOM   383 C "C5'" . DA  A 1 19 ? 9.763   -7.558  11.613  1.00 42.84 ? 19 DA  A "C5'" 1 
ATOM   384 C "C4'" . DA  A 1 19 ? 8.251   -7.552  11.524  1.00 40.72 ? 19 DA  A "C4'" 1 
ATOM   385 O "O4'" . DA  A 1 19 ? 7.698   -6.639  12.507  1.00 41.20 ? 19 DA  A "O4'" 1 
ATOM   386 C "C3'" . DA  A 1 19 ? 7.675   -7.103  10.183  1.00 38.70 ? 19 DA  A "C3'" 1 
ATOM   387 O "O3'" . DA  A 1 19 ? 6.547   -7.891  9.893   1.00 39.03 ? 19 DA  A "O3'" 1 
ATOM   388 C "C2'" . DA  A 1 19 ? 7.279   -5.652  10.417  1.00 36.18 ? 19 DA  A "C2'" 1 
ATOM   389 C "C1'" . DA  A 1 19 ? 6.858   -5.688  11.880  1.00 38.32 ? 19 DA  A "C1'" 1 
ATOM   390 N N9    . DA  A 1 19 ? 7.080   -4.473  12.637  1.00 38.44 ? 19 DA  A N9    1 
ATOM   391 C C8    . DA  A 1 19 ? 8.302   -3.950  12.949  1.00 40.16 ? 19 DA  A C8    1 
ATOM   392 N N7    . DA  A 1 19 ? 8.233   -2.859  13.671  1.00 41.89 ? 19 DA  A N7    1 
ATOM   393 C C5    . DA  A 1 19 ? 6.881   -2.655  13.855  1.00 40.68 ? 19 DA  A C5    1 
ATOM   394 C C6    . DA  A 1 19 ? 6.169   -1.649  14.540  1.00 42.67 ? 19 DA  A C6    1 
ATOM   395 N N6    . DA  A 1 19 ? 6.773   -0.642  15.176  1.00 43.79 ? 19 DA  A N6    1 
ATOM   396 N N1    . DA  A 1 19 ? 4.817   -1.721  14.544  1.00 42.76 ? 19 DA  A N1    1 
ATOM   397 C C2    . DA  A 1 19 ? 4.244   -2.746  13.889  1.00 40.88 ? 19 DA  A C2    1 
ATOM   398 N N3    . DA  A 1 19 ? 4.814   -3.748  13.204  1.00 39.27 ? 19 DA  A N3    1 
ATOM   399 C C4    . DA  A 1 19 ? 6.151   -3.646  13.226  1.00 39.19 ? 19 DA  A C4    1 
ATOM   400 P P     . DG  A 1 20 ? 6.779   -9.310  9.192   1.00 41.35 ? 20 DG  A P     1 
ATOM   401 O OP1   . DG  A 1 20 ? 5.676   -10.215 9.594   1.00 41.68 ? 20 DG  A OP1   1 
ATOM   402 O OP2   . DG  A 1 20 ? 8.187   -9.721  9.344   1.00 43.15 ? 20 DG  A OP2   1 
ATOM   403 O "O5'" . DG  A 1 20 ? 6.655   -8.928  7.663   1.00 39.60 ? 20 DG  A "O5'" 1 
ATOM   404 C "C5'" . DG  A 1 20 ? 5.430   -8.484  7.133   1.00 37.76 ? 20 DG  A "C5'" 1 
ATOM   405 C "C4'" . DG  A 1 20 ? 5.434   -8.901  5.687   1.00 36.05 ? 20 DG  A "C4'" 1 
ATOM   406 O "O4'" . DG  A 1 20 ? 4.113   -8.618  5.173   1.00 34.82 ? 20 DG  A "O4'" 1 
ATOM   407 C "C3'" . DG  A 1 20 ? 6.445   -8.141  4.833   1.00 35.84 ? 20 DG  A "C3'" 1 
ATOM   408 O "O3'" . DG  A 1 20 ? 7.246   -9.090  4.120   1.00 40.33 ? 20 DG  A "O3'" 1 
ATOM   409 C "C2'" . DG  A 1 20 ? 5.601   -7.278  3.902   1.00 33.67 ? 20 DG  A "C2'" 1 
ATOM   410 C "C1'" . DG  A 1 20 ? 4.233   -7.958  3.932   1.00 31.09 ? 20 DG  A "C1'" 1 
ATOM   411 N N9    . DG  A 1 20 ? 3.153   -6.990  3.814   1.00 26.65 ? 20 DG  A N9    1 
ATOM   412 C C8    . DG  A 1 20 ? 2.743   -6.060  4.724   1.00 25.89 ? 20 DG  A C8    1 
ATOM   413 N N7    . DG  A 1 20 ? 1.735   -5.331  4.285   1.00 26.04 ? 20 DG  A N7    1 
ATOM   414 C C5    . DG  A 1 20 ? 1.476   -5.844  3.023   1.00 23.15 ? 20 DG  A C5    1 
ATOM   415 C C6    . DG  A 1 20 ? 0.507   -5.481  2.059   1.00 22.92 ? 20 DG  A C6    1 
ATOM   416 O O6    . DG  A 1 20 ? -0.366  -4.590  2.115   1.00 23.39 ? 20 DG  A O6    1 
ATOM   417 N N1    . DG  A 1 20 ? 0.579   -6.234  0.900   1.00 22.61 ? 20 DG  A N1    1 
ATOM   418 C C2    . DG  A 1 20 ? 1.487   -7.249  0.695   1.00 24.44 ? 20 DG  A C2    1 
ATOM   419 N N2    . DG  A 1 20 ? 1.417   -7.901  -0.475  1.00 23.02 ? 20 DG  A N2    1 
ATOM   420 N N3    . DG  A 1 20 ? 2.393   -7.616  1.597   1.00 26.86 ? 20 DG  A N3    1 
ATOM   421 C C4    . DG  A 1 20 ? 2.335   -6.860  2.727   1.00 24.32 ? 20 DG  A C4    1 
ATOM   422 P P     . DG  A 1 21 ? 8.470   -8.641  3.163   1.00 42.26 ? 21 DG  A P     1 
ATOM   423 O OP1   . DG  A 1 21 ? 9.352   -9.819  3.061   1.00 44.81 ? 21 DG  A OP1   1 
ATOM   424 O OP2   . DG  A 1 21 ? 8.988   -7.308  3.537   1.00 41.16 ? 21 DG  A OP2   1 
ATOM   425 O "O5'" . DG  A 1 21 ? 7.745   -8.434  1.751   1.00 40.21 ? 21 DG  A "O5'" 1 
ATOM   426 C "C5'" . DG  A 1 21 ? 7.408   -9.566  0.960   1.00 39.59 ? 21 DG  A "C5'" 1 
ATOM   427 C "C4'" . DG  A 1 21 ? 7.062   -9.108  -0.437  1.00 38.20 ? 21 DG  A "C4'" 1 
ATOM   428 O "O4'" . DG  A 1 21 ? 5.842   -8.331  -0.382  1.00 34.28 ? 21 DG  A "O4'" 1 
ATOM   429 C "C3'" . DG  A 1 21 ? 8.121   -8.217  -1.095  1.00 39.08 ? 21 DG  A "C3'" 1 
ATOM   430 O "O3'" . DG  A 1 21 ? 8.393   -8.676  -2.417  1.00 41.71 ? 21 DG  A "O3'" 1 
ATOM   431 C "C2'" . DG  A 1 21 ? 7.482   -6.834  -1.136  1.00 36.12 ? 21 DG  A "C2'" 1 
ATOM   432 C "C1'" . DG  A 1 21 ? 5.992   -7.164  -1.155  1.00 33.05 ? 21 DG  A "C1'" 1 
ATOM   433 N N9    . DG  A 1 21 ? 5.115   -6.128  -0.615  1.00 28.90 ? 21 DG  A N9    1 
ATOM   434 C C8    . DG  A 1 21 ? 5.161   -5.515  0.617   1.00 28.07 ? 21 DG  A C8    1 
ATOM   435 N N7    . DG  A 1 21 ? 4.224   -4.627  0.801   1.00 24.39 ? 21 DG  A N7    1 
ATOM   436 C C5    . DG  A 1 21 ? 3.493   -4.664  -0.387  1.00 24.55 ? 21 DG  A C5    1 
ATOM   437 C C6    . DG  A 1 21 ? 2.336   -3.963  -0.784  1.00 24.57 ? 21 DG  A C6    1 
ATOM   438 O O6    . DG  A 1 21 ? 1.705   -3.087  -0.137  1.00 26.32 ? 21 DG  A O6    1 
ATOM   439 N N1    . DG  A 1 21 ? 1.903   -4.292  -2.079  1.00 24.22 ? 21 DG  A N1    1 
ATOM   440 C C2    . DG  A 1 21 ? 2.497   -5.237  -2.890  1.00 26.03 ? 21 DG  A C2    1 
ATOM   441 N N2    . DG  A 1 21 ? 1.969   -5.466  -4.115  1.00 23.59 ? 21 DG  A N2    1 
ATOM   442 N N3    . DG  A 1 21 ? 3.564   -5.915  -2.502  1.00 27.61 ? 21 DG  A N3    1 
ATOM   443 C C4    . DG  A 1 21 ? 4.017   -5.582  -1.259  1.00 27.58 ? 21 DG  A C4    1 
ATOM   444 P P     . DG  A 1 22 ? 9.547   -8.019  -3.321  1.00 43.24 ? 22 DG  A P     1 
ATOM   445 O OP1   . DG  A 1 22 ? 10.304  -9.173  -3.851  1.00 45.89 ? 22 DG  A OP1   1 
ATOM   446 O OP2   . DG  A 1 22 ? 10.224  -6.935  -2.586  1.00 43.08 ? 22 DG  A OP2   1 
ATOM   447 O "O5'" . DG  A 1 22 ? 8.746   -7.281  -4.481  1.00 41.06 ? 22 DG  A "O5'" 1 
ATOM   448 C "C5'" . DG  A 1 22 ? 7.729   -7.969  -5.200  1.00 41.02 ? 22 DG  A "C5'" 1 
ATOM   449 C "C4'" . DG  A 1 22 ? 7.149   -7.075  -6.284  1.00 38.70 ? 22 DG  A "C4'" 1 
ATOM   450 O "O4'" . DG  A 1 22 ? 6.192   -6.206  -5.646  1.00 36.61 ? 22 DG  A "O4'" 1 
ATOM   451 C "C3'" . DG  A 1 22 ? 8.116   -6.140  -7.014  1.00 39.39 ? 22 DG  A "C3'" 1 
ATOM   452 O "O3'" . DG  A 1 22 ? 7.790   -6.152  -8.395  1.00 40.80 ? 22 DG  A "O3'" 1 
ATOM   453 C "C2'" . DG  A 1 22 ? 7.837   -4.755  -6.422  1.00 36.75 ? 22 DG  A "C2'" 1 
ATOM   454 C "C1'" . DG  A 1 22 ? 6.354   -4.877  -6.090  1.00 34.04 ? 22 DG  A "C1'" 1 
ATOM   455 N N9    . DG  A 1 22 ? 5.896   -4.073  -4.967  1.00 31.19 ? 22 DG  A N9    1 
ATOM   456 C C8    . DG  A 1 22 ? 6.444   -4.016  -3.703  1.00 30.60 ? 22 DG  A C8    1 
ATOM   457 N N7    . DG  A 1 22 ? 5.793   -3.208  -2.904  1.00 29.62 ? 22 DG  A N7    1 
ATOM   458 C C5    . DG  A 1 22 ? 4.754   -2.719  -3.686  1.00 27.95 ? 22 DG  A C5    1 
ATOM   459 C C6    . DG  A 1 22 ? 3.708   -1.814  -3.376  1.00 27.37 ? 22 DG  A C6    1 
ATOM   460 O O6    . DG  A 1 22 ? 3.499   -1.238  -2.300  1.00 25.23 ? 22 DG  A O6    1 
ATOM   461 N N1    . DG  A 1 22 ? 2.860   -1.569  -4.459  1.00 24.40 ? 22 DG  A N1    1 
ATOM   462 C C2    . DG  A 1 22 ? 3.003   -2.158  -5.689  1.00 25.62 ? 22 DG  A C2    1 
ATOM   463 N N2    . DG  A 1 22 ? 2.107   -1.848  -6.645  1.00 25.33 ? 22 DG  A N2    1 
ATOM   464 N N3    . DG  A 1 22 ? 3.961   -3.018  -5.978  1.00 27.74 ? 22 DG  A N3    1 
ATOM   465 C C4    . DG  A 1 22 ? 4.800   -3.247  -4.946  1.00 28.82 ? 22 DG  A C4    1 
HETATM 466 C CAD   . T5E B 2 .  ? -6.055  3.948   -4.953  1.00 63.31 ? 23 T5E A CAD   1 
HETATM 467 C CAA   . T5E B 2 .  ? 5.324   -3.001  -13.830 1.00 69.01 ? 23 T5E A CAA   1 
HETATM 468 C CAB   . T5E B 2 .  ? -1.149  9.048   8.515   1.00 66.27 ? 23 T5E A CAB   1 
HETATM 469 C CAC   . T5E B 2 .  ? 9.134   -4.226  0.566   1.00 65.75 ? 23 T5E A CAC   1 
HETATM 470 O OAE   . T5E B 2 .  ? 6.031   3.478   1.033   1.00 49.33 ? 23 T5E A OAE   1 
HETATM 471 O OAF   . T5E B 2 .  ? 1.018   4.553   -5.270  1.00 51.02 ? 23 T5E A OAF   1 
HETATM 472 O OAG   . T5E B 2 .  ? 6.141   0.892   -2.767  1.00 48.15 ? 23 T5E A OAG   1 
HETATM 473 O OAH   . T5E B 2 .  ? 0.971   7.110   -1.463  1.00 49.68 ? 23 T5E A OAH   1 
HETATM 474 C CAI   . T5E B 2 .  ? 4.056   4.934   0.133   1.00 47.42 ? 23 T5E A CAI   1 
HETATM 475 C CAJ   . T5E B 2 .  ? 3.016   3.032   -4.405  1.00 46.32 ? 23 T5E A CAJ   1 
HETATM 476 C CAK   . T5E B 2 .  ? 5.543   0.217   -6.568  1.00 56.69 ? 23 T5E A CAK   1 
HETATM 477 C CAL   . T5E B 2 .  ? 2.968   8.517   2.023   1.00 56.62 ? 23 T5E A CAL   1 
HETATM 478 C CAM   . T5E B 2 .  ? 5.118   -0.398  -7.905  1.00 60.33 ? 23 T5E A CAM   1 
HETATM 479 C CAN   . T5E B 2 .  ? 2.132   8.752   3.282   1.00 59.73 ? 23 T5E A CAN   1 
HETATM 480 C CAO   . T5E B 2 .  ? 9.742   1.620   0.259   1.00 59.46 ? 23 T5E A CAO   1 
HETATM 481 C CAP   . T5E B 2 .  ? -1.098  8.091   -5.837  1.00 58.38 ? 23 T5E A CAP   1 
HETATM 482 C CAQ   . T5E B 2 .  ? 8.360   2.257   0.285   1.00 55.62 ? 23 T5E A CAQ   1 
HETATM 483 C CAR   . T5E B 2 .  ? 0.163   7.653   -5.055  1.00 55.69 ? 23 T5E A CAR   1 
HETATM 484 C CAS   . T5E B 2 .  ? 4.475   1.195   -6.067  1.00 53.15 ? 23 T5E A CAS   1 
HETATM 485 C CAT   . T5E B 2 .  ? 3.148   7.030   1.717   1.00 53.97 ? 23 T5E A CAT   1 
HETATM 486 C CAU   . T5E B 2 .  ? 6.203   -1.330  -8.475  1.00 63.21 ? 23 T5E A CAU   1 
HETATM 487 C CAV   . T5E B 2 .  ? 2.855   8.319   4.576   1.00 62.33 ? 23 T5E A CAV   1 
HETATM 488 C CAW   . T5E B 2 .  ? 10.001  0.872   1.573   1.00 62.21 ? 23 T5E A CAW   1 
HETATM 489 C CAX   . T5E B 2 .  ? -1.661  6.960   -6.742  1.00 60.46 ? 23 T5E A CAX   1 
HETATM 490 C CAY   . T5E B 2 .  ? 4.587   -1.737  -11.914 1.00 68.05 ? 23 T5E A CAY   1 
HETATM 491 C CAZ   . T5E B 2 .  ? 6.562   -3.186  -11.759 1.00 67.98 ? 23 T5E A CAZ   1 
HETATM 492 C CBA   . T5E B 2 .  ? 1.057   9.519   7.718   1.00 65.86 ? 23 T5E A CBA   1 
HETATM 493 C CBB   . T5E B 2 .  ? -0.337  7.830   6.634   1.00 65.23 ? 23 T5E A CBB   1 
HETATM 494 C CBC   . T5E B 2 .  ? 9.839   -2.033  -0.237  1.00 67.01 ? 23 T5E A CBC   1 
HETATM 495 C CBD   . T5E B 2 .  ? 9.613   -2.422  2.148   1.00 66.44 ? 23 T5E A CBD   1 
HETATM 496 C CBE   . T5E B 2 .  ? -4.854  4.907   -6.844  1.00 64.14 ? 23 T5E A CBE   1 
HETATM 497 C CBF   . T5E B 2 .  ? -4.675  5.880   -4.641  1.00 63.62 ? 23 T5E A CBF   1 
HETATM 498 C CBG   . T5E B 2 .  ? 5.045   -1.011  -10.633 1.00 66.85 ? 23 T5E A CBG   1 
HETATM 499 C CBH   . T5E B 2 .  ? 6.971   -2.480  -10.452 1.00 66.81 ? 23 T5E A CBH   1 
HETATM 500 C CBI   . T5E B 2 .  ? 1.994   9.565   6.496   1.00 65.03 ? 23 T5E A CBI   1 
HETATM 501 C CBJ   . T5E B 2 .  ? 0.579   7.839   5.400   1.00 64.41 ? 23 T5E A CBJ   1 
HETATM 502 C CBK   . T5E B 2 .  ? 10.873  -0.905  -0.006  1.00 66.30 ? 23 T5E A CBK   1 
HETATM 503 C CBL   . T5E B 2 .  ? 10.644  -1.331  2.485   1.00 65.59 ? 23 T5E A CBL   1 
HETATM 504 C CBM   . T5E B 2 .  ? -3.486  5.489   -7.276  1.00 62.67 ? 23 T5E A CBM   1 
HETATM 505 C CBN   . T5E B 2 .  ? -3.306  6.469   -4.975  1.00 62.77 ? 23 T5E A CBN   1 
HETATM 506 C CBO   . T5E B 2 .  ? 7.292   1.320   -0.305  1.00 52.71 ? 23 T5E A CBO   1 
HETATM 507 C CBP   . T5E B 2 .  ? -0.211  6.745   -3.876  1.00 52.11 ? 23 T5E A CBP   1 
HETATM 508 N NBQ   . T5E B 2 .  ? 4.585   1.279   -4.607  1.00 49.12 ? 23 T5E A NBQ   1 
HETATM 509 N NBR   . T5E B 2 .  ? 2.541   6.709   0.409   1.00 51.72 ? 23 T5E A NBR   1 
HETATM 510 C CBS   . T5E B 2 .  ? 4.069   2.278   -3.899  1.00 46.90 ? 23 T5E A CBS   1 
HETATM 511 C CBT   . T5E B 2 .  ? 3.018   5.706   -0.352  1.00 49.36 ? 23 T5E A CBT   1 
HETATM 512 C CBU   . T5E B 2 .  ? 5.607   3.167   -0.090  1.00 48.26 ? 23 T5E A CBU   1 
HETATM 513 C CBV   . T5E B 2 .  ? 1.451   4.833   -4.151  1.00 48.51 ? 23 T5E A CBV   1 
HETATM 514 C CBW   . T5E B 2 .  ? 5.646   1.816   -2.116  1.00 47.67 ? 23 T5E A CBW   1 
HETATM 515 C CBX   . T5E B 2 .  ? 1.441   6.180   -2.126  1.00 49.22 ? 23 T5E A CBX   1 
HETATM 516 C CBY   . T5E B 2 .  ? 4.565   3.896   -0.625  1.00 46.58 ? 23 T5E A CBY   1 
HETATM 517 C CBZ   . T5E B 2 .  ? 2.491   4.074   -3.640  1.00 46.81 ? 23 T5E A CBZ   1 
HETATM 518 C CCA   . T5E B 2 .  ? 4.587   2.559   -2.635  1.00 46.06 ? 23 T5E A CCA   1 
HETATM 519 C CCB   . T5E B 2 .  ? 2.490   5.415   -1.618  1.00 48.05 ? 23 T5E A CCB   1 
HETATM 520 C CCC   . T5E B 2 .  ? 4.052   3.601   -1.880  1.00 46.00 ? 23 T5E A CCC   1 
HETATM 521 C CCD   . T5E B 2 .  ? 3.005   4.362   -2.378  1.00 46.05 ? 23 T5E A CCD   1 
HETATM 522 N NCE   . T5E B 2 .  ? 5.766   -2.279  -12.622 1.00 68.64 ? 23 T5E A NCE   1 
HETATM 523 N NCF   . T5E B 2 .  ? -0.315  9.143   7.306   1.00 65.64 ? 23 T5E A NCF   1 
HETATM 524 N NCG   . T5E B 2 .  ? 9.947   -3.032  0.844   1.00 67.25 ? 23 T5E A NCG   1 
HETATM 525 N NCH   . T5E B 2 .  ? -4.832  4.624   -5.391  1.00 64.61 ? 23 T5E A NCH   1 
HETATM 526 N NCI   . T5E B 2 .  ? 5.777   -1.954  -9.752  1.00 65.62 ? 23 T5E A NCI   1 
HETATM 527 N NCJ   . T5E B 2 .  ? 1.948   8.282   5.750   1.00 64.24 ? 23 T5E A NCJ   1 
HETATM 528 N NCK   . T5E B 2 .  ? 10.803  -0.354  1.377   1.00 64.89 ? 23 T5E A NCK   1 
HETATM 529 N NCL   . T5E B 2 .  ? -3.080  6.643   -6.441  1.00 62.30 ? 23 T5E A NCL   1 
HETATM 530 N NCM   . T5E B 2 .  ? 6.159   2.116   -0.842  1.00 48.86 ? 23 T5E A NCM   1 
HETATM 531 N NCN   . T5E B 2 .  ? 0.920   5.903   -3.397  1.00 49.48 ? 23 T5E A NCN   1 
HETATM 532 K K     . K   C 3 .  ? 1.224   -0.336  -1.130  1.00 27.35 ? 24 K   A K     1 
HETATM 533 K K     . K   D 3 .  ? -1.021  -2.702  0.172   1.00 27.58 ? 25 K   A K     1 
HETATM 534 K K     . K   E 3 .  ? -3.156  -4.917  1.495   0.50 22.84 ? 26 K   A K     1 
HETATM 535 O O     . HOH F 4 .  ? -5.024  -2.208  -7.290  1.00 44.93 ? 27 HOH A O     1 
HETATM 536 O O     . HOH F 4 .  ? 6.357   -3.436  4.955   1.00 34.20 ? 28 HOH A O     1 
HETATM 537 O O     . HOH F 4 .  ? 5.170   -4.914  7.291   1.00 31.93 ? 29 HOH A O     1 
HETATM 538 O O     . HOH F 4 .  ? 9.568   -6.754  6.552   1.00 26.93 ? 30 HOH A O     1 
HETATM 539 O O     . HOH F 4 .  ? 7.762   -4.878  6.975   1.00 36.72 ? 31 HOH A O     1 
HETATM 540 O O     . HOH F 4 .  ? 9.777   -3.300  8.525   1.00 27.30 ? 32 HOH A O     1 
HETATM 541 O O     . HOH F 4 .  ? -2.090  4.833   4.967   1.00 34.96 ? 33 HOH A O     1 
HETATM 542 O O     . HOH F 4 .  ? -5.271  3.713   6.146   1.00 34.41 ? 34 HOH A O     1 
HETATM 543 O O     . HOH F 4 .  ? -5.159  3.808   3.343   1.00 36.60 ? 35 HOH A O     1 
HETATM 544 O O     . HOH F 4 .  ? 3.336   -8.968  10.248  1.00 28.39 ? 36 HOH A O     1 
HETATM 545 O O     . HOH F 4 .  ? -4.243  -2.315  -17.526 1.00 39.49 ? 37 HOH A O     1 
HETATM 546 O O     . HOH F 4 .  ? 7.677   3.060   14.839  1.00 28.24 ? 38 HOH A O     1 
HETATM 547 O O     . HOH F 4 .  ? -7.241  2.378   7.114   1.00 31.08 ? 39 HOH A O     1 
HETATM 548 O O     . HOH F 4 .  ? 3.951   -2.586  6.950   1.00 40.00 ? 40 HOH A O     1 
HETATM 549 O O     . HOH F 4 .  ? 0.403   -2.133  8.700   1.00 31.39 ? 41 HOH A O     1 
HETATM 550 O O     . HOH F 4 .  ? -5.074  7.432   -15.297 1.00 36.25 ? 42 HOH A O     1 
HETATM 551 O O     . HOH F 4 .  ? 2.059   -0.109  -14.554 1.00 43.97 ? 43 HOH A O     1 
HETATM 552 O O     . HOH F 4 .  ? 8.923   1.975   16.992  1.00 25.81 ? 44 HOH A O     1 
HETATM 553 O O     . HOH F 4 .  ? -9.358  2.494   11.056  1.00 34.51 ? 45 HOH A O     1 
HETATM 554 O O     . HOH F 4 .  ? -5.217  1.266   -6.625  1.00 46.10 ? 46 HOH A O     1 
HETATM 555 O O     . HOH F 4 .  ? 3.791   -10.030 0.200   1.00 35.30 ? 47 HOH A O     1 
HETATM 556 O O     . HOH F 4 .  ? -3.739  5.648   6.950   1.00 44.24 ? 48 HOH A O     1 
HETATM 557 O O     . HOH F 4 .  ? 0.047   -12.158 -2.761  1.00 47.90 ? 49 HOH A O     1 
HETATM 558 O O     . HOH F 4 .  ? -6.119  -5.412  -9.430  1.00 39.90 ? 50 HOH A O     1 
HETATM 559 O O     . HOH F 4 .  ? -4.981  -5.732  -6.935  1.00 38.40 ? 51 HOH A O     1 
HETATM 560 O O     . HOH F 4 .  ? -8.659  -4.920  -8.341  0.50 21.48 ? 52 HOH A O     1 
HETATM 561 O O     . HOH F 4 .  ? 3.230   -6.747  -6.322  1.00 19.28 ? 53 HOH A O     1 
HETATM 562 O O     . HOH F 4 .  ? 5.574   -5.778  -10.097 1.00 23.64 ? 54 HOH A O     1 
HETATM 563 O O     . HOH F 4 .  ? 2.632   -3.148  -9.321  1.00 27.25 ? 55 HOH A O     1 
HETATM 564 O O     . HOH F 4 .  ? -4.339  8.508   6.877   1.00 26.22 ? 56 HOH A O     1 
HETATM 565 O O     . HOH F 4 .  ? -2.401  12.336  0.599   1.00 35.76 ? 57 HOH A O     1 
HETATM 566 O O     . HOH F 4 .  ? -8.616  5.971   -12.628 1.00 30.75 ? 58 HOH A O     1 
HETATM 567 O O     . HOH F 4 .  ? -7.473  2.406   -10.655 1.00 35.77 ? 59 HOH A O     1 
HETATM 568 O O     . HOH F 4 .  ? 2.707   5.143   5.618   1.00 27.48 ? 60 HOH A O     1 
HETATM 569 O O     . HOH F 4 .  ? 0.242   4.372   6.249   1.00 48.51 ? 61 HOH A O     1 
HETATM 570 O O     . HOH F 4 .  ? 9.680   3.022   9.500   1.00 22.01 ? 62 HOH A O     1 
HETATM 571 O O     . HOH F 4 .  ? 5.742   -10.866 -3.849  1.00 38.83 ? 63 HOH A O     1 
HETATM 572 O O     . HOH F 4 .  ? 3.882   -8.487  -3.194  1.00 40.02 ? 64 HOH A O     1 
# 
loop_
_atom_site_anisotrop.id 
_atom_site_anisotrop.type_symbol 
_atom_site_anisotrop.pdbx_label_atom_id 
_atom_site_anisotrop.pdbx_label_alt_id 
_atom_site_anisotrop.pdbx_label_comp_id 
_atom_site_anisotrop.pdbx_label_asym_id 
_atom_site_anisotrop.pdbx_label_seq_id 
_atom_site_anisotrop.pdbx_PDB_ins_code 
_atom_site_anisotrop.U[1][1] 
_atom_site_anisotrop.U[2][2] 
_atom_site_anisotrop.U[3][3] 
_atom_site_anisotrop.U[1][2] 
_atom_site_anisotrop.U[1][3] 
_atom_site_anisotrop.U[2][3] 
_atom_site_anisotrop.pdbx_auth_seq_id 
_atom_site_anisotrop.pdbx_auth_comp_id 
_atom_site_anisotrop.pdbx_auth_asym_id 
_atom_site_anisotrop.pdbx_auth_atom_id 
1   O "O5'" . DA A 1  ? 0.7557 0.7456 0.7626 0.0955  0.0923  -0.0076 1  DA A "O5'" 
2   C "C5'" . DA A 1  ? 0.7555 0.7370 0.7749 0.1023  0.0856  -0.0161 1  DA A "C5'" 
3   C "C4'" . DA A 1  ? 0.7667 0.7093 0.7477 0.1072  0.0611  -0.0346 1  DA A "C4'" 
4   O "O4'" . DA A 1  ? 0.7832 0.7076 0.7526 0.1258  0.0655  -0.0445 1  DA A "O4'" 
5   C "C3'" . DA A 1  ? 0.7272 0.6711 0.7319 0.0868  0.0311  -0.0392 1  DA A "C3'" 
6   O "O3'" . DA A 1  ? 0.7319 0.6767 0.7268 0.0721  0.0195  -0.0365 1  DA A "O3'" 
7   C "C2'" . DA A 1  ? 0.7487 0.6550 0.7194 0.0995  0.0152  -0.0577 1  DA A "C2'" 
8   C "C1'" . DA A 1  ? 0.7382 0.6452 0.7094 0.1202  0.0388  -0.0571 1  DA A "C1'" 
9   N N9    . DA A 1  ? 0.6498 0.5792 0.6714 0.1145  0.0390  -0.0528 1  DA A N9    
10  C C8    . DA A 1  ? 0.5780 0.5468 0.6514 0.1020  0.0503  -0.0372 1  DA A C8    
11  N N7    . DA A 1  ? 0.5428 0.5244 0.6542 0.0991  0.0473  -0.0367 1  DA A N7    
12  C C5    . DA A 1  ? 0.5658 0.5144 0.6487 0.1102  0.0329  -0.0533 1  DA A C5    
13  C C6    . DA A 1  ? 0.5596 0.5031 0.6605 0.1133  0.0237  -0.0608 1  DA A C6    
14  N N6    . DA A 1  ? 0.5429 0.5163 0.6967 0.1046  0.0282  -0.0519 1  DA A N6    
15  N N1    . DA A 1  ? 0.5941 0.5011 0.6572 0.1255  0.0101  -0.0776 1  DA A N1    
16  C C2    . DA A 1  ? 0.6267 0.5045 0.6371 0.1337  0.0060  -0.0860 1  DA A C2    
17  N N3    . DA A 1  ? 0.6305 0.5098 0.6192 0.1320  0.0140  -0.0802 1  DA A N3    
18  C C4    . DA A 1  ? 0.6174 0.5334 0.6449 0.1200  0.0276  -0.0635 1  DA A C4    
19  P P     . DG A 2  ? 0.6976 0.6683 0.7395 0.0444  0.0003  -0.0293 2  DG A P     
20  O OP1   . DG A 2  ? 0.6617 0.6730 0.7476 0.0352  0.0197  -0.0110 2  DG A OP1   
21  O OP2   . DG A 2  ? 0.6848 0.6454 0.7420 0.0397  -0.0222 -0.0399 2  DG A OP2   
22  O "O5'" . DG A 2  ? 0.6686 0.6228 0.6753 0.0359  -0.0147 -0.0330 2  DG A "O5'" 
23  C "C5'" . DG A 2  ? 0.6475 0.5624 0.6062 0.0431  -0.0332 -0.0496 2  DG A "C5'" 
24  C "C4'" . DG A 2  ? 0.6037 0.5140 0.5420 0.0308  -0.0444 -0.0484 2  DG A "C4'" 
25  O "O4'" . DG A 2  ? 0.5102 0.4422 0.4897 0.0059  -0.0630 -0.0427 2  DG A "O4'" 
26  C "C3'" . DG A 2  ? 0.5925 0.5182 0.5227 0.0342  -0.0201 -0.0358 2  DG A "C3'" 
27  O "O3'" . DG A 2  ? 0.6771 0.5719 0.5502 0.0469  -0.0196 -0.0444 2  DG A "O3'" 
28  C "C2'" . DG A 2  ? 0.5108 0.4646 0.4743 0.0099  -0.0277 -0.0239 2  DG A "C2'" 
29  C "C1'" . DG A 2  ? 0.4441 0.3954 0.4301 -0.0067 -0.0575 -0.0309 2  DG A "C1'" 
30  N N9    . DG A 2  ? 0.3273 0.3169 0.3719 -0.0263 -0.0579 -0.0175 2  DG A N9    
31  C C8    . DG A 2  ? 0.2845 0.2994 0.3752 -0.0278 -0.0480 -0.0102 2  DG A C8    
32  N N7    . DG A 2  ? 0.2484 0.2960 0.3858 -0.0482 -0.0512 0.0019  2  DG A N7    
33  C C5    . DG A 2  ? 0.2219 0.2652 0.3429 -0.0610 -0.0642 0.0025  2  DG A C5    
34  C C6    . DG A 2  ? 0.1997 0.2676 0.3515 -0.0844 -0.0738 0.0125  2  DG A C6    
35  O O6    . DG A 2  ? 0.1957 0.2971 0.3990 -0.1003 -0.0728 0.0242  2  DG A O6    
36  N N1    . DG A 2  ? 0.1785 0.2302 0.2961 -0.0896 -0.0853 0.0088  2  DG A N1    
37  C C2    . DG A 2  ? 0.2503 0.2659 0.3110 -0.0751 -0.0885 -0.0034 2  DG A C2    
38  N N2    . DG A 2  ? 0.2177 0.2231 0.2534 -0.0839 -0.1006 -0.0051 2  DG A N2    
39  N N3    . DG A 2  ? 0.2933 0.2852 0.3241 -0.0533 -0.0801 -0.0131 2  DG A N3    
40  C C4    . DG A 2  ? 0.2825 0.2902 0.3463 -0.0475 -0.0682 -0.0094 2  DG A C4    
41  P P     . DG A 3  ? 0.7281 0.6291 0.5784 0.0566  0.0069  -0.0349 3  DG A P     
42  O OP1   . DG A 3  ? 0.7885 0.6503 0.5777 0.0741  0.0047  -0.0484 3  DG A OP1   
43  O OP2   . DG A 3  ? 0.7015 0.6320 0.5852 0.0623  0.0341  -0.0217 3  DG A OP2   
44  O "O5'" . DG A 3  ? 0.6598 0.5794 0.5242 0.0345  -0.0019 -0.0253 3  DG A "O5'" 
45  C "C5'" . DG A 3  ? 0.6525 0.5475 0.4806 0.0291  -0.0223 -0.0344 3  DG A "C5'" 
46  C "C4'" . DG A 3  ? 0.5959 0.5131 0.4373 0.0119  -0.0212 -0.0221 3  DG A "C4'" 
47  O "O4'" . DG A 3  ? 0.5244 0.4711 0.4209 -0.0093 -0.0321 -0.0141 3  DG A "O4'" 
48  C "C3'" . DG A 3  ? 0.6043 0.5414 0.4469 0.0198  0.0098  -0.0084 3  DG A "C3'" 
49  O "O3'" . DG A 3  ? 0.6229 0.5489 0.4293 0.0193  0.0103  -0.0080 3  DG A "O3'" 
50  C "C2'" . DG A 3  ? 0.5386 0.5183 0.4413 0.0019  0.0156  0.0076  3  DG A "C2'" 
51  C "C1'" . DG A 3  ? 0.4784 0.4588 0.4037 -0.0188 -0.0150 0.0029  3  DG A "C1'" 
52  N N9    . DG A 3  ? 0.3955 0.4095 0.3804 -0.0319 -0.0139 0.0128  3  DG A N9    
53  C C8    . DG A 3  ? 0.3858 0.4095 0.3965 -0.0233 -0.0030 0.0138  3  DG A C8    
54  N N7    . DG A 3  ? 0.3459 0.4017 0.4105 -0.0392 -0.0045 0.0240  3  DG A N7    
55  C C5    . DG A 3  ? 0.2892 0.3567 0.3638 -0.0594 -0.0173 0.0298  3  DG A C5    
56  C C6    . DG A 3  ? 0.2582 0.3585 0.3835 -0.0821 -0.0245 0.0410  3  DG A C6    
57  O O6    . DG A 3  ? 0.2478 0.3738 0.4207 -0.0886 -0.0204 0.0482  3  DG A O6    
58  N N1    . DG A 3  ? 0.2163 0.3186 0.3343 -0.0979 -0.0371 0.0438  3  DG A N1    
59  C C2    . DG A 3  ? 0.2328 0.3079 0.2997 -0.0920 -0.0421 0.0364  3  DG A C2    
60  N N2    . DG A 3  ? 0.1950 0.2752 0.2604 -0.1087 -0.0543 0.0402  3  DG A N2    
61  N N3    . DG A 3  ? 0.2995 0.3440 0.3192 -0.0707 -0.0355 0.0258  3  DG A N3    
62  C C4    . DG A 3  ? 0.3261 0.3686 0.3525 -0.0552 -0.0231 0.0232  3  DG A C4    
63  P P     . DG A 4  ? 0.6403 0.5845 0.4415 0.0235  0.0376  0.0059  4  DG A P     
64  O OP1   . DG A 4  ? 0.6899 0.6033 0.4331 0.0344  0.0363  -0.0026 4  DG A OP1   
65  O OP2   . DG A 4  ? 0.6618 0.6265 0.4867 0.0350  0.0647  0.0149  4  DG A OP2   
66  O "O5'" . DG A 4  ? 0.5788 0.5535 0.4183 -0.0024 0.0290  0.0182  4  DG A "O5'" 
67  C "C5'" . DG A 4  ? 0.5486 0.5100 0.3710 -0.0161 0.0051  0.0127  4  DG A "C5'" 
68  C "C4'" . DG A 4  ? 0.4812 0.4739 0.3342 -0.0363 0.0068  0.0274  4  DG A "C4'" 
69  O "O4'" . DG A 4  ? 0.4414 0.4641 0.3524 -0.0520 0.0016  0.0352  4  DG A "O4'" 
70  C "C3'" . DG A 4  ? 0.5100 0.5216 0.3618 -0.0293 0.0363  0.0409  4  DG A "C3'" 
71  O "O3'" . DG A 4  ? 0.5128 0.5343 0.3638 -0.0450 0.0305  0.0479  4  DG A "O3'" 
72  C "C2'" . DG A 4  ? 0.4641 0.5114 0.3705 -0.0334 0.0520  0.0537  4  DG A "C2'" 
73  C "C1'" . DG A 4  ? 0.4148 0.4724 0.3594 -0.0542 0.0260  0.0519  4  DG A "C1'" 
74  N N9    . DG A 4  ? 0.3657 0.4439 0.3561 -0.0557 0.0305  0.0560  4  DG A N9    
75  C C8    . DG A 4  ? 0.3857 0.4547 0.3735 -0.0381 0.0407  0.0505  4  DG A C8    
76  N N7    . DG A 4  ? 0.3447 0.4379 0.3810 -0.0450 0.0421  0.0563  4  DG A N7    
77  C C5    . DG A 4  ? 0.3031 0.4226 0.3755 -0.0685 0.0323  0.0663  4  DG A C5    
78  C C6    . DG A 4  ? 0.2600 0.4124 0.3904 -0.0852 0.0293  0.0761  4  DG A C6    
79  O O6    . DG A 4  ? 0.2575 0.4217 0.4185 -0.0818 0.0350  0.0775  4  DG A O6    
80  N N1    . DG A 4  ? 0.2154 0.3874 0.3680 -0.1073 0.0187  0.0846  4  DG A N1    
81  C C2    . DG A 4  ? 0.2648 0.4254 0.3857 -0.1125 0.0118  0.0836  4  DG A C2    
82  N N2    . DG A 4  ? 0.2464 0.4281 0.3934 -0.1345 0.0017  0.0924  4  DG A N2    
83  N N3    . DG A 4  ? 0.2908 0.4203 0.3570 -0.0969 0.0144  0.0744  4  DG A N3    
84  C C4    . DG A 4  ? 0.3110 0.4216 0.3559 -0.0753 0.0250  0.0662  4  DG A C4    
85  P P     . DT A 5  ? 0.6419 0.5947 0.5470 -0.0787 0.0078  0.0555  5  DT A P     
86  O OP1   . DT A 5  ? 0.6403 0.6303 0.5330 -0.1074 0.0136  0.0666  5  DT A OP1   
87  O OP2   . DT A 5  ? 0.6501 0.5407 0.5336 -0.0715 -0.0105 0.0602  5  DT A OP2   
88  O "O5'" . DT A 5  ? 0.6419 0.6130 0.5495 -0.0665 0.0091  0.0500  5  DT A "O5'" 
89  C "C5'" . DT A 5  ? 0.6371 0.5914 0.5563 -0.0429 0.0045  0.0405  5  DT A "C5'" 
90  C "C4'" . DT A 5  ? 0.6258 0.6040 0.5457 -0.0371 0.0071  0.0364  5  DT A "C4'" 
91  O "O4'" . DT A 5  ? 0.6012 0.6159 0.5399 -0.0300 0.0168  0.0237  5  DT A "O4'" 
92  C "C3'" . DT A 5  ? 0.6334 0.5962 0.5549 -0.0200 -0.0010 0.0320  5  DT A "C3'" 
93  O "O3'" . DT A 5  ? 0.6633 0.6238 0.5635 -0.0255 -0.0055 0.0393  5  DT A "O3'" 
94  C "C2'" . DT A 5  ? 0.5953 0.5825 0.5401 -0.0095 0.0042  0.0190  5  DT A "C2'" 
95  C "C1'" . DT A 5  ? 0.5922 0.6060 0.5375 -0.0151 0.0129  0.0148  5  DT A "C1'" 
96  N N1    . DT A 5  ? 0.5716 0.5942 0.5317 -0.0062 0.0142  0.0015  5  DT A N1    
97  C C2    . DT A 5  ? 0.5915 0.6319 0.5439 0.0029  0.0131  -0.0094 5  DT A C2    
98  O O2    . DT A 5  ? 0.6131 0.6730 0.5521 0.0049  0.0139  -0.0092 5  DT A O2    
99  N N3    . DT A 5  ? 0.5872 0.6202 0.5436 0.0117  0.0076  -0.0216 5  DT A N3    
100 C C4    . DT A 5  ? 0.5725 0.5886 0.5428 0.0072  0.0058  -0.0216 5  DT A C4    
101 O O4    . DT A 5  ? 0.5955 0.5997 0.5624 0.0121  -0.0025 -0.0315 5  DT A O4    
102 C C5    . DT A 5  ? 0.5542 0.5651 0.5377 -0.0022 0.0107  -0.0103 5  DT A C5    
103 C C7    . DT A 5  ? 0.5339 0.5380 0.5340 -0.0056 0.0096  -0.0106 5  DT A C7    
104 C C6    . DT A 5  ? 0.5585 0.5692 0.5343 -0.0059 0.0133  -0.0006 5  DT A C6    
105 P P     . DT A 6  ? 0.7022 0.6218 0.5764 -0.0197 -0.0218 0.0464  6  DT A P     
106 O OP1   . DT A 6  ? 0.7237 0.6492 0.5784 -0.0301 -0.0236 0.0542  6  DT A OP1   
107 O OP2   . DT A 6  ? 0.7205 0.5976 0.5752 -0.0215 -0.0340 0.0522  6  DT A OP2   
108 O "O5'" . DT A 6  ? 0.6689 0.6012 0.5645 0.0040  -0.0232 0.0340  6  DT A "O5'" 
109 C "C5'" . DT A 6  ? 0.6810 0.5943 0.5673 0.0233  -0.0367 0.0311  6  DT A "C5'" 
110 C "C4'" . DT A 6  ? 0.6325 0.5854 0.5448 0.0365  -0.0340 0.0209  6  DT A "C4'" 
111 O "O4'" . DT A 6  ? 0.6082 0.5785 0.5236 0.0286  -0.0290 0.0218  6  DT A "O4'" 
112 C "C3'" . DT A 6  ? 0.5874 0.5655 0.5276 0.0314  -0.0248 0.0153  6  DT A "C3'" 
113 O "O3'" . DT A 6  ? 0.6151 0.5928 0.5590 0.0446  -0.0301 0.0109  6  DT A "O3'" 
114 C "C2'" . DT A 6  ? 0.5698 0.5820 0.5232 0.0299  -0.0249 0.0116  6  DT A "C2'" 
115 C "C1'" . DT A 6  ? 0.5666 0.5672 0.5040 0.0257  -0.0252 0.0157  6  DT A "C1'" 
116 N N1    . DT A 6  ? 0.5338 0.5349 0.4718 0.0140  -0.0184 0.0144  6  DT A N1    
117 C C2    . DT A 6  ? 0.5196 0.5325 0.4644 0.0095  -0.0218 0.0093  6  DT A C2    
118 O O2    . DT A 6  ? 0.5230 0.5520 0.4749 0.0075  -0.0282 0.0092  6  DT A O2    
119 N N3    . DT A 6  ? 0.5304 0.5367 0.4673 0.0074  -0.0207 0.0042  6  DT A N3    
120 C C4    . DT A 6  ? 0.5381 0.5456 0.4670 0.0092  -0.0133 0.0032  6  DT A C4    
121 O O4    . DT A 6  ? 0.5673 0.5792 0.4879 0.0141  -0.0145 -0.0053 6  DT A O4    
122 C C5    . DT A 6  ? 0.5328 0.5376 0.4581 0.0052  -0.0078 0.0125  6  DT A C5    
123 C C7    . DT A 6  ? 0.5524 0.5707 0.4663 -0.0020 -0.0008 0.0160  6  DT A C7    
124 C C6    . DT A 6  ? 0.5436 0.5361 0.4703 0.0080  -0.0124 0.0178  6  DT A C6    
125 P P     . DA A 7  ? 0.5891 0.5657 0.5491 0.0361  -0.0220 0.0095  7  DA A P     
126 O OP1   . DA A 7  ? 0.5867 0.5633 0.5450 0.0563  -0.0313 0.0035  7  DA A OP1   
127 O OP2   . DA A 7  ? 0.5851 0.5376 0.5348 0.0186  -0.0153 0.0167  7  DA A OP2   
128 O "O5'" . DA A 7  ? 0.5414 0.5549 0.5260 0.0253  -0.0149 0.0056  7  DA A "O5'" 
129 C "C5'" . DA A 7  ? 0.5260 0.5792 0.5248 0.0298  -0.0196 0.0015  7  DA A "C5'" 
130 C "C4'" . DA A 7  ? 0.5053 0.5721 0.5189 0.0110  -0.0162 0.0010  7  DA A "C4'" 
131 O "O4'" . DA A 7  ? 0.5029 0.5526 0.5063 -0.0004 -0.0166 0.0023  7  DA A "O4'" 
132 C "C3'" . DA A 7  ? 0.4947 0.5452 0.5173 0.0074  -0.0089 -0.0010 7  DA A "C3'" 
133 O "O3'" . DA A 7  ? 0.4961 0.5747 0.5328 -0.0030 -0.0117 -0.0022 7  DA A "O3'" 
134 C "C2'" . DA A 7  ? 0.4742 0.4985 0.4883 -0.0012 -0.0037 -0.0010 7  DA A "C2'" 
135 C "C1'" . DA A 7  ? 0.4905 0.5201 0.4948 -0.0069 -0.0117 -0.0009 7  DA A "C1'" 
136 N N9    . DA A 7  ? 0.4903 0.5034 0.4786 -0.0048 -0.0107 -0.0021 7  DA A N9    
137 C C8    . DA A 7  ? 0.4975 0.5059 0.4755 0.0012  -0.0075 0.0019  7  DA A C8    
138 N N7    . DA A 7  ? 0.5314 0.5361 0.4963 0.0019  -0.0074 -0.0008 7  DA A N7    
139 C C5    . DA A 7  ? 0.5248 0.5244 0.4874 0.0006  -0.0132 -0.0089 7  DA A C5    
140 C C6    . DA A 7  ? 0.5570 0.5479 0.5016 0.0074  -0.0203 -0.0185 7  DA A C6    
141 N N6    . DA A 7  ? 0.5664 0.5659 0.4974 0.0165  -0.0185 -0.0216 7  DA A N6    
142 N N1    . DA A 7  ? 0.5714 0.5434 0.5075 0.0065  -0.0325 -0.0262 7  DA A N1    
143 C C2    . DA A 7  ? 0.5435 0.5134 0.4928 -0.0061 -0.0345 -0.0218 7  DA A C2    
144 N N3    . DA A 7  ? 0.5241 0.5136 0.4957 -0.0133 -0.0257 -0.0132 7  DA A N3    
145 C C4    . DA A 7  ? 0.5084 0.5094 0.4843 -0.0067 -0.0161 -0.0083 7  DA A C4    
146 P P     . DG A 8  ? 0.5011 0.6205 0.5514 0.0083  -0.0139 -0.0052 8  DG A P     
147 O OP1   . DG A 8  ? 0.4812 0.6431 0.5411 -0.0128 -0.0196 -0.0022 8  DG A OP1   
148 O OP2   . DG A 8  ? 0.5194 0.6466 0.5594 0.0331  -0.0193 -0.0081 8  DG A OP2   
149 O "O5'" . DG A 8  ? 0.4825 0.5720 0.5378 0.0138  -0.0066 -0.0078 8  DG A "O5'" 
150 C "C5'" . DG A 8  ? 0.4404 0.5170 0.5040 -0.0022 -0.0010 -0.0077 8  DG A "C5'" 
151 C "C4'" . DG A 8  ? 0.4214 0.5014 0.4964 0.0061  0.0024  -0.0109 8  DG A "C4'" 
152 O "O4'" . DG A 8  ? 0.3871 0.4642 0.4729 -0.0103 0.0064  -0.0114 8  DG A "O4'" 
153 C "C3'" . DG A 8  ? 0.4491 0.4884 0.5116 0.0181  0.0050  -0.0105 8  DG A "C3'" 
154 O "O3'" . DG A 8  ? 0.4965 0.5450 0.5564 0.0397  -0.0026 -0.0155 8  DG A "O3'" 
155 C "C2'" . DG A 8  ? 0.4069 0.4283 0.4770 0.0050  0.0143  -0.0101 8  DG A "C2'" 
156 C "C1'" . DG A 8  ? 0.3599 0.4114 0.4484 -0.0051 0.0139  -0.0131 8  DG A "C1'" 
157 N N9    . DG A 8  ? 0.3075 0.3423 0.3971 -0.0184 0.0182  -0.0144 8  DG A N9    
158 C C8    . DG A 8  ? 0.2966 0.3174 0.3735 -0.0240 0.0159  -0.0157 8  DG A C8    
159 N N7    . DG A 8  ? 0.2920 0.2999 0.3679 -0.0280 0.0170  -0.0209 8  DG A N7    
160 C C5    . DG A 8  ? 0.2498 0.2638 0.3421 -0.0290 0.0227  -0.0207 8  DG A C5    
161 C C6    . DG A 8  ? 0.2434 0.2498 0.3423 -0.0322 0.0263  -0.0252 8  DG A C6    
162 O O6    . DG A 8  ? 0.2653 0.2578 0.3547 -0.0318 0.0236  -0.0321 8  DG A O6    
163 N N1    . DG A 8  ? 0.2228 0.2386 0.3381 -0.0319 0.0314  -0.0235 8  DG A N1    
164 C C2    . DG A 8  ? 0.2232 0.2548 0.3445 -0.0244 0.0305  -0.0202 8  DG A C2    
165 N N2    . DG A 8  ? 0.2085 0.2463 0.3417 -0.0201 0.0333  -0.0214 8  DG A N2    
166 N N3    . DG A 8  ? 0.2553 0.2947 0.3679 -0.0174 0.0255  -0.0177 8  DG A N3    
167 C C4    . DG A 8  ? 0.2661 0.2961 0.3663 -0.0227 0.0231  -0.0170 8  DG A C4    
168 P P     . DG A 9  ? 0.5771 0.5751 0.6096 0.0570  -0.0120 -0.0155 9  DG A P     
169 O OP1   . DG A 9  ? 0.5869 0.6080 0.6121 0.0890  -0.0262 -0.0259 9  DG A OP1   
170 O OP2   . DG A 9  ? 0.5816 0.5369 0.5906 0.0453  -0.0128 -0.0063 9  DG A OP2   
171 O "O5'" . DG A 9  ? 0.5330 0.5130 0.5739 0.0480  -0.0056 -0.0148 9  DG A "O5'" 
172 C "C5'" . DG A 9  ? 0.5023 0.5065 0.5557 0.0630  -0.0086 -0.0232 9  DG A "C5'" 
173 C "C4'" . DG A 9  ? 0.4714 0.4397 0.5227 0.0541  -0.0049 -0.0204 9  DG A "C4'" 
174 O "O4'" . DG A 9  ? 0.4070 0.3916 0.4821 0.0285  0.0114  -0.0166 9  DG A "O4'" 
175 C "C3'" . DG A 9  ? 0.5082 0.4113 0.5228 0.0478  -0.0138 -0.0113 9  DG A "C3'" 
176 O "O3'" . DG A 9  ? 0.5559 0.4236 0.5530 0.0591  -0.0255 -0.0138 9  DG A "O3'" 
177 C "C2'" . DG A 9  ? 0.4666 0.3724 0.4926 0.0166  0.0028  -0.0022 9  DG A "C2'" 
178 C "C1'" . DG A 9  ? 0.3935 0.3413 0.4563 0.0131  0.0159  -0.0092 9  DG A "C1'" 
179 N N9    . DG A 9  ? 0.3211 0.2854 0.3970 -0.0051 0.0284  -0.0077 9  DG A N9    
180 C C8    . DG A 9  ? 0.3129 0.2861 0.3841 -0.0102 0.0300  -0.0064 9  DG A C8    
181 N N7    . DG A 9  ? 0.3113 0.2955 0.3901 -0.0197 0.0378  -0.0090 9  DG A N7    
182 C C5    . DG A 9  ? 0.2685 0.2524 0.3598 -0.0230 0.0429  -0.0114 9  DG A C5    
183 C C6    . DG A 9  ? 0.2533 0.2457 0.3538 -0.0287 0.0497  -0.0167 9  DG A C6    
184 O O6    . DG A 9  ? 0.2493 0.2510 0.3456 -0.0285 0.0509  -0.0227 9  DG A O6    
185 N N1    . DG A 9  ? 0.2597 0.2483 0.3717 -0.0305 0.0531  -0.0172 9  DG A N1    
186 C C2    . DG A 9  ? 0.2681 0.2450 0.3810 -0.0254 0.0491  -0.0141 9  DG A C2    
187 N N2    . DG A 9  ? 0.2772 0.2509 0.4006 -0.0271 0.0526  -0.0156 9  DG A N2    
188 N N3    . DG A 9  ? 0.2770 0.2439 0.3769 -0.0154 0.0400  -0.0113 9  DG A N3    
189 C C4    . DG A 9  ? 0.2840 0.2558 0.3748 -0.0158 0.0380  -0.0097 9  DG A C4    
190 P P     . DG A 10 ? 0.5197 0.5489 0.5664 0.0179  -0.0178 0.0606  10 DG A P     
191 O OP1   . DG A 10 ? 0.5706 0.5761 0.6069 0.0325  -0.0075 0.0547  10 DG A OP1   
192 O OP2   . DG A 10 ? 0.5342 0.5708 0.5875 0.0273  -0.0210 0.0761  10 DG A OP2   
193 O "O5'" . DG A 10 ? 0.5123 0.5201 0.5503 -0.0082 -0.0225 0.0561  10 DG A "O5'" 
194 C "C5'" . DG A 10 ? 0.5066 0.5196 0.5354 -0.0169 -0.0218 0.0440  10 DG A "C5'" 
195 C "C4'" . DG A 10 ? 0.5004 0.4988 0.5183 -0.0340 -0.0274 0.0374  10 DG A "C4'" 
196 O "O4'" . DG A 10 ? 0.4874 0.5075 0.5093 -0.0453 -0.0342 0.0468  10 DG A "O4'" 
197 C "C3'" . DG A 10 ? 0.5309 0.4960 0.5535 -0.0395 -0.0264 0.0352  10 DG A "C3'" 
198 O "O3'" . DG A 10 ? 0.5691 0.5246 0.5852 -0.0498 -0.0271 0.0134  10 DG A "O3'" 
199 C "C2'" . DG A 10 ? 0.4990 0.4717 0.5301 -0.0497 -0.0344 0.0493  10 DG A "C2'" 
200 C "C1'" . DG A 10 ? 0.4665 0.4731 0.4921 -0.0570 -0.0415 0.0506  10 DG A "C1'" 
201 N N9    . DG A 10 ? 0.4102 0.4388 0.4483 -0.0609 -0.0461 0.0659  10 DG A N9    
202 C C8    . DG A 10 ? 0.3813 0.4255 0.4356 -0.0502 -0.0451 0.0752  10 DG A C8    
203 N N7    . DG A 10 ? 0.3425 0.4110 0.4101 -0.0582 -0.0499 0.0828  10 DG A N7    
204 C C5    . DG A 10 ? 0.3344 0.3986 0.3911 -0.0741 -0.0529 0.0825  10 DG A C5    
205 C C6    . DG A 10 ? 0.3005 0.3810 0.3628 -0.0870 -0.0563 0.0908  10 DG A C6    
206 O O6    . DG A 10 ? 0.2752 0.3771 0.3584 -0.0900 -0.0570 0.0978  10 DG A O6    
207 N N1    . DG A 10 ? 0.2547 0.3303 0.2968 -0.0943 -0.0582 0.0881  10 DG A N1    
208 C C2    . DG A 10 ? 0.3055 0.3679 0.3275 -0.0903 -0.0587 0.0740  10 DG A C2    
209 N N2    . DG A 10 ? 0.3192 0.3912 0.3219 -0.0927 -0.0625 0.0679  10 DG A N2    
210 N N3    . DG A 10 ? 0.3490 0.3945 0.3702 -0.0818 -0.0553 0.0640  10 DG A N3    
211 C C4    . DG A 10 ? 0.3599 0.4040 0.3974 -0.0740 -0.0517 0.0710  10 DG A C4    
212 P P     . DT A 11 ? 0.6234 0.5398 0.6520 -0.0532 -0.0152 -0.0042 11 DT A P     
213 O OP1   . DT A 11 ? 0.6151 0.5046 0.6595 -0.0521 -0.0066 0.0136  11 DT A OP1   
214 O OP2   . DT A 11 ? 0.6243 0.5538 0.6505 -0.0666 -0.0217 -0.0343 11 DT A OP2   
215 O "O5'" . DT A 11 ? 0.6591 0.5619 0.6839 -0.0351 -0.0029 -0.0064 11 DT A "O5'" 
216 C "C5'" . DT A 11 ? 0.6826 0.6034 0.6932 -0.0305 -0.0055 -0.0214 11 DT A "C5'" 
217 C "C4'" . DT A 11 ? 0.7182 0.6262 0.7276 -0.0112 0.0061  -0.0139 11 DT A "C4'" 
218 O "O4'" . DT A 11 ? 0.6876 0.6178 0.6967 0.0003  0.0024  0.0088  11 DT A "O4'" 
219 C "C3'" . DT A 11 ? 0.7474 0.6655 0.7440 -0.0046 0.0076  -0.0309 11 DT A "C3'" 
220 O "O3'" . DT A 11 ? 0.8050 0.6908 0.8094 0.0023  0.0223  -0.0423 11 DT A "O3'" 
221 C "C2'" . DT A 11 ? 0.7219 0.6661 0.7119 0.0084  0.0061  -0.0148 11 DT A "C2'" 
222 C "C1'" . DT A 11 ? 0.6912 0.6354 0.6941 0.0145  0.0062  0.0063  11 DT A "C1'" 
223 N N1    . DT A 11 ? 0.6530 0.6351 0.6621 0.0179  0.0012  0.0167  11 DT A N1    
224 C C2    . DT A 11 ? 0.6566 0.6553 0.6766 0.0361  0.0041  0.0248  11 DT A C2    
225 O O2    . DT A 11 ? 0.6838 0.6665 0.7022 0.0538  0.0109  0.0297  11 DT A O2    
226 N N3    . DT A 11 ? 0.6061 0.6458 0.6420 0.0353  0.0011  0.0254  11 DT A N3    
227 C C4    . DT A 11 ? 0.5771 0.6326 0.6180 0.0190  0.0005  0.0240  11 DT A C4    
228 O O4    . DT A 11 ? 0.5659 0.6550 0.6294 0.0180  0.0039  0.0221  11 DT A O4    
229 C C5    . DT A 11 ? 0.5824 0.6168 0.6034 0.0057  -0.0017 0.0224  11 DT A C5    
230 C C7    . DT A 11 ? 0.5629 0.6140 0.5827 -0.0047 0.0012  0.0260  11 DT A C7    
231 C C6    . DT A 11 ? 0.6186 0.6222 0.6253 0.0054  -0.0035 0.0161  11 DT A C6    
232 P P     . DT A 12 ? 0.8361 0.7151 0.8444 -0.0073 0.0260  -0.0788 12 DT A P     
233 O OP1   . DT A 12 ? 0.8827 0.7218 0.9059 0.0010  0.0471  -0.0841 12 DT A OP1   
234 O OP2   . DT A 12 ? 0.8493 0.7399 0.8666 -0.0265 0.0173  -0.0972 12 DT A OP2   
235 O "O5'" . DT A 12 ? 0.8156 0.7305 0.7990 0.0019  0.0168  -0.0850 12 DT A "O5'" 
236 C "C5'" . DT A 12 ? 0.8016 0.7437 0.7746 -0.0020 0.0091  -0.1132 12 DT A "C5'" 
237 C "C4'" . DT A 12 ? 0.7801 0.7521 0.7263 0.0136  0.0062  -0.1051 12 DT A "C4'" 
238 O "O4'" . DT A 12 ? 0.7650 0.7194 0.7117 0.0260  0.0170  -0.0978 12 DT A "O4'" 
239 C "C3'" . DT A 12 ? 0.7384 0.7296 0.6757 0.0161  0.0027  -0.0755 12 DT A "C3'" 
240 O "O3'" . DT A 12 ? 0.7434 0.7623 0.6693 0.0118  -0.0066 -0.0796 12 DT A "O3'" 
241 C "C2'" . DT A 12 ? 0.7313 0.7344 0.6544 0.0331  0.0116  -0.0686 12 DT A "C2'" 
242 C "C1'" . DT A 12 ? 0.7275 0.7016 0.6620 0.0369  0.0187  -0.0767 12 DT A "C1'" 
243 N N1    . DT A 12 ? 0.6816 0.6428 0.6320 0.0408  0.0239  -0.0560 12 DT A N1    
244 C C2    . DT A 12 ? 0.6478 0.6295 0.6004 0.0488  0.0289  -0.0420 12 DT A C2    
245 O O2    . DT A 12 ? 0.6409 0.6422 0.5838 0.0527  0.0338  -0.0402 12 DT A O2    
246 N N3    . DT A 12 ? 0.6157 0.5974 0.5860 0.0548  0.0313  -0.0313 12 DT A N3    
247 C C4    . DT A 12 ? 0.6229 0.5845 0.6014 0.0585  0.0306  -0.0266 12 DT A C4    
248 O O4    . DT A 12 ? 0.6305 0.6039 0.6207 0.0706  0.0323  -0.0170 12 DT A O4    
249 C C5    . DT A 12 ? 0.6474 0.5773 0.6226 0.0500  0.0309  -0.0356 12 DT A C5    
250 C C7    . DT A 12 ? 0.6664 0.5654 0.6526 0.0563  0.0393  -0.0269 12 DT A C7    
251 C C6    . DT A 12 ? 0.6680 0.6007 0.6331 0.0393  0.0269  -0.0532 12 DT A C6    
252 P P     . DA A 13 ? 0.7273 0.7536 0.6582 0.0028  -0.0114 -0.0550 13 DA A P     
253 O OP1   . DA A 13 ? 0.7263 0.7846 0.6402 0.0034  -0.0203 -0.0653 13 DA A OP1   
254 O OP2   . DA A 13 ? 0.7017 0.6986 0.6569 -0.0095 -0.0122 -0.0466 13 DA A OP2   
255 O "O5'" . DA A 13 ? 0.6813 0.7169 0.6089 0.0146  0.0005  -0.0300 13 DA A "O5'" 
256 C "C5'" . DA A 13 ? 0.6843 0.7444 0.5900 0.0305  0.0095  -0.0255 13 DA A "C5'" 
257 C "C4'" . DA A 13 ? 0.6359 0.6990 0.5548 0.0348  0.0267  -0.0021 13 DA A "C4'" 
258 O "O4'" . DA A 13 ? 0.6056 0.6526 0.5472 0.0322  0.0293  -0.0046 13 DA A "O4'" 
259 C "C3'" . DA A 13 ? 0.6098 0.6798 0.5441 0.0236  0.0270  0.0158  13 DA A "C3'" 
260 O "O3'" . DA A 13 ? 0.6278 0.7101 0.5653 0.0339  0.0508  0.0330  13 DA A "O3'" 
261 C "C2'" . DA A 13 ? 0.5699 0.6272 0.5348 0.0122  0.0220  0.0159  13 DA A "C2'" 
262 C "C1'" . DA A 13 ? 0.5551 0.6067 0.5244 0.0236  0.0316  0.0075  13 DA A "C1'" 
263 N N9    . DA A 13 ? 0.5258 0.5641 0.5091 0.0231  0.0243  0.0011  13 DA A N9    
264 C C8    . DA A 13 ? 0.5445 0.5597 0.5180 0.0234  0.0160  -0.0094 13 DA A C8    
265 N N7    . DA A 13 ? 0.5444 0.5498 0.5313 0.0291  0.0160  -0.0079 13 DA A N7    
266 C C5    . DA A 13 ? 0.5105 0.5425 0.5177 0.0324  0.0205  -0.0006 13 DA A C5    
267 C C6    . DA A 13 ? 0.5129 0.5612 0.5402 0.0432  0.0210  0.0005  13 DA A C6    
268 N N6    . DA A 13 ? 0.5499 0.5827 0.5727 0.0566  0.0191  0.0019  13 DA A N6    
269 N N1    . DA A 13 ? 0.4747 0.5590 0.5292 0.0424  0.0264  -0.0017 13 DA A N1    
270 C C2    . DA A 13 ? 0.4676 0.5605 0.5286 0.0309  0.0356  0.0003  13 DA A C2    
271 N N3    . DA A 13 ? 0.4893 0.5649 0.5264 0.0244  0.0380  0.0064  13 DA A N3    
272 C C4    . DA A 13 ? 0.4961 0.5457 0.5059 0.0259  0.0273  0.0035  13 DA A C4    
273 P P     . DG A 14 ? 0.6836 0.7622 0.6193 0.1066  0.0770  -0.0758 14 DG A P     
274 O OP1   . DG A 14 ? 0.6856 0.8204 0.6231 0.1041  0.0951  -0.0504 14 DG A OP1   
275 O OP2   . DG A 14 ? 0.7166 0.7814 0.6231 0.1236  0.0665  -0.1068 14 DG A OP2   
276 O "O5'" . DG A 14 ? 0.6263 0.6702 0.5695 0.0791  0.0664  -0.0602 14 DG A "O5'" 
277 C "C5'" . DG A 14 ? 0.5377 0.5731 0.5040 0.0605  0.0686  -0.0359 14 DG A "C5'" 
278 C "C4'" . DG A 14 ? 0.4861 0.4989 0.4490 0.0436  0.0590  -0.0300 14 DG A "C4'" 
279 O "O4'" . DG A 14 ? 0.4422 0.4464 0.4220 0.0278  0.0606  -0.0080 14 DG A "O4'" 
280 C "C3'" . DG A 14 ? 0.4958 0.4724 0.4606 0.0402  0.0433  -0.0480 14 DG A "C3'" 
281 O "O3'" . DG A 14 ? 0.5342 0.5140 0.4792 0.0407  0.0366  -0.0552 14 DG A "O3'" 
282 C "C2'" . DG A 14 ? 0.4544 0.4119 0.4395 0.0213  0.0403  -0.0329 14 DG A "C2'" 
283 C "C1'" . DG A 14 ? 0.4009 0.3785 0.3857 0.0166  0.0507  -0.0104 14 DG A "C1'" 
284 N N9    . DG A 14 ? 0.3448 0.3087 0.3462 0.0048  0.0520  0.0051  14 DG A N9    
285 C C8    . DG A 14 ? 0.3328 0.2873 0.3494 0.0026  0.0541  0.0088  14 DG A C8    
286 N N7    . DG A 14 ? 0.3068 0.2475 0.3318 -0.0099 0.0534  0.0235  14 DG A N7    
287 C C5    . DG A 14 ? 0.2977 0.2392 0.3129 -0.0130 0.0508  0.0276  14 DG A C5    
288 C C6    . DG A 14 ? 0.3024 0.2308 0.3176 -0.0207 0.0477  0.0379  14 DG A C6    
289 O O6    . DG A 14 ? 0.3119 0.2239 0.3328 -0.0286 0.0471  0.0470  14 DG A O6    
290 N N1    . DG A 14 ? 0.2901 0.2242 0.2959 -0.0172 0.0435  0.0366  14 DG A N1    
291 C C2    . DG A 14 ? 0.3050 0.2553 0.3021 -0.0106 0.0422  0.0285  14 DG A C2    
292 N N2    . DG A 14 ? 0.2837 0.2374 0.2749 -0.0084 0.0359  0.0294  14 DG A N2    
293 N N3    . DG A 14 ? 0.3305 0.2917 0.3238 -0.0050 0.0451  0.0185  14 DG A N3    
294 C C4    . DG A 14 ? 0.3055 0.2616 0.3082 -0.0049 0.0495  0.0176  14 DG A C4    
295 P P     . DG A 15 ? 0.5677 0.5181 0.5088 0.0348  0.0170  -0.0709 15 DG A P     
296 O OP1   . DG A 15 ? 0.6153 0.5742 0.5279 0.0448  0.0119  -0.0844 15 DG A OP1   
297 O OP2   . DG A 15 ? 0.5782 0.4992 0.5322 0.0342  0.0062  -0.0816 15 DG A OP2   
298 O "O5'" . DG A 15 ? 0.5229 0.4743 0.4790 0.0165  0.0158  -0.0525 15 DG A "O5'" 
299 C "C5'" . DG A 15 ? 0.5155 0.4837 0.4605 0.0153  0.0161  -0.0454 15 DG A "C5'" 
300 C "C4'" . DG A 15 ? 0.4896 0.4556 0.4521 0.0022  0.0109  -0.0349 15 DG A "C4'" 
301 O "O4'" . DG A 15 ? 0.4615 0.4262 0.4394 -0.0016 0.0207  -0.0215 15 DG A "O4'" 
302 C "C3'" . DG A 15 ? 0.4958 0.4473 0.4694 -0.0082 -0.0033 -0.0426 15 DG A "C3'" 
303 O "O3'" . DG A 15 ? 0.4934 0.4572 0.4703 -0.0143 -0.0114 -0.0383 15 DG A "O3'" 
304 C "C2'" . DG A 15 ? 0.4646 0.4107 0.4599 -0.0174 0.0021  -0.0333 15 DG A "C2'" 
305 C "C1'" . DG A 15 ? 0.4324 0.3904 0.4282 -0.0124 0.0158  -0.0198 15 DG A "C1'" 
306 N N9    . DG A 15 ? 0.3660 0.3148 0.3734 -0.0166 0.0233  -0.0120 15 DG A N9    
307 C C8    . DG A 15 ? 0.3716 0.3074 0.3817 -0.0160 0.0254  -0.0153 15 DG A C8    
308 N N7    . DG A 15 ? 0.3693 0.2979 0.3901 -0.0224 0.0306  -0.0051 15 DG A N7    
309 C C5    . DG A 15 ? 0.3318 0.2680 0.3539 -0.0252 0.0323  0.0030  15 DG A C5    
310 C C6    . DG A 15 ? 0.3118 0.2424 0.3387 -0.0299 0.0362  0.0128  15 DG A C6    
311 O O6    . DG A 15 ? 0.3394 0.2566 0.3708 -0.0357 0.0388  0.0191  15 DG A O6    
312 N N1    . DG A 15 ? 0.3089 0.2497 0.3337 -0.0256 0.0350  0.0144  15 DG A N1    
313 C C2    . DG A 15 ? 0.3023 0.2585 0.3243 -0.0194 0.0305  0.0097  15 DG A C2    
314 N N2    . DG A 15 ? 0.2761 0.2419 0.2994 -0.0127 0.0285  0.0112  15 DG A N2    
315 N N3    . DG A 15 ? 0.3062 0.2673 0.3235 -0.0184 0.0265  0.0029  15 DG A N3    
316 C C4    . DG A 15 ? 0.3381 0.2879 0.3541 -0.0207 0.0279  -0.0012 15 DG A C4    
317 P P     . DG A 16 ? 0.5066 0.4690 0.4974 -0.0295 -0.0284 -0.0391 16 DG A P     
318 O OP1   . DG A 16 ? 0.5481 0.5172 0.5270 -0.0293 -0.0411 -0.0427 16 DG A OP1   
319 O OP2   . DG A 16 ? 0.5328 0.4709 0.5264 -0.0366 -0.0377 -0.0462 16 DG A OP2   
320 O "O5'" . DG A 16 ? 0.4606 0.4461 0.4758 -0.0359 -0.0205 -0.0247 16 DG A "O5'" 
321 C "C5'" . DG A 16 ? 0.4308 0.4332 0.4458 -0.0258 -0.0125 -0.0178 16 DG A "C5'" 
322 C "C4'" . DG A 16 ? 0.3942 0.4211 0.4316 -0.0286 -0.0101 -0.0097 16 DG A "C4'" 
323 O "O4'" . DG A 16 ? 0.3925 0.4132 0.4349 -0.0271 0.0022  -0.0058 16 DG A "O4'" 
324 C "C3'" . DG A 16 ? 0.4095 0.4548 0.4649 -0.0447 -0.0203 -0.0071 16 DG A "C3'" 
325 O "O3'" . DG A 16 ? 0.4228 0.5053 0.4964 -0.0406 -0.0193 -0.0007 16 DG A "O3'" 
326 C "C2'" . DG A 16 ? 0.3944 0.4304 0.4569 -0.0550 -0.0148 -0.0047 16 DG A "C2'" 
327 C "C1'" . DG A 16 ? 0.3797 0.4089 0.4373 -0.0411 0.0014  -0.0034 16 DG A "C1'" 
328 N N9    . DG A 16 ? 0.3622 0.3660 0.4150 -0.0453 0.0073  -0.0034 16 DG A N9    
329 C C8    . DG A 16 ? 0.3575 0.3347 0.4017 -0.0484 0.0027  -0.0091 16 DG A C8    
330 N N7    . DG A 16 ? 0.3307 0.2926 0.3767 -0.0511 0.0092  -0.0059 16 DG A N7    
331 C C5    . DG A 16 ? 0.3020 0.2780 0.3541 -0.0505 0.0182  0.0016  16 DG A C5    
332 C C6    . DG A 16 ? 0.3029 0.2704 0.3562 -0.0534 0.0261  0.0078  16 DG A C6    
333 O O6    . DG A 16 ? 0.2920 0.2379 0.3443 -0.0587 0.0272  0.0103  16 DG A O6    
334 N N1    . DG A 16 ? 0.2851 0.2708 0.3399 -0.0479 0.0322  0.0105  16 DG A N1    
335 C C2    . DG A 16 ? 0.3050 0.3177 0.3641 -0.0388 0.0310  0.0078  16 DG A C2    
336 N N2    . DG A 16 ? 0.3204 0.3493 0.3802 -0.0289 0.0367  0.0074  16 DG A N2    
337 N N3    . DG A 16 ? 0.3122 0.3350 0.3739 -0.0380 0.0235  0.0047  16 DG A N3    
338 C C4    . DG A 16 ? 0.3242 0.3264 0.3804 -0.0448 0.0174  0.0017  16 DG A C4    
339 P P     . DT A 17 ? 0.4247 0.5430 0.5182 -0.0541 -0.0333 0.0060  17 DT A P     
340 O OP1   . DT A 17 ? 0.4191 0.5269 0.5148 -0.0766 -0.0449 0.0087  17 DT A OP1   
341 O OP2   . DT A 17 ? 0.4084 0.5701 0.5234 -0.0436 -0.0244 0.0112  17 DT A OP2   
342 O "O5'" . DT A 17 ? 0.4611 0.5716 0.5418 -0.0496 -0.0470 0.0027  17 DT A "O5'" 
343 C "C5'" . DT A 17 ? 0.4862 0.5875 0.5529 -0.0317 -0.0431 -0.0004 17 DT A "C5'" 
344 C "C4'" . DT A 17 ? 0.5284 0.6093 0.5717 -0.0346 -0.0570 -0.0057 17 DT A "C4'" 
345 O "O4'" . DT A 17 ? 0.5386 0.5844 0.5554 -0.0331 -0.0526 -0.0154 17 DT A "O4'" 
346 C "C3'" . DT A 17 ? 0.5496 0.6360 0.5846 -0.0231 -0.0617 -0.0030 17 DT A "C3'" 
347 O "O3'" . DT A 17 ? 0.5886 0.6829 0.6223 -0.0325 -0.0806 -0.0017 17 DT A "O3'" 
348 C "C2'" . DT A 17 ? 0.5465 0.6042 0.5500 -0.0159 -0.0548 -0.0083 17 DT A "C2'" 
349 C "C1'" . DT A 17 ? 0.5533 0.5896 0.5450 -0.0237 -0.0538 -0.0185 17 DT A "C1'" 
350 N N1    . DT A 17 ? 0.5553 0.5726 0.5283 -0.0158 -0.0401 -0.0233 17 DT A N1    
351 C C2    . DT A 17 ? 0.5837 0.5827 0.5318 -0.0143 -0.0432 -0.0360 17 DT A C2    
352 O O2    . DT A 17 ? 0.6146 0.6044 0.5508 -0.0191 -0.0587 -0.0449 17 DT A O2    
353 N N3    . DT A 17 ? 0.5799 0.5720 0.5164 -0.0057 -0.0289 -0.0385 17 DT A N3    
354 C C4    . DT A 17 ? 0.5594 0.5570 0.5059 -0.0023 -0.0146 -0.0274 17 DT A C4    
355 O O4    . DT A 17 ? 0.5776 0.5725 0.5146 0.0035  -0.0038 -0.0278 17 DT A O4    
356 C C5    . DT A 17 ? 0.5374 0.5450 0.5055 -0.0047 -0.0149 -0.0158 17 DT A C5    
357 C C7    . DT A 17 ? 0.5224 0.5280 0.4978 -0.0007 -0.0046 -0.0048 17 DT A C7    
358 C C6    . DT A 17 ? 0.5296 0.5488 0.5103 -0.0093 -0.0261 -0.0155 17 DT A C6    
359 P P     . DT A 18 ? 0.5983 0.7282 0.6561 -0.0294 -0.0913 0.0085  18 DT A P     
360 O OP1   . DT A 18 ? 0.6082 0.7395 0.6618 -0.0452 -0.1127 0.0104  18 DT A OP1   
361 O OP2   . DT A 18 ? 0.5694 0.7337 0.6609 -0.0223 -0.0803 0.0138  18 DT A OP2   
362 O "O5'" . DT A 18 ? 0.5946 0.7109 0.6332 -0.0149 -0.0915 0.0093  18 DT A "O5'" 
363 C "C5'" . DT A 18 ? 0.5714 0.7079 0.6287 -0.0018 -0.0964 0.0169  18 DT A "C5'" 
364 C "C4'" . DT A 18 ? 0.5636 0.6744 0.5953 0.0069  -0.0967 0.0191  18 DT A "C4'" 
365 O "O4'" . DT A 18 ? 0.5717 0.6659 0.5706 -0.0038 -0.1050 0.0175  18 DT A "O4'" 
366 C "C3'" . DT A 18 ? 0.5553 0.6441 0.5738 0.0112  -0.0797 0.0161  18 DT A "C3'" 
367 O "O3'" . DT A 18 ? 0.5464 0.6399 0.5846 0.0254  -0.0740 0.0177  18 DT A "O3'" 
368 C "C2'" . DT A 18 ? 0.5658 0.6346 0.5514 0.0093  -0.0845 0.0214  18 DT A "C2'" 
369 C "C1'" . DT A 18 ? 0.5687 0.6415 0.5390 -0.0015 -0.0960 0.0178  18 DT A "C1'" 
370 N N1    . DT A 18 ? 0.5625 0.6217 0.5068 -0.0089 -0.0886 0.0063  18 DT A N1    
371 C C2    . DT A 18 ? 0.5725 0.6216 0.4842 -0.0080 -0.0819 0.0058  18 DT A C2    
372 O O2    . DT A 18 ? 0.5895 0.6401 0.4923 -0.0059 -0.0826 0.0178  18 DT A O2    
373 N N3    . DT A 18 ? 0.5840 0.6233 0.4739 -0.0095 -0.0759 -0.0087 18 DT A N3    
374 C C4    . DT A 18 ? 0.5986 0.6282 0.4943 -0.0138 -0.0803 -0.0217 18 DT A C4    
375 O O4    . DT A 18 ? 0.6211 0.6360 0.4941 -0.0118 -0.0782 -0.0365 18 DT A O4    
376 C C5    . DT A 18 ? 0.5798 0.6200 0.5096 -0.0201 -0.0892 -0.0162 18 DT A C5    
377 C C7    . DT A 18 ? 0.6007 0.6336 0.5403 -0.0305 -0.0987 -0.0239 18 DT A C7    
378 C C6    . DT A 18 ? 0.5719 0.6305 0.5248 -0.0163 -0.0909 -0.0032 18 DT A C6    
379 P P     . DA A 19 ? 0.5372 0.6173 0.5747 0.0272  -0.0558 0.0135  19 DA A P     
380 O OP1   . DA A 19 ? 0.5227 0.6061 0.5754 0.0451  -0.0568 0.0140  19 DA A OP1   
381 O OP2   . DA A 19 ? 0.5060 0.5952 0.5502 0.0144  -0.0472 0.0074  19 DA A OP2   
382 O "O5'" . DA A 19 ? 0.5266 0.5773 0.5326 0.0222  -0.0529 0.0178  19 DA A "O5'" 
383 C "C5'" . DA A 19 ? 0.5332 0.5674 0.5273 0.0283  -0.0609 0.0283  19 DA A "C5'" 
384 C "C4'" . DA A 19 ? 0.5188 0.5350 0.4934 0.0221  -0.0505 0.0333  19 DA A "C4'" 
385 O "O4'" . DA A 19 ? 0.5295 0.5516 0.4841 0.0122  -0.0454 0.0308  19 DA A "O4'" 
386 C "C3'" . DA A 19 ? 0.4921 0.5019 0.4766 0.0227  -0.0350 0.0273  19 DA A "C3'" 
387 O "O3'" . DA A 19 ? 0.5068 0.4963 0.4801 0.0222  -0.0342 0.0380  19 DA A "O3'" 
388 C "C2'" . DA A 19 ? 0.4599 0.4760 0.4389 0.0131  -0.0245 0.0184  19 DA A "C2'" 
389 C "C1'" . DA A 19 ? 0.4943 0.5128 0.4488 0.0092  -0.0296 0.0229  19 DA A "C1'" 
390 N N9    . DA A 19 ? 0.4971 0.5225 0.4411 0.0047  -0.0299 0.0111  19 DA A N9    
391 C C8    . DA A 19 ? 0.5138 0.5472 0.4650 0.0022  -0.0406 0.0047  19 DA A C8    
392 N N7    . DA A 19 ? 0.5422 0.5728 0.4766 -0.0019 -0.0431 -0.0063 19 DA A N7    
393 C C5    . DA A 19 ? 0.5349 0.5599 0.4508 0.0011  -0.0312 -0.0090 19 DA A C5    
394 C C6    . DA A 19 ? 0.5696 0.5904 0.4613 0.0039  -0.0280 -0.0227 19 DA A C6    
395 N N6    . DA A 19 ? 0.5908 0.6038 0.4693 0.0023  -0.0400 -0.0369 19 DA A N6    
396 N N1    . DA A 19 ? 0.5726 0.5980 0.4540 0.0094  -0.0137 -0.0215 19 DA A N1    
397 C C2    . DA A 19 ? 0.5432 0.5727 0.4374 0.0081  -0.0059 -0.0049 19 DA A C2    
398 N N3    . DA A 19 ? 0.5180 0.5431 0.4309 0.0050  -0.0107 0.0081  19 DA A N3    
399 C C4    . DA A 19 ? 0.5138 0.5383 0.4371 0.0034  -0.0225 0.0038  19 DA A C4    
400 P P     . DG A 20 ? 0.5411 0.5106 0.5192 0.0338  -0.0473 0.0440  20 DG A P     
401 O OP1   . DG A 20 ? 0.5588 0.5069 0.5181 0.0268  -0.0568 0.0623  20 DG A OP1   
402 O OP2   . DG A 20 ? 0.5553 0.5367 0.5476 0.0464  -0.0594 0.0379  20 DG A OP2   
403 O "O5'" . DG A 20 ? 0.5162 0.4820 0.5064 0.0379  -0.0338 0.0341  20 DG A "O5'" 
404 C "C5'" . DG A 20 ? 0.4988 0.4532 0.4825 0.0283  -0.0221 0.0379  20 DG A "C5'" 
405 C "C4'" . DG A 20 ? 0.4804 0.4199 0.4696 0.0360  -0.0201 0.0332  20 DG A "C4'" 
406 O "O4'" . DG A 20 ? 0.4724 0.3961 0.4545 0.0249  -0.0119 0.0405  20 DG A "O4'" 
407 C "C3'" . DG A 20 ? 0.4633 0.4276 0.4708 0.0405  -0.0098 0.0186  20 DG A "C3'" 
408 O "O3'" . DG A 20 ? 0.5190 0.4823 0.5309 0.0591  -0.0170 0.0118  20 DG A "O3'" 
409 C "C2'" . DG A 20 ? 0.4375 0.3963 0.4456 0.0288  0.0040  0.0179  20 DG A "C2'" 
410 C "C1'" . DG A 20 ? 0.4207 0.3479 0.4125 0.0244  -0.0003 0.0309  20 DG A "C1'" 
411 N N9    . DG A 20 ? 0.3649 0.2907 0.3569 0.0105  0.0108  0.0347  20 DG A N9    
412 C C8    . DG A 20 ? 0.3509 0.2900 0.3429 0.0034  0.0164  0.0345  20 DG A C8    
413 N N7    . DG A 20 ? 0.3537 0.2875 0.3481 -0.0047 0.0246  0.0363  20 DG A N7    
414 C C5    . DG A 20 ? 0.3230 0.2383 0.3181 -0.0056 0.0241  0.0402  20 DG A C5    
415 C C6    . DG A 20 ? 0.3239 0.2252 0.3217 -0.0141 0.0292  0.0450  20 DG A C6    
416 O O6    . DG A 20 ? 0.3273 0.2309 0.3307 -0.0212 0.0353  0.0468  20 DG A O6    
417 N N1    . DG A 20 ? 0.3283 0.2100 0.3208 -0.0125 0.0252  0.0469  20 DG A N1    
418 C C2    . DG A 20 ? 0.3556 0.2320 0.3410 -0.0001 0.0170  0.0420  20 DG A C2    
419 N N2    . DG A 20 ? 0.3481 0.2024 0.3240 0.0035  0.0128  0.0411  20 DG A N2    
420 N N3    . DG A 20 ? 0.3813 0.2717 0.3676 0.0098  0.0117  0.0374  20 DG A N3    
421 C C4    . DG A 20 ? 0.3410 0.2505 0.3324 0.0045  0.0158  0.0380  20 DG A C4    
422 P P     . DG A 21 ? 0.5239 0.5255 0.5562 0.0683  -0.0074 -0.0016 21 DG A P     
423 O OP1   . DG A 21 ? 0.5545 0.5583 0.5899 0.0936  -0.0197 -0.0088 21 DG A OP1   
424 O OP2   . DG A 21 ? 0.4938 0.5291 0.5412 0.0532  0.0008  -0.0019 21 DG A OP2   
425 O "O5'" . DG A 21 ? 0.5047 0.4932 0.5299 0.0638  0.0037  -0.0038 21 DG A "O5'" 
426 C "C5'" . DG A 21 ? 0.5122 0.4701 0.5221 0.0790  -0.0037 -0.0072 21 DG A "C5'" 
427 C "C4'" . DG A 21 ? 0.4952 0.4548 0.5016 0.0733  0.0091  -0.0114 21 DG A "C4'" 
428 O "O4'" . DG A 21 ? 0.4534 0.3941 0.4552 0.0497  0.0147  0.0001  21 DG A "O4'" 
429 C "C3'" . DG A 21 ? 0.4817 0.4956 0.5076 0.0715  0.0237  -0.0190 21 DG A "C3'" 
430 O "O3'" . DG A 21 ? 0.5151 0.5365 0.5330 0.0856  0.0288  -0.0296 21 DG A "O3'" 
431 C "C2'" . DG A 21 ? 0.4410 0.4584 0.4729 0.0429  0.0331  -0.0097 21 DG A "C2'" 
432 C "C1'" . DG A 21 ? 0.4255 0.3920 0.4383 0.0357  0.0286  -0.0016 21 DG A "C1'" 
433 N N9    . DG A 21 ? 0.3745 0.3328 0.3909 0.0150  0.0319  0.0073  21 DG A N9    
434 C C8    . DG A 21 ? 0.3588 0.3257 0.3819 0.0089  0.0300  0.0097  21 DG A C8    
435 N N7    . DG A 21 ? 0.3158 0.2716 0.3390 -0.0052 0.0331  0.0145  21 DG A N7    
436 C C5    . DG A 21 ? 0.3253 0.2637 0.3441 -0.0112 0.0368  0.0181  21 DG A C5    
437 C C6    . DG A 21 ? 0.3312 0.2520 0.3501 -0.0247 0.0397  0.0244  21 DG A C6    
438 O O6    . DG A 21 ? 0.3524 0.2713 0.3764 -0.0317 0.0401  0.0259  21 DG A O6    
439 N N1    . DG A 21 ? 0.3344 0.2392 0.3466 -0.0286 0.0410  0.0279  21 DG A N1    
440 C C2    . DG A 21 ? 0.3609 0.2650 0.3630 -0.0178 0.0399  0.0231  21 DG A C2    
441 N N2    . DG A 21 ? 0.3400 0.2251 0.3310 -0.0226 0.0402  0.0257  21 DG A N2    
442 N N3    . DG A 21 ? 0.3754 0.2965 0.3772 -0.0012 0.0377  0.0147  21 DG A N3    
443 C C4    . DG A 21 ? 0.3659 0.3041 0.3781 0.0001  0.0360  0.0139  21 DG A C4    
444 P P     . DG A 22 ? 0.5064 0.5944 0.5420 0.0868  0.0441  -0.0364 22 DG A P     
445 O OP1   . DG A 22 ? 0.5380 0.6383 0.5673 0.1219  0.0413  -0.0535 22 DG A OP1   
446 O OP2   . DG A 22 ? 0.4818 0.6115 0.5434 0.0692  0.0476  -0.0279 22 DG A OP2   
447 O "O5'" . DG A 22 ? 0.4852 0.5649 0.5100 0.0649  0.0543  -0.0309 22 DG A "O5'" 
448 C "C5'" . DG A 22 ? 0.5107 0.5399 0.5081 0.0694  0.0498  -0.0333 22 DG A "C5'" 
449 C "C4'" . DG A 22 ? 0.4820 0.5139 0.4743 0.0452  0.0597  -0.0261 22 DG A "C4'" 
450 O "O4'" . DG A 22 ? 0.4617 0.4679 0.4614 0.0193  0.0567  -0.0113 22 DG A "O4'" 
451 C "C3'" . DG A 22 ? 0.4629 0.5617 0.4719 0.0335  0.0734  -0.0250 22 DG A "C3'" 
452 O "O3'" . DG A 22 ? 0.4874 0.5857 0.4772 0.0289  0.0798  -0.0269 22 DG A "O3'" 
453 C "C2'" . DG A 22 ? 0.4215 0.5245 0.4504 0.0014  0.0722  -0.0090 22 DG A "C2'" 
454 C "C1'" . DG A 22 ? 0.4140 0.4508 0.4285 -0.0059 0.0642  -0.0032 22 DG A "C1'" 
455 N N9    . DG A 22 ? 0.3784 0.4008 0.4058 -0.0205 0.0588  0.0052  22 DG A N9    
456 C C8    . DG A 22 ? 0.3628 0.3972 0.4024 -0.0144 0.0545  0.0036  22 DG A C8    
457 N N7    . DG A 22 ? 0.3551 0.3707 0.3995 -0.0281 0.0498  0.0096  22 DG A N7    
458 C C5    . DG A 22 ? 0.3442 0.3350 0.3828 -0.0430 0.0509  0.0159  22 DG A C5    
459 C C6    . DG A 22 ? 0.3442 0.3095 0.3861 -0.0576 0.0469  0.0219  22 DG A C6    
460 O O6    . DG A 22 ? 0.3173 0.2768 0.3645 -0.0587 0.0422  0.0208  22 DG A O6    
461 N N1    . DG A 22 ? 0.3149 0.2606 0.3517 -0.0699 0.0477  0.0285  22 DG A N1    
462 C C2    . DG A 22 ? 0.3329 0.2820 0.3586 -0.0693 0.0520  0.0287  22 DG A C2    
463 N N2    . DG A 22 ? 0.3387 0.2653 0.3585 -0.0836 0.0506  0.0365  22 DG A N2    
464 N N3    . DG A 22 ? 0.3542 0.3268 0.3732 -0.0535 0.0567  0.0206  22 DG A N3    
465 C C4    . DG A 22 ? 0.3578 0.3513 0.3860 -0.0404 0.0558  0.0146  22 DG A C4    
# 
loop_
_pdbx_poly_seq_scheme.asym_id 
_pdbx_poly_seq_scheme.entity_id 
_pdbx_poly_seq_scheme.seq_id 
_pdbx_poly_seq_scheme.mon_id 
_pdbx_poly_seq_scheme.ndb_seq_num 
_pdbx_poly_seq_scheme.pdb_seq_num 
_pdbx_poly_seq_scheme.auth_seq_num 
_pdbx_poly_seq_scheme.pdb_mon_id 
_pdbx_poly_seq_scheme.auth_mon_id 
_pdbx_poly_seq_scheme.pdb_strand_id 
_pdbx_poly_seq_scheme.pdb_ins_code 
_pdbx_poly_seq_scheme.hetero 
A 1 1  DA 1  1  1  DA A A . n 
A 1 2  DG 2  2  2  DG G A . n 
A 1 3  DG 3  3  3  DG G A . n 
A 1 4  DG 4  4  4  DG G A . n 
A 1 5  DT 5  5  5  DT T A . n 
A 1 6  DT 6  6  6  DT T A . n 
A 1 7  DA 7  7  7  DA A A . n 
A 1 8  DG 8  8  8  DG G A . n 
A 1 9  DG 9  9  9  DG G A . n 
A 1 10 DG 10 10 10 DG G A . n 
A 1 11 DT 11 11 11 DT T A . n 
A 1 12 DT 12 12 12 DT T A . n 
A 1 13 DA 13 13 13 DA A A . n 
A 1 14 DG 14 14 14 DG G A . n 
A 1 15 DG 15 15 15 DG G A . n 
A 1 16 DG 16 16 16 DG G A . n 
A 1 17 DT 17 17 17 DT T A . n 
A 1 18 DT 18 18 18 DT T A . n 
A 1 19 DA 19 19 19 DA A A . n 
A 1 20 DG 20 20 20 DG G A . n 
A 1 21 DG 21 21 21 DG G A . n 
A 1 22 DG 22 22 22 DG G A . n 
# 
loop_
_pdbx_nonpoly_scheme.asym_id 
_pdbx_nonpoly_scheme.entity_id 
_pdbx_nonpoly_scheme.mon_id 
_pdbx_nonpoly_scheme.ndb_seq_num 
_pdbx_nonpoly_scheme.pdb_seq_num 
_pdbx_nonpoly_scheme.auth_seq_num 
_pdbx_nonpoly_scheme.pdb_mon_id 
_pdbx_nonpoly_scheme.auth_mon_id 
_pdbx_nonpoly_scheme.pdb_strand_id 
_pdbx_nonpoly_scheme.pdb_ins_code 
B 2 T5E 1  23 1  T5E T5E A . 
C 3 K   1  24 24 K   K   A . 
D 3 K   1  25 25 K   K   A . 
E 3 K   1  26 26 K   K   A . 
F 4 HOH 1  27 27 HOH HOH A . 
F 4 HOH 2  28 28 HOH HOH A . 
F 4 HOH 3  29 29 HOH HOH A . 
F 4 HOH 4  30 30 HOH HOH A . 
F 4 HOH 5  31 31 HOH HOH A . 
F 4 HOH 6  32 32 HOH HOH A . 
F 4 HOH 7  33 1  HOH HOH A . 
F 4 HOH 8  34 34 HOH HOH A . 
F 4 HOH 9  35 2  HOH HOH A . 
F 4 HOH 10 36 36 HOH HOH A . 
F 4 HOH 11 37 37 HOH HOH A . 
F 4 HOH 12 38 38 HOH HOH A . 
F 4 HOH 13 39 4  HOH HOH A . 
F 4 HOH 14 40 6  HOH HOH A . 
F 4 HOH 15 41 7  HOH HOH A . 
F 4 HOH 16 42 42 HOH HOH A . 
F 4 HOH 17 43 43 HOH HOH A . 
F 4 HOH 18 44 44 HOH HOH A . 
F 4 HOH 19 45 45 HOH HOH A . 
F 4 HOH 20 46 46 HOH HOH A . 
F 4 HOH 21 47 8  HOH HOH A . 
F 4 HOH 22 48 9  HOH HOH A . 
F 4 HOH 23 49 10 HOH HOH A . 
F 4 HOH 24 50 11 HOH HOH A . 
F 4 HOH 25 51 12 HOH HOH A . 
F 4 HOH 26 52 13 HOH HOH A . 
F 4 HOH 27 53 14 HOH HOH A . 
F 4 HOH 28 54 15 HOH HOH A . 
F 4 HOH 29 55 16 HOH HOH A . 
F 4 HOH 30 56 17 HOH HOH A . 
F 4 HOH 31 57 18 HOH HOH A . 
F 4 HOH 32 58 19 HOH HOH A . 
F 4 HOH 33 59 20 HOH HOH A . 
F 4 HOH 34 60 21 HOH HOH A . 
F 4 HOH 35 61 22 HOH HOH A . 
F 4 HOH 36 62 23 HOH HOH A . 
F 4 HOH 37 63 24 HOH HOH A . 
F 4 HOH 38 64 25 HOH HOH A . 
# 
_pdbx_struct_assembly.id                   1 
_pdbx_struct_assembly.details              author_and_software_defined_assembly 
_pdbx_struct_assembly.method_details       PISA 
_pdbx_struct_assembly.oligomeric_details   monomeric 
_pdbx_struct_assembly.oligomeric_count     1 
# 
_pdbx_struct_assembly_gen.assembly_id       1 
_pdbx_struct_assembly_gen.oper_expression   1 
_pdbx_struct_assembly_gen.asym_id_list      A,B,C,D,E,F 
# 
_pdbx_struct_oper_list.id                   1 
_pdbx_struct_oper_list.type                 'identity operation' 
_pdbx_struct_oper_list.name                 1_555 
_pdbx_struct_oper_list.symmetry_operation   x,y,z 
_pdbx_struct_oper_list.matrix[1][1]         1.0000000000 
_pdbx_struct_oper_list.matrix[1][2]         0.0000000000 
_pdbx_struct_oper_list.matrix[1][3]         0.0000000000 
_pdbx_struct_oper_list.vector[1]            0.0000000000 
_pdbx_struct_oper_list.matrix[2][1]         0.0000000000 
_pdbx_struct_oper_list.matrix[2][2]         1.0000000000 
_pdbx_struct_oper_list.matrix[2][3]         0.0000000000 
_pdbx_struct_oper_list.vector[2]            0.0000000000 
_pdbx_struct_oper_list.matrix[3][1]         0.0000000000 
_pdbx_struct_oper_list.matrix[3][2]         0.0000000000 
_pdbx_struct_oper_list.matrix[3][3]         1.0000000000 
_pdbx_struct_oper_list.vector[3]            0.0000000000 
# 
_pdbx_struct_special_symmetry.id              1 
_pdbx_struct_special_symmetry.PDB_model_num   1 
_pdbx_struct_special_symmetry.auth_asym_id    A 
_pdbx_struct_special_symmetry.auth_comp_id    K 
_pdbx_struct_special_symmetry.auth_seq_id     26 
_pdbx_struct_special_symmetry.PDB_ins_code    ? 
_pdbx_struct_special_symmetry.label_asym_id   E 
_pdbx_struct_special_symmetry.label_comp_id   K 
_pdbx_struct_special_symmetry.label_seq_id    . 
# 
loop_
_pdbx_struct_conn_angle.id 
_pdbx_struct_conn_angle.ptnr1_label_atom_id 
_pdbx_struct_conn_angle.ptnr1_label_alt_id 
_pdbx_struct_conn_angle.ptnr1_label_asym_id 
_pdbx_struct_conn_angle.ptnr1_label_comp_id 
_pdbx_struct_conn_angle.ptnr1_label_seq_id 
_pdbx_struct_conn_angle.ptnr1_auth_atom_id 
_pdbx_struct_conn_angle.ptnr1_auth_asym_id 
_pdbx_struct_conn_angle.ptnr1_auth_comp_id 
_pdbx_struct_conn_angle.ptnr1_auth_seq_id 
_pdbx_struct_conn_angle.ptnr1_PDB_ins_code 
_pdbx_struct_conn_angle.ptnr1_symmetry 
_pdbx_struct_conn_angle.ptnr2_label_atom_id 
_pdbx_struct_conn_angle.ptnr2_label_alt_id 
_pdbx_struct_conn_angle.ptnr2_label_asym_id 
_pdbx_struct_conn_angle.ptnr2_label_comp_id 
_pdbx_struct_conn_angle.ptnr2_label_seq_id 
_pdbx_struct_conn_angle.ptnr2_auth_atom_id 
_pdbx_struct_conn_angle.ptnr2_auth_asym_id 
_pdbx_struct_conn_angle.ptnr2_auth_comp_id 
_pdbx_struct_conn_angle.ptnr2_auth_seq_id 
_pdbx_struct_conn_angle.ptnr2_PDB_ins_code 
_pdbx_struct_conn_angle.ptnr2_symmetry 
_pdbx_struct_conn_angle.ptnr3_label_atom_id 
_pdbx_struct_conn_angle.ptnr3_label_alt_id 
_pdbx_struct_conn_angle.ptnr3_label_asym_id 
_pdbx_struct_conn_angle.ptnr3_label_comp_id 
_pdbx_struct_conn_angle.ptnr3_label_seq_id 
_pdbx_struct_conn_angle.ptnr3_auth_atom_id 
_pdbx_struct_conn_angle.ptnr3_auth_asym_id 
_pdbx_struct_conn_angle.ptnr3_auth_comp_id 
_pdbx_struct_conn_angle.ptnr3_auth_seq_id 
_pdbx_struct_conn_angle.ptnr3_PDB_ins_code 
_pdbx_struct_conn_angle.ptnr3_symmetry 
_pdbx_struct_conn_angle.value 
_pdbx_struct_conn_angle.value_esd 
1  O6 ? A DG 2  ? A DG 2  ? 1_555 K ? D K . ? A K 25 ? 1_555 O6 ? A DG 3  ? A DG 3  ? 1_555 75.9  ? 
2  O6 ? A DG 2  ? A DG 2  ? 1_555 K ? D K . ? A K 25 ? 1_555 O6 ? A DG 8  ? A DG 8  ? 1_555 68.0  ? 
3  O6 ? A DG 3  ? A DG 3  ? 1_555 K ? D K . ? A K 25 ? 1_555 O6 ? A DG 8  ? A DG 8  ? 1_555 90.1  ? 
4  O6 ? A DG 2  ? A DG 2  ? 1_555 K ? D K . ? A K 25 ? 1_555 O6 ? A DG 9  ? A DG 9  ? 1_555 132.9 ? 
5  O6 ? A DG 3  ? A DG 3  ? 1_555 K ? D K . ? A K 25 ? 1_555 O6 ? A DG 9  ? A DG 9  ? 1_555 71.2  ? 
6  O6 ? A DG 8  ? A DG 8  ? 1_555 K ? D K . ? A K 25 ? 1_555 O6 ? A DG 9  ? A DG 9  ? 1_555 79.2  ? 
7  O6 ? A DG 2  ? A DG 2  ? 1_555 K ? D K . ? A K 25 ? 1_555 O6 ? A DG 14 ? A DG 14 ? 1_555 108.2 ? 
8  O6 ? A DG 3  ? A DG 3  ? 1_555 K ? D K . ? A K 25 ? 1_555 O6 ? A DG 14 ? A DG 14 ? 1_555 154.5 ? 
9  O6 ? A DG 8  ? A DG 8  ? 1_555 K ? D K . ? A K 25 ? 1_555 O6 ? A DG 14 ? A DG 14 ? 1_555 69.4  ? 
10 O6 ? A DG 9  ? A DG 9  ? 1_555 K ? D K . ? A K 25 ? 1_555 O6 ? A DG 14 ? A DG 14 ? 1_555 89.7  ? 
11 O6 ? A DG 2  ? A DG 2  ? 1_555 K ? D K . ? A K 25 ? 1_555 O6 ? A DG 15 ? A DG 15 ? 1_555 155.0 ? 
12 O6 ? A DG 3  ? A DG 3  ? 1_555 K ? D K . ? A K 25 ? 1_555 O6 ? A DG 15 ? A DG 15 ? 1_555 112.2 ? 
13 O6 ? A DG 8  ? A DG 8  ? 1_555 K ? D K . ? A K 25 ? 1_555 O6 ? A DG 15 ? A DG 15 ? 1_555 133.2 ? 
14 O6 ? A DG 9  ? A DG 9  ? 1_555 K ? D K . ? A K 25 ? 1_555 O6 ? A DG 15 ? A DG 15 ? 1_555 70.8  ? 
15 O6 ? A DG 14 ? A DG 14 ? 1_555 K ? D K . ? A K 25 ? 1_555 O6 ? A DG 15 ? A DG 15 ? 1_555 75.1  ? 
16 O6 ? A DG 2  ? A DG 2  ? 1_555 K ? D K . ? A K 25 ? 1_555 O6 ? A DG 20 ? A DG 20 ? 1_555 71.7  ? 
17 O6 ? A DG 3  ? A DG 3  ? 1_555 K ? D K . ? A K 25 ? 1_555 O6 ? A DG 20 ? A DG 20 ? 1_555 132.9 ? 
18 O6 ? A DG 8  ? A DG 8  ? 1_555 K ? D K . ? A K 25 ? 1_555 O6 ? A DG 20 ? A DG 20 ? 1_555 107.8 ? 
19 O6 ? A DG 9  ? A DG 9  ? 1_555 K ? D K . ? A K 25 ? 1_555 O6 ? A DG 20 ? A DG 20 ? 1_555 153.4 ? 
20 O6 ? A DG 14 ? A DG 14 ? 1_555 K ? D K . ? A K 25 ? 1_555 O6 ? A DG 20 ? A DG 20 ? 1_555 70.1  ? 
21 O6 ? A DG 15 ? A DG 15 ? 1_555 K ? D K . ? A K 25 ? 1_555 O6 ? A DG 20 ? A DG 20 ? 1_555 87.0  ? 
22 O6 ? A DG 2  ? A DG 2  ? 1_555 K ? D K . ? A K 25 ? 1_555 O6 ? A DG 21 ? A DG 21 ? 1_555 89.9  ? 
23 O6 ? A DG 3  ? A DG 3  ? 1_555 K ? D K . ? A K 25 ? 1_555 O6 ? A DG 21 ? A DG 21 ? 1_555 71.0  ? 
24 O6 ? A DG 8  ? A DG 8  ? 1_555 K ? D K . ? A K 25 ? 1_555 O6 ? A DG 21 ? A DG 21 ? 1_555 154.1 ? 
25 O6 ? A DG 9  ? A DG 9  ? 1_555 K ? D K . ? A K 25 ? 1_555 O6 ? A DG 21 ? A DG 21 ? 1_555 109.5 ? 
26 O6 ? A DG 14 ? A DG 14 ? 1_555 K ? D K . ? A K 25 ? 1_555 O6 ? A DG 21 ? A DG 21 ? 1_555 133.0 ? 
27 O6 ? A DG 15 ? A DG 15 ? 1_555 K ? D K . ? A K 25 ? 1_555 O6 ? A DG 21 ? A DG 21 ? 1_555 71.9  ? 
28 O6 ? A DG 20 ? A DG 20 ? 1_555 K ? D K . ? A K 25 ? 1_555 O6 ? A DG 21 ? A DG 21 ? 1_555 75.7  ? 
29 O6 ? A DG 2  ? A DG 2  ? 1_555 K ? E K . ? A K 26 ? 1_555 O6 ? A DG 8  ? A DG 8  ? 1_555 64.8  ? 
30 O6 ? A DG 2  ? A DG 2  ? 1_555 K ? E K . ? A K 26 ? 1_555 O6 ? A DG 14 ? A DG 14 ? 1_555 103.1 ? 
31 O6 ? A DG 8  ? A DG 8  ? 1_555 K ? E K . ? A K 26 ? 1_555 O6 ? A DG 14 ? A DG 14 ? 1_555 70.1  ? 
32 O6 ? A DG 2  ? A DG 2  ? 1_555 K ? E K . ? A K 26 ? 1_555 O6 ? A DG 20 ? A DG 20 ? 1_555 67.2  ? 
33 O6 ? A DG 8  ? A DG 8  ? 1_555 K ? E K . ? A K 26 ? 1_555 O6 ? A DG 20 ? A DG 20 ? 1_555 105.3 ? 
34 O6 ? A DG 14 ? A DG 14 ? 1_555 K ? E K . ? A K 26 ? 1_555 O6 ? A DG 20 ? A DG 20 ? 1_555 69.4  ? 
35 O6 ? A DG 3  ? A DG 3  ? 1_555 K ? C K . ? A K 24 ? 1_555 O6 ? A DG 4  ? A DG 4  ? 1_555 73.3  ? 
36 O6 ? A DG 3  ? A DG 3  ? 1_555 K ? C K . ? A K 24 ? 1_555 O6 ? A DG 9  ? A DG 9  ? 1_555 62.9  ? 
37 O6 ? A DG 4  ? A DG 4  ? 1_555 K ? C K . ? A K 24 ? 1_555 O6 ? A DG 9  ? A DG 9  ? 1_555 93.2  ? 
38 O6 ? A DG 3  ? A DG 3  ? 1_555 K ? C K . ? A K 24 ? 1_555 O6 ? A DG 10 ? A DG 10 ? 1_555 126.1 ? 
39 O6 ? A DG 4  ? A DG 4  ? 1_555 K ? C K . ? A K 24 ? 1_555 O6 ? A DG 10 ? A DG 10 ? 1_555 77.7  ? 
40 O6 ? A DG 9  ? A DG 9  ? 1_555 K ? C K . ? A K 24 ? 1_555 O6 ? A DG 10 ? A DG 10 ? 1_555 74.8  ? 
41 O6 ? A DG 3  ? A DG 3  ? 1_555 K ? C K . ? A K 24 ? 1_555 O6 ? A DG 15 ? A DG 15 ? 1_555 97.0  ? 
42 O6 ? A DG 4  ? A DG 4  ? 1_555 K ? C K . ? A K 24 ? 1_555 O6 ? A DG 15 ? A DG 15 ? 1_555 154.9 ? 
43 O6 ? A DG 9  ? A DG 9  ? 1_555 K ? C K . ? A K 24 ? 1_555 O6 ? A DG 15 ? A DG 15 ? 1_555 62.1  ? 
44 O6 ? A DG 10 ? A DG 10 ? 1_555 K ? C K . ? A K 24 ? 1_555 O6 ? A DG 15 ? A DG 15 ? 1_555 90.7  ? 
45 O6 ? A DG 3  ? A DG 3  ? 1_555 K ? C K . ? A K 24 ? 1_555 O6 ? A DG 16 ? A DG 16 ? 1_555 155.6 ? 
46 O6 ? A DG 4  ? A DG 4  ? 1_555 K ? C K . ? A K 24 ? 1_555 O6 ? A DG 16 ? A DG 16 ? 1_555 124.3 ? 
47 O6 ? A DG 9  ? A DG 9  ? 1_555 K ? C K . ? A K 24 ? 1_555 O6 ? A DG 16 ? A DG 16 ? 1_555 125.9 ? 
48 O6 ? A DG 10 ? A DG 10 ? 1_555 K ? C K . ? A K 24 ? 1_555 O6 ? A DG 16 ? A DG 16 ? 1_555 77.1  ? 
49 O6 ? A DG 15 ? A DG 15 ? 1_555 K ? C K . ? A K 24 ? 1_555 O6 ? A DG 16 ? A DG 16 ? 1_555 73.2  ? 
50 O6 ? A DG 3  ? A DG 3  ? 1_555 K ? C K . ? A K 24 ? 1_555 O6 ? A DG 21 ? A DG 21 ? 1_555 64.7  ? 
51 O6 ? A DG 4  ? A DG 4  ? 1_555 K ? C K . ? A K 24 ? 1_555 O6 ? A DG 21 ? A DG 21 ? 1_555 126.3 ? 
52 O6 ? A DG 9  ? A DG 9  ? 1_555 K ? C K . ? A K 24 ? 1_555 O6 ? A DG 21 ? A DG 21 ? 1_555 95.8  ? 
53 O6 ? A DG 10 ? A DG 10 ? 1_555 K ? C K . ? A K 24 ? 1_555 O6 ? A DG 21 ? A DG 21 ? 1_555 155.3 ? 
54 O6 ? A DG 15 ? A DG 15 ? 1_555 K ? C K . ? A K 24 ? 1_555 O6 ? A DG 21 ? A DG 21 ? 1_555 65.0  ? 
55 O6 ? A DG 16 ? A DG 16 ? 1_555 K ? C K . ? A K 24 ? 1_555 O6 ? A DG 21 ? A DG 21 ? 1_555 91.0  ? 
56 O6 ? A DG 3  ? A DG 3  ? 1_555 K ? C K . ? A K 24 ? 1_555 O6 ? A DG 22 ? A DG 22 ? 1_555 91.6  ? 
57 O6 ? A DG 4  ? A DG 4  ? 1_555 K ? C K . ? A K 24 ? 1_555 O6 ? A DG 22 ? A DG 22 ? 1_555 76.9  ? 
58 O6 ? A DG 9  ? A DG 9  ? 1_555 K ? C K . ? A K 24 ? 1_555 O6 ? A DG 22 ? A DG 22 ? 1_555 154.4 ? 
59 O6 ? A DG 10 ? A DG 10 ? 1_555 K ? C K . ? A K 24 ? 1_555 O6 ? A DG 22 ? A DG 22 ? 1_555 124.5 ? 
60 O6 ? A DG 15 ? A DG 15 ? 1_555 K ? C K . ? A K 24 ? 1_555 O6 ? A DG 22 ? A DG 22 ? 1_555 127.3 ? 
61 O6 ? A DG 16 ? A DG 16 ? 1_555 K ? C K . ? A K 24 ? 1_555 O6 ? A DG 22 ? A DG 22 ? 1_555 78.0  ? 
62 O6 ? A DG 21 ? A DG 21 ? 1_555 K ? C K . ? A K 24 ? 1_555 O6 ? A DG 22 ? A DG 22 ? 1_555 72.5  ? 
# 
loop_
_pdbx_audit_revision_history.ordinal 
_pdbx_audit_revision_history.data_content_type 
_pdbx_audit_revision_history.major_revision 
_pdbx_audit_revision_history.minor_revision 
_pdbx_audit_revision_history.revision_date 
1 'Structure model' 1 0 2012-02-15 
2 'Structure model' 1 1 2012-02-22 
3 'Structure model' 1 2 2023-09-13 
# 
_pdbx_audit_revision_details.ordinal             1 
_pdbx_audit_revision_details.revision_ordinal    1 
_pdbx_audit_revision_details.data_content_type   'Structure model' 
_pdbx_audit_revision_details.provider            repository 
_pdbx_audit_revision_details.type                'Initial release' 
_pdbx_audit_revision_details.description         ? 
_pdbx_audit_revision_details.details             ? 
# 
loop_
_pdbx_audit_revision_group.ordinal 
_pdbx_audit_revision_group.revision_ordinal 
_pdbx_audit_revision_group.data_content_type 
_pdbx_audit_revision_group.group 
1 2 'Structure model' 'Database references'    
2 3 'Structure model' 'Data collection'        
3 3 'Structure model' 'Database references'    
4 3 'Structure model' 'Derived calculations'   
5 3 'Structure model' 'Refinement description' 
6 3 'Structure model' 'Structure summary'      
# 
loop_
_pdbx_audit_revision_category.ordinal 
_pdbx_audit_revision_category.revision_ordinal 
_pdbx_audit_revision_category.data_content_type 
_pdbx_audit_revision_category.category 
1  3 'Structure model' chem_comp                     
2  3 'Structure model' chem_comp_atom                
3  3 'Structure model' chem_comp_bond                
4  3 'Structure model' database_2                    
5  3 'Structure model' entity                        
6  3 'Structure model' pdbx_entity_nonpoly           
7  3 'Structure model' pdbx_initial_refinement_model 
8  3 'Structure model' pdbx_struct_conn_angle        
9  3 'Structure model' struct_conn                   
10 3 'Structure model' struct_site                   
# 
loop_
_pdbx_audit_revision_item.ordinal 
_pdbx_audit_revision_item.revision_ordinal 
_pdbx_audit_revision_item.data_content_type 
_pdbx_audit_revision_item.item 
1  3 'Structure model' '_chem_comp.name'                             
2  3 'Structure model' '_database_2.pdbx_DOI'                        
3  3 'Structure model' '_database_2.pdbx_database_accession'         
4  3 'Structure model' '_entity.pdbx_description'                    
5  3 'Structure model' '_pdbx_entity_nonpoly.name'                   
6  3 'Structure model' '_pdbx_struct_conn_angle.ptnr1_auth_seq_id'   
7  3 'Structure model' '_pdbx_struct_conn_angle.ptnr1_label_seq_id'  
8  3 'Structure model' '_pdbx_struct_conn_angle.ptnr2_auth_seq_id'   
9  3 'Structure model' '_pdbx_struct_conn_angle.ptnr2_label_asym_id' 
10 3 'Structure model' '_pdbx_struct_conn_angle.ptnr3_auth_seq_id'   
11 3 'Structure model' '_pdbx_struct_conn_angle.ptnr3_label_seq_id'  
12 3 'Structure model' '_pdbx_struct_conn_angle.value'               
13 3 'Structure model' '_struct_conn.pdbx_dist_value'                
14 3 'Structure model' '_struct_conn.ptnr1_auth_seq_id'              
15 3 'Structure model' '_struct_conn.ptnr1_label_seq_id'             
16 3 'Structure model' '_struct_conn.ptnr2_auth_seq_id'              
17 3 'Structure model' '_struct_conn.ptnr2_label_asym_id'            
18 3 'Structure model' '_struct_site.pdbx_auth_asym_id'              
19 3 'Structure model' '_struct_site.pdbx_auth_comp_id'              
20 3 'Structure model' '_struct_site.pdbx_auth_seq_id'               
# 
loop_
_pdbx_refine_tls.pdbx_refine_id 
_pdbx_refine_tls.id 
_pdbx_refine_tls.details 
_pdbx_refine_tls.method 
_pdbx_refine_tls.origin_x 
_pdbx_refine_tls.origin_y 
_pdbx_refine_tls.origin_z 
_pdbx_refine_tls.T[1][1] 
_pdbx_refine_tls.T[2][2] 
_pdbx_refine_tls.T[3][3] 
_pdbx_refine_tls.T[1][2] 
_pdbx_refine_tls.T[1][3] 
_pdbx_refine_tls.T[2][3] 
_pdbx_refine_tls.L[1][1] 
_pdbx_refine_tls.L[2][2] 
_pdbx_refine_tls.L[3][3] 
_pdbx_refine_tls.L[1][2] 
_pdbx_refine_tls.L[1][3] 
_pdbx_refine_tls.L[2][3] 
_pdbx_refine_tls.S[1][1] 
_pdbx_refine_tls.S[1][2] 
_pdbx_refine_tls.S[1][3] 
_pdbx_refine_tls.S[2][1] 
_pdbx_refine_tls.S[2][2] 
_pdbx_refine_tls.S[2][3] 
_pdbx_refine_tls.S[3][1] 
_pdbx_refine_tls.S[3][2] 
_pdbx_refine_tls.S[3][3] 
'X-RAY DIFFRACTION' 1 ? refined 0.2146  -5.7982 -6.7300 0.1236 0.1236 0.1236 0.0000  0.0000  0.0000 0.0001 0.0017 0.0000 -0.0004 0.0000  0.0002  0.4058  0.5360  -0.2808 -1.0947 -0.3942 -0.4438 0.4384  0.4141  -0.0116 
'X-RAY DIFFRACTION' 2 ? refined -7.8819 0.9691  -8.4643 0.1160 0.1110 0.1314 -0.0012 0.0095  0.0012 1.8928 0.0060 8.4166 0.1067  3.9913  0.2248  -0.0316 0.2235  0.1302  -0.3229 -0.0029 0.0571  -0.3326 -0.2115 0.0345  
'X-RAY DIFFRACTION' 3 ? refined -5.7337 9.2017  5.7151  0.2078 0.1993 0.1999 -0.0054 -0.0072 0.0053 5.6841 1.6775 2.3969 -3.0879 -3.6911 2.0052  0.0352  -0.4129 0.5738  0.3370  0.0220  0.0634  -0.5988 -0.1299 -0.0573 
'X-RAY DIFFRACTION' 4 ? refined 5.4962  -2.8486 5.8328  0.1144 0.1075 0.1314 -0.0062 0.0142  0.0028 3.2799 2.1227 4.2079 0.3759  3.1726  -1.1756 -0.0444 -0.2901 0.0596  0.2546  0.0862  -0.2293 0.0235  0.3989  -0.0418 
# 
loop_
_pdbx_refine_tls_group.pdbx_refine_id 
_pdbx_refine_tls_group.id 
_pdbx_refine_tls_group.refine_tls_id 
_pdbx_refine_tls_group.beg_auth_asym_id 
_pdbx_refine_tls_group.beg_auth_seq_id 
_pdbx_refine_tls_group.beg_label_asym_id 
_pdbx_refine_tls_group.beg_label_seq_id 
_pdbx_refine_tls_group.end_auth_asym_id 
_pdbx_refine_tls_group.end_auth_seq_id 
_pdbx_refine_tls_group.end_label_asym_id 
_pdbx_refine_tls_group.end_label_seq_id 
_pdbx_refine_tls_group.selection 
_pdbx_refine_tls_group.selection_details 
'X-RAY DIFFRACTION' 1 1 A 1  ? ? A 4  ? ? ? ? 
'X-RAY DIFFRACTION' 2 2 A 5  ? ? A 9  ? ? ? ? 
'X-RAY DIFFRACTION' 3 3 A 10 ? ? A 13 ? ? ? ? 
'X-RAY DIFFRACTION' 4 4 A 14 ? ? A 22 ? ? ? ? 
# 
loop_
_software.name 
_software.classification 
_software.version 
_software.citation_id 
_software.pdbx_ordinal 
GDA    'data collection' .        ? 1 
PHASER phasing           .        ? 2 
REFMAC refinement        5.5.0072 ? 3 
XDS    'data reduction'  .        ? 4 
SCALA  'data scaling'    .        ? 5 
# 
loop_
_pdbx_validate_rmsd_angle.id 
_pdbx_validate_rmsd_angle.PDB_model_num 
_pdbx_validate_rmsd_angle.auth_atom_id_1 
_pdbx_validate_rmsd_angle.auth_asym_id_1 
_pdbx_validate_rmsd_angle.auth_comp_id_1 
_pdbx_validate_rmsd_angle.auth_seq_id_1 
_pdbx_validate_rmsd_angle.PDB_ins_code_1 
_pdbx_validate_rmsd_angle.label_alt_id_1 
_pdbx_validate_rmsd_angle.auth_atom_id_2 
_pdbx_validate_rmsd_angle.auth_asym_id_2 
_pdbx_validate_rmsd_angle.auth_comp_id_2 
_pdbx_validate_rmsd_angle.auth_seq_id_2 
_pdbx_validate_rmsd_angle.PDB_ins_code_2 
_pdbx_validate_rmsd_angle.label_alt_id_2 
_pdbx_validate_rmsd_angle.auth_atom_id_3 
_pdbx_validate_rmsd_angle.auth_asym_id_3 
_pdbx_validate_rmsd_angle.auth_comp_id_3 
_pdbx_validate_rmsd_angle.auth_seq_id_3 
_pdbx_validate_rmsd_angle.PDB_ins_code_3 
_pdbx_validate_rmsd_angle.label_alt_id_3 
_pdbx_validate_rmsd_angle.angle_value 
_pdbx_validate_rmsd_angle.angle_target_value 
_pdbx_validate_rmsd_angle.angle_deviation 
_pdbx_validate_rmsd_angle.angle_standard_deviation 
_pdbx_validate_rmsd_angle.linker_flag 
1 1 "O4'" A DG 3  ? ? "C1'" A DG 3  ? ? N9    A DG 3  ? ? 110.10 108.30 1.80  0.30 N 
2 1 "O4'" A DA 7  ? ? "C1'" A DA 7  ? ? N9    A DA 7  ? ? 103.62 108.00 -4.38 0.70 N 
3 1 "O5'" A DG 14 ? ? "C5'" A DG 14 ? ? "C4'" A DG 14 ? ? 103.72 109.40 -5.68 0.80 N 
# 
loop_
_chem_comp_atom.comp_id 
_chem_comp_atom.atom_id 
_chem_comp_atom.type_symbol 
_chem_comp_atom.pdbx_aromatic_flag 
_chem_comp_atom.pdbx_stereo_config 
_chem_comp_atom.pdbx_ordinal 
DA  OP3    O N N 1   
DA  P      P N N 2   
DA  OP1    O N N 3   
DA  OP2    O N N 4   
DA  "O5'"  O N N 5   
DA  "C5'"  C N N 6   
DA  "C4'"  C N R 7   
DA  "O4'"  O N N 8   
DA  "C3'"  C N S 9   
DA  "O3'"  O N N 10  
DA  "C2'"  C N N 11  
DA  "C1'"  C N R 12  
DA  N9     N Y N 13  
DA  C8     C Y N 14  
DA  N7     N Y N 15  
DA  C5     C Y N 16  
DA  C6     C Y N 17  
DA  N6     N N N 18  
DA  N1     N Y N 19  
DA  C2     C Y N 20  
DA  N3     N Y N 21  
DA  C4     C Y N 22  
DA  HOP3   H N N 23  
DA  HOP2   H N N 24  
DA  "H5'"  H N N 25  
DA  "H5''" H N N 26  
DA  "H4'"  H N N 27  
DA  "H3'"  H N N 28  
DA  "HO3'" H N N 29  
DA  "H2'"  H N N 30  
DA  "H2''" H N N 31  
DA  "H1'"  H N N 32  
DA  H8     H N N 33  
DA  H61    H N N 34  
DA  H62    H N N 35  
DA  H2     H N N 36  
DG  OP3    O N N 37  
DG  P      P N N 38  
DG  OP1    O N N 39  
DG  OP2    O N N 40  
DG  "O5'"  O N N 41  
DG  "C5'"  C N N 42  
DG  "C4'"  C N R 43  
DG  "O4'"  O N N 44  
DG  "C3'"  C N S 45  
DG  "O3'"  O N N 46  
DG  "C2'"  C N N 47  
DG  "C1'"  C N R 48  
DG  N9     N Y N 49  
DG  C8     C Y N 50  
DG  N7     N Y N 51  
DG  C5     C Y N 52  
DG  C6     C N N 53  
DG  O6     O N N 54  
DG  N1     N N N 55  
DG  C2     C N N 56  
DG  N2     N N N 57  
DG  N3     N N N 58  
DG  C4     C Y N 59  
DG  HOP3   H N N 60  
DG  HOP2   H N N 61  
DG  "H5'"  H N N 62  
DG  "H5''" H N N 63  
DG  "H4'"  H N N 64  
DG  "H3'"  H N N 65  
DG  "HO3'" H N N 66  
DG  "H2'"  H N N 67  
DG  "H2''" H N N 68  
DG  "H1'"  H N N 69  
DG  H8     H N N 70  
DG  H1     H N N 71  
DG  H21    H N N 72  
DG  H22    H N N 73  
DT  OP3    O N N 74  
DT  P      P N N 75  
DT  OP1    O N N 76  
DT  OP2    O N N 77  
DT  "O5'"  O N N 78  
DT  "C5'"  C N N 79  
DT  "C4'"  C N R 80  
DT  "O4'"  O N N 81  
DT  "C3'"  C N S 82  
DT  "O3'"  O N N 83  
DT  "C2'"  C N N 84  
DT  "C1'"  C N R 85  
DT  N1     N N N 86  
DT  C2     C N N 87  
DT  O2     O N N 88  
DT  N3     N N N 89  
DT  C4     C N N 90  
DT  O4     O N N 91  
DT  C5     C N N 92  
DT  C7     C N N 93  
DT  C6     C N N 94  
DT  HOP3   H N N 95  
DT  HOP2   H N N 96  
DT  "H5'"  H N N 97  
DT  "H5''" H N N 98  
DT  "H4'"  H N N 99  
DT  "H3'"  H N N 100 
DT  "HO3'" H N N 101 
DT  "H2'"  H N N 102 
DT  "H2''" H N N 103 
DT  "H1'"  H N N 104 
DT  H3     H N N 105 
DT  H71    H N N 106 
DT  H72    H N N 107 
DT  H73    H N N 108 
DT  H6     H N N 109 
HOH O      O N N 110 
HOH H1     H N N 111 
HOH H2     H N N 112 
K   K      K N N 113 
T5E CAD    C N N 114 
T5E CAA    C N N 115 
T5E CAB    C N N 116 
T5E CAC    C N N 117 
T5E OAE    O N N 118 
T5E OAF    O N N 119 
T5E OAG    O N N 120 
T5E OAH    O N N 121 
T5E CAI    C Y N 122 
T5E CAJ    C Y N 123 
T5E CAK    C N N 124 
T5E CAL    C N N 125 
T5E CAM    C N N 126 
T5E CAN    C N N 127 
T5E CAO    C N N 128 
T5E CAP    C N N 129 
T5E CAQ    C N N 130 
T5E CAR    C N N 131 
T5E CAS    C N N 132 
T5E CAT    C N N 133 
T5E CAU    C N N 134 
T5E CAV    C N N 135 
T5E CAW    C N N 136 
T5E CAX    C N N 137 
T5E CAY    C N N 138 
T5E CAZ    C N N 139 
T5E CBA    C N N 140 
T5E CBB    C N N 141 
T5E CBC    C N N 142 
T5E CBD    C N N 143 
T5E CBE    C N N 144 
T5E CBF    C N N 145 
T5E CBG    C N N 146 
T5E CBH    C N N 147 
T5E CBI    C N N 148 
T5E CBJ    C N N 149 
T5E CBK    C N N 150 
T5E CBL    C N N 151 
T5E CBM    C N N 152 
T5E CBN    C N N 153 
T5E CBO    C N N 154 
T5E CBP    C N N 155 
T5E NBQ    N N N 156 
T5E NBR    N N N 157 
T5E CBS    C Y N 158 
T5E CBT    C Y N 159 
T5E CBU    C N N 160 
T5E CBV    C N N 161 
T5E CBW    C N N 162 
T5E CBX    C N N 163 
T5E CBY    C Y N 164 
T5E CBZ    C Y N 165 
T5E CCA    C Y N 166 
T5E CCB    C Y N 167 
T5E CCC    C Y N 168 
T5E CCD    C Y N 169 
T5E NCE    N N N 170 
T5E NCF    N N N 171 
T5E NCG    N N N 172 
T5E NCH    N N N 173 
T5E NCI    N N N 174 
T5E NCJ    N N N 175 
T5E NCK    N N N 176 
T5E NCL    N N N 177 
T5E NCM    N N N 178 
T5E NCN    N N N 179 
T5E HDA    H N N 180 
T5E HDAA   H N N 181 
T5E HDAB   H N N 182 
T5E HAA    H N N 183 
T5E HAAA   H N N 184 
T5E HAAB   H N N 185 
T5E HAB    H N N 186 
T5E HABA   H N N 187 
T5E HABB   H N N 188 
T5E HAC    H N N 189 
T5E HACA   H N N 190 
T5E HACB   H N N 191 
T5E HAI    H N N 192 
T5E HAJ    H N N 193 
T5E HAK    H N N 194 
T5E HAKA   H N N 195 
T5E HAL    H N N 196 
T5E HALA   H N N 197 
T5E HAM    H N N 198 
T5E HAMA   H N N 199 
T5E HAN    H N N 200 
T5E HANA   H N N 201 
T5E HAO    H N N 202 
T5E HAOA   H N N 203 
T5E HAP    H N N 204 
T5E HAPA   H N N 205 
T5E HAQ    H N N 206 
T5E HAQA   H N N 207 
T5E HAR    H N N 208 
T5E HARA   H N N 209 
T5E HAS    H N N 210 
T5E HASA   H N N 211 
T5E HAT    H N N 212 
T5E HATA   H N N 213 
T5E HAU    H N N 214 
T5E HAUA   H N N 215 
T5E HAV    H N N 216 
T5E HAVA   H N N 217 
T5E HAW    H N N 218 
T5E HAWA   H N N 219 
T5E HAX    H N N 220 
T5E HAXA   H N N 221 
T5E HAY    H N N 222 
T5E HAYA   H N N 223 
T5E HAZ    H N N 224 
T5E HAZA   H N N 225 
T5E HBA    H N N 226 
T5E HBAA   H N N 227 
T5E HBB    H N N 228 
T5E HBBA   H N N 229 
T5E HBC    H N N 230 
T5E HBCA   H N N 231 
T5E HBD    H N N 232 
T5E HBDA   H N N 233 
T5E HBE    H N N 234 
T5E HBEA   H N N 235 
T5E HBF    H N N 236 
T5E HBFA   H N N 237 
T5E HBG    H N N 238 
T5E HBGA   H N N 239 
T5E HBH    H N N 240 
T5E HBHA   H N N 241 
T5E HBI    H N N 242 
T5E HBIA   H N N 243 
T5E HBJ    H N N 244 
T5E HBJA   H N N 245 
T5E HBK    H N N 246 
T5E HBKA   H N N 247 
T5E HBL    H N N 248 
T5E HBLA   H N N 249 
T5E HBM    H N N 250 
T5E HBMA   H N N 251 
T5E HBN    H N N 252 
T5E HBNA   H N N 253 
T5E HBO    H N N 254 
T5E HBOA   H N N 255 
T5E HBP    H N N 256 
T5E HBPA   H N N 257 
T5E HNBQ   H N N 258 
T5E HNBR   H N N 259 
# 
loop_
_chem_comp_bond.comp_id 
_chem_comp_bond.atom_id_1 
_chem_comp_bond.atom_id_2 
_chem_comp_bond.value_order 
_chem_comp_bond.pdbx_aromatic_flag 
_chem_comp_bond.pdbx_stereo_config 
_chem_comp_bond.pdbx_ordinal 
DA  OP3   P      sing N N 1   
DA  OP3   HOP3   sing N N 2   
DA  P     OP1    doub N N 3   
DA  P     OP2    sing N N 4   
DA  P     "O5'"  sing N N 5   
DA  OP2   HOP2   sing N N 6   
DA  "O5'" "C5'"  sing N N 7   
DA  "C5'" "C4'"  sing N N 8   
DA  "C5'" "H5'"  sing N N 9   
DA  "C5'" "H5''" sing N N 10  
DA  "C4'" "O4'"  sing N N 11  
DA  "C4'" "C3'"  sing N N 12  
DA  "C4'" "H4'"  sing N N 13  
DA  "O4'" "C1'"  sing N N 14  
DA  "C3'" "O3'"  sing N N 15  
DA  "C3'" "C2'"  sing N N 16  
DA  "C3'" "H3'"  sing N N 17  
DA  "O3'" "HO3'" sing N N 18  
DA  "C2'" "C1'"  sing N N 19  
DA  "C2'" "H2'"  sing N N 20  
DA  "C2'" "H2''" sing N N 21  
DA  "C1'" N9     sing N N 22  
DA  "C1'" "H1'"  sing N N 23  
DA  N9    C8     sing Y N 24  
DA  N9    C4     sing Y N 25  
DA  C8    N7     doub Y N 26  
DA  C8    H8     sing N N 27  
DA  N7    C5     sing Y N 28  
DA  C5    C6     sing Y N 29  
DA  C5    C4     doub Y N 30  
DA  C6    N6     sing N N 31  
DA  C6    N1     doub Y N 32  
DA  N6    H61    sing N N 33  
DA  N6    H62    sing N N 34  
DA  N1    C2     sing Y N 35  
DA  C2    N3     doub Y N 36  
DA  C2    H2     sing N N 37  
DA  N3    C4     sing Y N 38  
DG  OP3   P      sing N N 39  
DG  OP3   HOP3   sing N N 40  
DG  P     OP1    doub N N 41  
DG  P     OP2    sing N N 42  
DG  P     "O5'"  sing N N 43  
DG  OP2   HOP2   sing N N 44  
DG  "O5'" "C5'"  sing N N 45  
DG  "C5'" "C4'"  sing N N 46  
DG  "C5'" "H5'"  sing N N 47  
DG  "C5'" "H5''" sing N N 48  
DG  "C4'" "O4'"  sing N N 49  
DG  "C4'" "C3'"  sing N N 50  
DG  "C4'" "H4'"  sing N N 51  
DG  "O4'" "C1'"  sing N N 52  
DG  "C3'" "O3'"  sing N N 53  
DG  "C3'" "C2'"  sing N N 54  
DG  "C3'" "H3'"  sing N N 55  
DG  "O3'" "HO3'" sing N N 56  
DG  "C2'" "C1'"  sing N N 57  
DG  "C2'" "H2'"  sing N N 58  
DG  "C2'" "H2''" sing N N 59  
DG  "C1'" N9     sing N N 60  
DG  "C1'" "H1'"  sing N N 61  
DG  N9    C8     sing Y N 62  
DG  N9    C4     sing Y N 63  
DG  C8    N7     doub Y N 64  
DG  C8    H8     sing N N 65  
DG  N7    C5     sing Y N 66  
DG  C5    C6     sing N N 67  
DG  C5    C4     doub Y N 68  
DG  C6    O6     doub N N 69  
DG  C6    N1     sing N N 70  
DG  N1    C2     sing N N 71  
DG  N1    H1     sing N N 72  
DG  C2    N2     sing N N 73  
DG  C2    N3     doub N N 74  
DG  N2    H21    sing N N 75  
DG  N2    H22    sing N N 76  
DG  N3    C4     sing N N 77  
DT  OP3   P      sing N N 78  
DT  OP3   HOP3   sing N N 79  
DT  P     OP1    doub N N 80  
DT  P     OP2    sing N N 81  
DT  P     "O5'"  sing N N 82  
DT  OP2   HOP2   sing N N 83  
DT  "O5'" "C5'"  sing N N 84  
DT  "C5'" "C4'"  sing N N 85  
DT  "C5'" "H5'"  sing N N 86  
DT  "C5'" "H5''" sing N N 87  
DT  "C4'" "O4'"  sing N N 88  
DT  "C4'" "C3'"  sing N N 89  
DT  "C4'" "H4'"  sing N N 90  
DT  "O4'" "C1'"  sing N N 91  
DT  "C3'" "O3'"  sing N N 92  
DT  "C3'" "C2'"  sing N N 93  
DT  "C3'" "H3'"  sing N N 94  
DT  "O3'" "HO3'" sing N N 95  
DT  "C2'" "C1'"  sing N N 96  
DT  "C2'" "H2'"  sing N N 97  
DT  "C2'" "H2''" sing N N 98  
DT  "C1'" N1     sing N N 99  
DT  "C1'" "H1'"  sing N N 100 
DT  N1    C2     sing N N 101 
DT  N1    C6     sing N N 102 
DT  C2    O2     doub N N 103 
DT  C2    N3     sing N N 104 
DT  N3    C4     sing N N 105 
DT  N3    H3     sing N N 106 
DT  C4    O4     doub N N 107 
DT  C4    C5     sing N N 108 
DT  C5    C7     sing N N 109 
DT  C5    C6     doub N N 110 
DT  C7    H71    sing N N 111 
DT  C7    H72    sing N N 112 
DT  C7    H73    sing N N 113 
DT  C6    H6     sing N N 114 
HOH O     H1     sing N N 115 
HOH O     H2     sing N N 116 
T5E NCH   CAD    sing N N 117 
T5E CAD   HDA    sing N N 118 
T5E CAD   HDAA   sing N N 119 
T5E CAD   HDAB   sing N N 120 
T5E NCE   CAA    sing N N 121 
T5E CAA   HAA    sing N N 122 
T5E CAA   HAAA   sing N N 123 
T5E CAA   HAAB   sing N N 124 
T5E CAB   NCF    sing N N 125 
T5E CAB   HAB    sing N N 126 
T5E CAB   HABA   sing N N 127 
T5E CAB   HABB   sing N N 128 
T5E NCG   CAC    sing N N 129 
T5E CAC   HAC    sing N N 130 
T5E CAC   HACA   sing N N 131 
T5E CAC   HACB   sing N N 132 
T5E OAE   CBU    doub N N 133 
T5E CBV   OAF    doub N N 134 
T5E CBW   OAG    doub N N 135 
T5E OAH   CBX    doub N N 136 
T5E CAI   CBY    doub Y N 137 
T5E CAI   CBT    sing Y N 138 
T5E CAI   HAI    sing N N 139 
T5E CBS   CAJ    doub Y N 140 
T5E CBZ   CAJ    sing Y N 141 
T5E CAJ   HAJ    sing N N 142 
T5E CAK   CAS    sing N N 143 
T5E CAK   CAM    sing N N 144 
T5E CAK   HAK    sing N N 145 
T5E CAK   HAKA   sing N N 146 
T5E CAN   CAL    sing N N 147 
T5E CAL   CAT    sing N N 148 
T5E CAL   HAL    sing N N 149 
T5E CAL   HALA   sing N N 150 
T5E CAU   CAM    sing N N 151 
T5E CAM   HAM    sing N N 152 
T5E CAM   HAMA   sing N N 153 
T5E CAV   CAN    sing N N 154 
T5E CAN   HAN    sing N N 155 
T5E CAN   HANA   sing N N 156 
T5E CAW   CAO    sing N N 157 
T5E CAO   CAQ    sing N N 158 
T5E CAO   HAO    sing N N 159 
T5E CAO   HAOA   sing N N 160 
T5E CAR   CAP    sing N N 161 
T5E CAP   CAX    sing N N 162 
T5E CAP   HAP    sing N N 163 
T5E CAP   HAPA   sing N N 164 
T5E CAQ   CBO    sing N N 165 
T5E CAQ   HAQ    sing N N 166 
T5E CAQ   HAQA   sing N N 167 
T5E CBP   CAR    sing N N 168 
T5E CAR   HAR    sing N N 169 
T5E CAR   HARA   sing N N 170 
T5E NBQ   CAS    sing N N 171 
T5E CAS   HAS    sing N N 172 
T5E CAS   HASA   sing N N 173 
T5E CAT   NBR    sing N N 174 
T5E CAT   HAT    sing N N 175 
T5E CAT   HATA   sing N N 176 
T5E CAU   NCI    sing N N 177 
T5E CAU   HAU    sing N N 178 
T5E CAU   HAUA   sing N N 179 
T5E NCJ   CAV    sing N N 180 
T5E CAV   HAV    sing N N 181 
T5E CAV   HAVA   sing N N 182 
T5E NCK   CAW    sing N N 183 
T5E CAW   HAW    sing N N 184 
T5E CAW   HAWA   sing N N 185 
T5E CAX   NCL    sing N N 186 
T5E CAX   HAX    sing N N 187 
T5E CAX   HAXA   sing N N 188 
T5E CBG   CAY    sing N N 189 
T5E NCE   CAY    sing N N 190 
T5E CAY   HAY    sing N N 191 
T5E CAY   HAYA   sing N N 192 
T5E CBH   CAZ    sing N N 193 
T5E CAZ   NCE    sing N N 194 
T5E CAZ   HAZ    sing N N 195 
T5E CAZ   HAZA   sing N N 196 
T5E CBA   CBI    sing N N 197 
T5E CBA   NCF    sing N N 198 
T5E CBA   HBA    sing N N 199 
T5E CBA   HBAA   sing N N 200 
T5E NCF   CBB    sing N N 201 
T5E CBB   CBJ    sing N N 202 
T5E CBB   HBB    sing N N 203 
T5E CBB   HBBA   sing N N 204 
T5E NCG   CBC    sing N N 205 
T5E CBK   CBC    sing N N 206 
T5E CBC   HBC    sing N N 207 
T5E CBC   HBCA   sing N N 208 
T5E CBL   CBD    sing N N 209 
T5E CBD   NCG    sing N N 210 
T5E CBD   HBD    sing N N 211 
T5E CBD   HBDA   sing N N 212 
T5E NCH   CBE    sing N N 213 
T5E CBM   CBE    sing N N 214 
T5E CBE   HBE    sing N N 215 
T5E CBE   HBEA   sing N N 216 
T5E CBN   CBF    sing N N 217 
T5E CBF   NCH    sing N N 218 
T5E CBF   HBF    sing N N 219 
T5E CBF   HBFA   sing N N 220 
T5E NCI   CBG    sing N N 221 
T5E CBG   HBG    sing N N 222 
T5E CBG   HBGA   sing N N 223 
T5E CBH   NCI    sing N N 224 
T5E CBH   HBH    sing N N 225 
T5E CBH   HBHA   sing N N 226 
T5E CBI   NCJ    sing N N 227 
T5E CBI   HBI    sing N N 228 
T5E CBI   HBIA   sing N N 229 
T5E NCJ   CBJ    sing N N 230 
T5E CBJ   HBJ    sing N N 231 
T5E CBJ   HBJA   sing N N 232 
T5E NCK   CBK    sing N N 233 
T5E CBK   HBK    sing N N 234 
T5E CBK   HBKA   sing N N 235 
T5E CBL   NCK    sing N N 236 
T5E CBL   HBL    sing N N 237 
T5E CBL   HBLA   sing N N 238 
T5E NCL   CBM    sing N N 239 
T5E CBM   HBM    sing N N 240 
T5E CBM   HBMA   sing N N 241 
T5E CBN   NCL    sing N N 242 
T5E CBN   HBN    sing N N 243 
T5E CBN   HBNA   sing N N 244 
T5E CBO   NCM    sing N N 245 
T5E CBO   HBO    sing N N 246 
T5E CBO   HBOA   sing N N 247 
T5E NCN   CBP    sing N N 248 
T5E CBP   HBP    sing N N 249 
T5E CBP   HBPA   sing N N 250 
T5E CBS   NBQ    sing N N 251 
T5E NBQ   HNBQ   sing N N 252 
T5E NBR   CBT    sing N N 253 
T5E NBR   HNBR   sing N N 254 
T5E CCA   CBS    sing Y N 255 
T5E CBT   CCB    doub Y N 256 
T5E CBU   NCM    sing N N 257 
T5E CBU   CBY    sing N N 258 
T5E CBZ   CBV    sing N N 259 
T5E NCN   CBV    sing N N 260 
T5E NCM   CBW    sing N N 261 
T5E CBW   CCA    sing N N 262 
T5E CCB   CBX    sing N N 263 
T5E CBX   NCN    sing N N 264 
T5E CBY   CCC    sing Y N 265 
T5E CCD   CBZ    doub Y N 266 
T5E CCC   CCA    doub Y N 267 
T5E CCB   CCD    sing Y N 268 
T5E CCC   CCD    sing Y N 269 
# 
_ndb_struct_conf_na.entry_id   3T5E 
_ndb_struct_conf_na.feature    'quadruple helix' 
# 
loop_
_pdbx_entity_nonpoly.entity_id 
_pdbx_entity_nonpoly.name 
_pdbx_entity_nonpoly.comp_id 
2 
;2,7-bis[4-(4-methylpiperazin-1-yl)butyl]-4,9-bis{[4-(4-methylpiperazin-1-yl)butyl]amino}benzo[lmn][3,8]phenanthroline-1 ,3,6,8(2H,7H)-tetrone
;
T5E 
3 'POTASSIUM ION' K   
4 water HOH 
# 
_pdbx_initial_refinement_model.id               1 
_pdbx_initial_refinement_model.entity_id_list   ? 
_pdbx_initial_refinement_model.type             'experimental model' 
_pdbx_initial_refinement_model.source_name      PDB 
_pdbx_initial_refinement_model.accession_code   1KF1 
_pdbx_initial_refinement_model.details          'PDB entry 1KF1' 
# 
